data_9HLD
#
_entry.id   9HLD
#
_cell.length_a   1.00
_cell.length_b   1.00
_cell.length_c   1.00
_cell.angle_alpha   90.00
_cell.angle_beta   90.00
_cell.angle_gamma   90.00
#
loop_
_entity.id
_entity.type
_entity.pdbx_description
1 polymer Mucolipin-1
2 branched 2-acetamido-2-deoxy-beta-D-glucopyranose-(1-4)-2-acetamido-2-deoxy-beta-D-glucopyranose
3 non-polymer N-OCTANE
4 non-polymer DODECANE
5 non-polymer DECANE
6 non-polymer Octadecane
7 non-polymer HEXANE
8 non-polymer '(2R)-3-{[(S)-hydroxy{[(1S,2R,3R,4S,5S,6R)-2,4,6-trihydroxy-3,5-bis(phosphonooxy)cyclohexyl]oxy}phosphoryl]oxy}propane-1,2-diyl dioctanoate'
9 non-polymer 1-[(8R,9S,13S,14S,17S)-13-methyl-17-oxidanyl-6,7,8,9,11,12,14,15,16,17-decahydrocyclopenta[a]phenanthren-3-yl]ethanone
10 water water
#
_entity_poly.entity_id   1
_entity_poly.type   'polypeptide(L)'
_entity_poly.pdbx_seq_one_letter_code
;MHHHHHHHHGGSDYKDHDGDYKDHDIDYKDDDDKGGSGGSENLYFQGPGTAPAGPRGSETERLLTPNPGYGTQAGPSPAP
PTPPEEEDLRRRLKYFFMSPCDKFRAKGRKPCKLMLQVVKILVVTVQLILFGLSNQLAVTFREENTIAFRHLFLLGYSDG
ADDTFAAYTREQLYQAIFHAVDQYLALPDVSLGRYAYVRGGGDPWTNGSGLALCQRYYHRGHVDPANDTFDIDPMVVTDC
IQVDPPERPPPPPSDDLTLLESSSSYKNLTLKFHKLVNVTIHFRLKTINLQSLINNEIPDCYTFSVLITFDNKAHSGRIP
ISLETQAHIQECKHPSVFQHGDNSFRLLFDVVVILTCSLSFLLCARSLLRGFLLQNEFVGFMWRQRGRVISLWERLEFVN
GWYILLVTSDVLTISGTIMKIGIEAKNLASYDVCSILLGTSTLLVWVGVIRYLTFFHNYNILIATLRVALPSVMRFCCCV
AVIYLGYCFCGWIVLGPYHVKFRSLSMVSECLFSLINGDDMFVTFAAMQAQQGRSSLVWLFSQLYLYSFISLFIYMVLSL
FIALITGAYDTIKHPGGAGAEESELQAYIAQCQDSPTSGKFRRGSGSACSLLCCCGRDPSEEHSLLVN
;
_entity_poly.pdbx_strand_id   A,B,C,D
#
# COMPACT_ATOMS: atom_id res chain seq x y z
N LEU A 89 51.48 -19.91 32.71
CA LEU A 89 50.89 -19.15 31.62
C LEU A 89 49.73 -19.92 31.00
N ARG A 90 49.94 -21.22 30.75
CA ARG A 90 48.90 -22.02 30.12
C ARG A 90 47.64 -22.07 30.97
N ARG A 91 47.80 -22.24 32.29
CA ARG A 91 46.63 -22.26 33.17
C ARG A 91 45.91 -20.92 33.15
N ARG A 92 46.66 -19.81 33.18
CA ARG A 92 46.05 -18.50 33.16
C ARG A 92 45.32 -18.25 31.84
N LEU A 93 45.92 -18.66 30.73
CA LEU A 93 45.26 -18.50 29.43
C LEU A 93 43.99 -19.36 29.38
N LYS A 94 44.05 -20.57 29.91
CA LYS A 94 42.86 -21.43 29.94
C LYS A 94 41.76 -20.78 30.76
N TYR A 95 42.11 -20.20 31.91
CA TYR A 95 41.11 -19.53 32.73
C TYR A 95 40.52 -18.32 32.02
N PHE A 96 41.36 -17.54 31.34
CA PHE A 96 40.90 -16.30 30.72
C PHE A 96 39.81 -16.57 29.69
N PHE A 97 39.99 -17.59 28.86
CA PHE A 97 39.03 -17.95 27.82
C PHE A 97 37.96 -18.92 28.33
N MET A 98 37.76 -18.99 29.64
CA MET A 98 36.80 -19.90 30.24
C MET A 98 35.45 -19.22 30.40
N SER A 99 34.39 -20.01 30.26
CA SER A 99 33.03 -19.49 30.37
C SER A 99 32.75 -19.06 31.81
N PRO A 100 31.80 -18.12 32.00
CA PRO A 100 31.54 -17.65 33.38
C PRO A 100 31.18 -18.77 34.33
N CYS A 101 30.40 -19.75 33.89
CA CYS A 101 30.07 -20.89 34.75
C CYS A 101 31.33 -21.66 35.11
N ASP A 102 32.19 -21.92 34.12
CA ASP A 102 33.41 -22.66 34.39
C ASP A 102 34.40 -21.82 35.19
N LYS A 103 34.41 -20.50 34.98
CA LYS A 103 35.25 -19.63 35.81
C LYS A 103 34.80 -19.70 37.27
N PHE A 104 33.49 -19.66 37.51
CA PHE A 104 32.98 -19.81 38.87
C PHE A 104 33.37 -21.17 39.46
N ARG A 105 33.25 -22.23 38.66
CA ARG A 105 33.62 -23.55 39.14
C ARG A 105 35.10 -23.61 39.51
N ALA A 106 35.95 -22.99 38.70
CA ALA A 106 37.39 -23.07 38.91
C ALA A 106 37.82 -22.22 40.10
N LYS A 107 37.61 -20.91 40.03
CA LYS A 107 38.13 -20.00 41.04
C LYS A 107 37.10 -19.58 42.08
N GLY A 108 35.81 -19.70 41.79
CA GLY A 108 34.79 -19.36 42.75
C GLY A 108 34.45 -17.88 42.85
N ARG A 109 35.10 -17.03 42.06
CA ARG A 109 34.81 -15.61 42.12
C ARG A 109 33.35 -15.35 41.74
N LYS A 110 32.71 -14.48 42.51
CA LYS A 110 31.30 -14.20 42.28
C LYS A 110 31.10 -13.51 40.93
N PRO A 111 30.03 -13.83 40.20
CA PRO A 111 29.79 -13.18 38.90
C PRO A 111 29.13 -11.81 39.05
N CYS A 112 29.90 -10.87 39.61
CA CYS A 112 29.36 -9.53 39.85
C CYS A 112 29.01 -8.83 38.54
N LYS A 113 29.86 -8.99 37.52
CA LYS A 113 29.66 -8.24 36.28
C LYS A 113 28.37 -8.65 35.58
N LEU A 114 28.04 -9.94 35.60
CA LEU A 114 26.83 -10.41 34.91
C LEU A 114 25.58 -9.81 35.56
N MET A 115 25.50 -9.88 36.90
CA MET A 115 24.36 -9.28 37.59
C MET A 115 24.32 -7.79 37.36
N LEU A 116 25.49 -7.14 37.34
CA LEU A 116 25.55 -5.71 37.08
C LEU A 116 24.99 -5.39 35.69
N GLN A 117 25.31 -6.22 34.70
CA GLN A 117 24.81 -5.98 33.35
C GLN A 117 23.31 -6.19 33.26
N VAL A 118 22.78 -7.19 33.97
CA VAL A 118 21.34 -7.40 33.98
C VAL A 118 20.64 -6.18 34.60
N VAL A 119 21.14 -5.72 35.74
CA VAL A 119 20.55 -4.55 36.39
C VAL A 119 20.68 -3.33 35.50
N LYS A 120 21.81 -3.22 34.79
CA LYS A 120 22.01 -2.10 33.87
C LYS A 120 20.98 -2.10 32.77
N ILE A 121 20.73 -3.28 32.17
CA ILE A 121 19.69 -3.38 31.16
C ILE A 121 18.36 -2.89 31.71
N LEU A 122 18.00 -3.38 32.89
CA LEU A 122 16.71 -3.02 33.47
C LEU A 122 16.61 -1.50 33.67
N VAL A 123 17.61 -0.91 34.33
CA VAL A 123 17.51 0.50 34.70
C VAL A 123 17.59 1.39 33.47
N VAL A 124 18.42 1.04 32.49
CA VAL A 124 18.51 1.83 31.28
C VAL A 124 17.20 1.80 30.52
N THR A 125 16.57 0.62 30.42
CA THR A 125 15.29 0.54 29.74
C THR A 125 14.23 1.36 30.46
N VAL A 126 14.21 1.31 31.80
CA VAL A 126 13.23 2.08 32.56
C VAL A 126 13.44 3.57 32.34
N GLN A 127 14.70 4.01 32.36
CA GLN A 127 15.00 5.41 32.13
C GLN A 127 14.53 5.85 30.75
N LEU A 128 14.81 5.04 29.73
CA LEU A 128 14.38 5.39 28.38
C LEU A 128 12.87 5.47 28.29
N ILE A 129 12.16 4.52 28.93
CA ILE A 129 10.70 4.53 28.86
C ILE A 129 10.15 5.79 29.51
N LEU A 130 10.66 6.13 30.69
CA LEU A 130 10.17 7.34 31.36
C LEU A 130 10.47 8.59 30.55
N PHE A 131 11.67 8.68 29.98
CA PHE A 131 12.02 9.83 29.17
C PHE A 131 11.12 9.97 27.95
N GLY A 132 10.86 8.85 27.27
CA GLY A 132 10.00 8.90 26.11
C GLY A 132 8.57 9.29 26.45
N LEU A 133 8.04 8.74 27.55
CA LEU A 133 6.70 9.12 27.98
C LEU A 133 6.63 10.60 28.30
N SER A 134 7.66 11.14 28.97
CA SER A 134 7.67 12.57 29.27
C SER A 134 7.73 13.41 27.99
N ASN A 135 8.57 13.02 27.04
CA ASN A 135 8.76 13.84 25.84
C ASN A 135 7.54 13.81 24.92
N GLN A 136 6.83 12.68 24.88
CA GLN A 136 5.68 12.58 23.97
C GLN A 136 4.63 13.63 24.30
N LEU A 137 4.43 13.92 25.59
CA LEU A 137 3.43 14.89 25.99
C LEU A 137 3.77 16.28 25.46
N ALA A 138 5.04 16.70 25.60
CA ALA A 138 5.45 17.99 25.07
C ALA A 138 5.31 18.03 23.56
N VAL A 139 5.67 16.94 22.88
CA VAL A 139 5.52 16.88 21.44
C VAL A 139 4.06 17.09 21.05
N THR A 140 3.16 16.40 21.75
CA THR A 140 1.74 16.52 21.45
C THR A 140 1.24 17.94 21.70
N PHE A 141 1.68 18.56 22.81
CA PHE A 141 1.26 19.93 23.10
C PHE A 141 1.68 20.86 21.98
N ARG A 142 2.94 20.78 21.56
CA ARG A 142 3.42 21.66 20.50
C ARG A 142 2.66 21.43 19.19
N GLU A 143 2.47 20.16 18.82
CA GLU A 143 1.79 19.87 17.56
C GLU A 143 0.35 20.37 17.57
N GLU A 144 -0.36 20.16 18.69
CA GLU A 144 -1.74 20.62 18.77
C GLU A 144 -1.83 22.14 18.69
N ASN A 145 -0.91 22.84 19.38
CA ASN A 145 -0.91 24.30 19.29
C ASN A 145 -0.63 24.75 17.86
N THR A 146 0.28 24.08 17.16
CA THR A 146 0.59 24.47 15.79
C THR A 146 -0.59 24.23 14.87
N ILE A 147 -1.30 23.11 15.05
CA ILE A 147 -2.51 22.86 14.25
C ILE A 147 -3.56 23.92 14.51
N ALA A 148 -3.74 24.29 15.78
CA ALA A 148 -4.68 25.35 16.11
C ALA A 148 -4.27 26.66 15.43
N PHE A 149 -2.97 26.97 15.42
CA PHE A 149 -2.51 28.19 14.77
C PHE A 149 -2.79 28.15 13.27
N ARG A 150 -2.57 27.01 12.63
CA ARG A 150 -2.89 26.90 11.21
C ARG A 150 -4.36 27.13 10.94
N HIS A 151 -5.24 26.57 11.79
CA HIS A 151 -6.67 26.79 11.60
C HIS A 151 -7.07 28.23 11.92
N LEU A 152 -6.31 28.91 12.79
CA LEU A 152 -6.69 30.26 13.18
C LEU A 152 -6.22 31.31 12.19
N PHE A 153 -5.01 31.16 11.64
CA PHE A 153 -4.36 32.24 10.93
C PHE A 153 -4.32 32.07 9.42
N LEU A 154 -4.49 30.86 8.89
CA LEU A 154 -4.43 30.61 7.46
C LEU A 154 -5.85 30.62 6.89
N LEU A 155 -6.09 31.53 5.96
CA LEU A 155 -7.43 31.69 5.40
C LEU A 155 -7.79 30.50 4.53
N GLY A 156 -8.94 29.88 4.82
CA GLY A 156 -9.39 28.75 4.04
C GLY A 156 -8.58 27.48 4.21
N TYR A 157 -7.87 27.34 5.33
CA TYR A 157 -7.06 26.16 5.55
C TYR A 157 -7.92 24.98 5.99
N SER A 158 -7.53 23.78 5.57
CA SER A 158 -8.18 22.55 6.00
C SER A 158 -7.10 21.50 6.22
N ASP A 159 -7.42 20.52 7.07
CA ASP A 159 -6.46 19.50 7.42
C ASP A 159 -6.06 18.68 6.20
N GLY A 160 -4.78 18.32 6.14
CA GLY A 160 -4.25 17.54 5.05
C GLY A 160 -3.86 18.33 3.81
N ALA A 161 -4.02 19.65 3.83
CA ALA A 161 -3.74 20.49 2.67
C ALA A 161 -2.44 21.27 2.79
N ASP A 162 -1.56 20.89 3.73
CA ASP A 162 -0.35 21.68 3.97
C ASP A 162 0.54 21.72 2.73
N ASP A 163 0.68 20.58 2.04
CA ASP A 163 1.63 20.51 0.93
C ASP A 163 1.18 21.35 -0.26
N THR A 164 -0.12 21.42 -0.52
CA THR A 164 -0.63 22.12 -1.69
C THR A 164 -1.18 23.51 -1.39
N PHE A 165 -1.23 23.91 -0.12
CA PHE A 165 -1.77 25.22 0.22
C PHE A 165 -0.96 26.31 -0.46
N ALA A 166 -1.64 27.17 -1.22
CA ALA A 166 -0.95 28.18 -2.02
C ALA A 166 -1.96 29.20 -2.51
N ALA A 167 -1.45 30.38 -2.84
CA ALA A 167 -2.23 31.43 -3.48
C ALA A 167 -1.91 31.48 -4.97
N TYR A 168 -2.86 31.98 -5.76
CA TYR A 168 -2.70 32.06 -7.20
C TYR A 168 -3.12 33.40 -7.79
N THR A 169 -3.76 34.28 -7.02
CA THR A 169 -4.13 35.61 -7.49
C THR A 169 -3.67 36.64 -6.47
N ARG A 170 -3.55 37.89 -6.93
CA ARG A 170 -3.11 38.97 -6.06
C ARG A 170 -4.09 39.20 -4.92
N GLU A 171 -5.39 39.17 -5.22
CA GLU A 171 -6.39 39.37 -4.18
C GLU A 171 -6.40 38.21 -3.19
N GLN A 172 -6.10 36.99 -3.65
CA GLN A 172 -5.95 35.86 -2.73
C GLN A 172 -4.85 36.13 -1.72
N LEU A 173 -3.69 36.60 -2.21
CA LEU A 173 -2.56 36.87 -1.33
C LEU A 173 -2.88 37.98 -0.34
N TYR A 174 -3.48 39.07 -0.82
CA TYR A 174 -3.86 40.16 0.07
C TYR A 174 -4.84 39.69 1.14
N GLN A 175 -5.84 38.90 0.74
CA GLN A 175 -6.82 38.40 1.69
C GLN A 175 -6.17 37.50 2.73
N ALA A 176 -5.25 36.63 2.31
CA ALA A 176 -4.58 35.76 3.25
C ALA A 176 -3.77 36.56 4.27
N ILE A 177 -3.00 37.55 3.79
CA ILE A 177 -2.16 38.34 4.69
C ILE A 177 -3.03 39.11 5.68
N PHE A 178 -4.07 39.77 5.18
CA PHE A 178 -4.92 40.57 6.04
C PHE A 178 -5.69 39.70 7.03
N HIS A 179 -6.11 38.51 6.60
CA HIS A 179 -6.77 37.59 7.51
C HIS A 179 -5.84 37.16 8.63
N ALA A 180 -4.59 36.86 8.31
CA ALA A 180 -3.63 36.48 9.34
C ALA A 180 -3.46 37.60 10.35
N VAL A 181 -3.28 38.83 9.88
CA VAL A 181 -3.04 39.92 10.81
C VAL A 181 -4.30 40.22 11.64
N ASP A 182 -5.47 40.18 11.01
CA ASP A 182 -6.70 40.44 11.74
C ASP A 182 -6.95 39.37 12.80
N GLN A 183 -6.65 38.11 12.49
CA GLN A 183 -6.79 37.06 13.48
C GLN A 183 -5.79 37.24 14.61
N TYR A 184 -4.57 37.67 14.30
CA TYR A 184 -3.63 37.99 15.36
C TYR A 184 -4.19 39.06 16.29
N LEU A 185 -4.83 40.09 15.72
CA LEU A 185 -5.36 41.17 16.56
C LEU A 185 -6.61 40.73 17.32
N ALA A 186 -7.37 39.77 16.79
CA ALA A 186 -8.61 39.32 17.41
C ALA A 186 -8.43 38.10 18.31
N LEU A 187 -7.22 37.56 18.41
CA LEU A 187 -6.99 36.30 19.11
C LEU A 187 -7.62 36.23 20.50
N PRO A 188 -7.52 37.24 21.36
CA PRO A 188 -8.04 37.07 22.73
C PRO A 188 -9.51 36.75 22.80
N ASP A 189 -10.31 37.21 21.83
CA ASP A 189 -11.75 37.04 21.89
C ASP A 189 -12.26 35.82 21.13
N VAL A 190 -11.42 35.14 20.37
CA VAL A 190 -11.89 34.07 19.49
C VAL A 190 -11.24 32.74 19.82
N SER A 191 -10.01 32.78 20.34
CA SER A 191 -9.23 31.57 20.49
C SER A 191 -9.71 30.75 21.69
N LEU A 192 -9.70 29.42 21.53
CA LEU A 192 -10.00 28.52 22.64
C LEU A 192 -8.85 28.43 23.63
N GLY A 193 -7.61 28.62 23.16
CA GLY A 193 -6.48 28.67 24.06
C GLY A 193 -6.32 30.04 24.69
N ARG A 194 -5.44 30.10 25.69
CA ARG A 194 -5.11 31.33 26.38
C ARG A 194 -3.68 31.71 26.02
N TYR A 195 -3.52 32.89 25.40
CA TYR A 195 -2.24 33.33 24.88
C TYR A 195 -1.97 34.76 25.34
N ALA A 196 -0.69 35.06 25.52
CA ALA A 196 -0.23 36.39 25.88
C ALA A 196 0.68 36.92 24.79
N TYR A 197 0.57 38.21 24.50
CA TYR A 197 1.40 38.83 23.48
C TYR A 197 2.80 39.09 23.97
N VAL A 198 3.74 39.13 23.04
CA VAL A 198 5.14 39.46 23.30
C VAL A 198 5.50 40.66 22.44
N ARG A 199 6.24 41.61 23.02
CA ARG A 199 6.60 42.84 22.34
C ARG A 199 8.12 43.03 22.40
N GLY A 200 8.66 43.70 21.38
CA GLY A 200 10.08 43.99 21.36
C GLY A 200 10.93 42.74 21.29
N GLY A 201 12.12 42.82 21.87
CA GLY A 201 13.03 41.69 21.91
C GLY A 201 13.97 41.57 20.74
N GLY A 202 14.14 42.61 19.95
CA GLY A 202 15.06 42.59 18.83
C GLY A 202 14.37 42.29 17.51
N ASP A 203 15.19 42.08 16.49
CA ASP A 203 14.70 41.90 15.15
C ASP A 203 13.84 40.63 15.05
N PRO A 204 12.83 40.63 14.18
CA PRO A 204 12.42 41.71 13.26
C PRO A 204 11.49 42.72 13.92
N TRP A 205 11.28 42.62 15.22
CA TRP A 205 10.34 43.47 15.94
C TRP A 205 11.04 44.69 16.49
N THR A 206 10.47 45.86 16.26
CA THR A 206 10.89 47.05 16.98
C THR A 206 10.38 46.98 18.42
N ASN A 207 10.72 47.99 19.21
CA ASN A 207 10.28 48.00 20.60
C ASN A 207 8.80 48.30 20.68
N GLY A 208 8.07 47.49 21.45
CA GLY A 208 6.65 47.67 21.59
C GLY A 208 5.82 47.08 20.46
N SER A 209 6.43 46.35 19.54
CA SER A 209 5.75 45.77 18.40
C SER A 209 5.60 44.27 18.61
N GLY A 210 4.41 43.75 18.37
CA GLY A 210 4.15 42.33 18.54
C GLY A 210 4.22 41.54 17.25
N LEU A 211 3.79 42.13 16.15
CA LEU A 211 3.76 41.45 14.86
C LEU A 211 4.59 42.21 13.85
N ALA A 212 5.40 41.48 13.08
CA ALA A 212 6.22 42.05 12.02
C ALA A 212 5.77 41.48 10.69
N LEU A 213 5.36 42.34 9.77
CA LEU A 213 4.91 41.96 8.44
C LEU A 213 5.92 42.51 7.44
N CYS A 214 6.75 41.63 6.88
CA CYS A 214 7.88 42.05 6.06
C CYS A 214 7.74 41.49 4.65
N GLN A 215 8.03 42.33 3.66
CA GLN A 215 8.11 41.91 2.27
C GLN A 215 9.53 42.12 1.77
N ARG A 216 10.05 41.10 1.09
CA ARG A 216 11.42 41.11 0.58
C ARG A 216 11.37 41.02 -0.94
N TYR A 217 12.05 41.97 -1.60
CA TYR A 217 12.03 42.07 -3.05
C TYR A 217 13.37 42.58 -3.55
N TYR A 218 13.64 42.36 -4.83
CA TYR A 218 14.93 42.75 -5.39
C TYR A 218 15.11 44.27 -5.37
N HIS A 219 16.34 44.71 -5.19
CA HIS A 219 16.64 46.14 -5.12
C HIS A 219 16.21 46.86 -6.38
N ARG A 220 16.61 46.36 -7.54
CA ARG A 220 16.16 46.85 -8.83
C ARG A 220 15.65 45.67 -9.64
N GLY A 221 14.40 45.75 -10.08
CA GLY A 221 13.85 44.73 -10.94
C GLY A 221 13.06 45.30 -12.10
N HIS A 222 13.55 45.09 -13.33
CA HIS A 222 12.82 45.46 -14.53
C HIS A 222 12.68 44.20 -15.37
N VAL A 223 11.45 43.76 -15.60
CA VAL A 223 11.18 42.52 -16.32
C VAL A 223 10.19 42.84 -17.42
N ASP A 224 10.62 42.64 -18.67
CA ASP A 224 9.79 42.90 -19.86
C ASP A 224 9.84 41.65 -20.71
N PRO A 225 9.02 40.64 -20.39
CA PRO A 225 8.98 39.44 -21.24
C PRO A 225 8.49 39.71 -22.64
N ALA A 226 7.76 40.80 -22.87
CA ALA A 226 7.31 41.12 -24.21
C ALA A 226 8.50 41.38 -25.13
N ASN A 227 9.49 42.13 -24.65
CA ASN A 227 10.71 42.38 -25.40
C ASN A 227 11.83 41.40 -25.05
N ASP A 228 11.56 40.42 -24.19
CA ASP A 228 12.57 39.46 -23.77
C ASP A 228 13.77 40.16 -23.13
N THR A 229 13.49 41.15 -22.27
CA THR A 229 14.54 41.94 -21.64
C THR A 229 14.35 41.94 -20.13
N PHE A 230 15.46 42.07 -19.42
CA PHE A 230 15.37 42.20 -17.97
C PHE A 230 16.65 42.83 -17.44
N ASP A 231 16.50 43.66 -16.40
CA ASP A 231 17.60 44.30 -15.70
C ASP A 231 17.34 44.15 -14.21
N ILE A 232 18.12 43.30 -13.55
CA ILE A 232 17.89 42.95 -12.15
C ILE A 232 19.18 43.11 -11.37
N ASP A 233 19.11 43.85 -10.27
CA ASP A 233 20.15 43.82 -9.24
C ASP A 233 19.69 42.83 -8.18
N PRO A 234 20.36 41.68 -8.00
CA PRO A 234 19.79 40.63 -7.13
C PRO A 234 19.89 40.94 -5.64
N MET A 235 20.26 42.16 -5.27
CA MET A 235 20.31 42.51 -3.86
C MET A 235 18.89 42.59 -3.30
N VAL A 236 18.68 41.97 -2.15
CA VAL A 236 17.35 41.86 -1.55
C VAL A 236 17.13 43.02 -0.58
N VAL A 237 15.99 43.68 -0.71
CA VAL A 237 15.58 44.76 0.17
C VAL A 237 14.35 44.31 0.95
N THR A 238 14.35 44.60 2.25
CA THR A 238 13.29 44.19 3.17
C THR A 238 12.55 45.42 3.67
N ASP A 239 11.22 45.40 3.55
CA ASP A 239 10.37 46.46 4.08
C ASP A 239 9.41 45.85 5.09
N CYS A 240 9.44 46.34 6.33
CA CYS A 240 8.71 45.73 7.43
C CYS A 240 7.73 46.74 8.02
N ILE A 241 6.50 46.29 8.25
CA ILE A 241 5.48 47.04 8.97
C ILE A 241 5.32 46.41 10.35
N GLN A 242 5.25 47.25 11.37
CA GLN A 242 5.15 46.80 12.75
C GLN A 242 3.73 47.02 13.26
N VAL A 243 3.13 45.98 13.83
CA VAL A 243 1.79 46.02 14.37
C VAL A 243 1.87 45.76 15.86
N ASP A 244 1.35 46.70 16.65
CA ASP A 244 1.27 46.57 18.10
C ASP A 244 0.01 45.80 18.49
N PRO A 245 0.10 44.80 19.36
CA PRO A 245 -1.11 44.10 19.77
C PRO A 245 -2.06 45.03 20.50
N PRO A 246 -3.36 44.76 20.45
CA PRO A 246 -4.32 45.69 21.04
C PRO A 246 -4.24 45.69 22.56
N GLU A 247 -4.64 46.82 23.14
CA GLU A 247 -4.73 46.97 24.59
C GLU A 247 -6.15 46.59 25.01
N ARG A 248 -6.27 45.49 25.75
CA ARG A 248 -7.58 45.03 26.23
C ARG A 248 -7.77 45.40 27.69
N SER A 264 -3.89 50.84 11.87
CA SER A 264 -4.09 49.78 10.89
C SER A 264 -3.35 50.09 9.60
N SER A 265 -2.14 50.64 9.73
CA SER A 265 -1.33 50.96 8.56
C SER A 265 -0.97 49.73 7.75
N TYR A 266 -1.03 48.54 8.36
CA TYR A 266 -0.75 47.32 7.61
C TYR A 266 -1.77 47.10 6.49
N LYS A 267 -2.95 47.71 6.59
CA LYS A 267 -3.93 47.63 5.52
C LYS A 267 -3.54 48.45 4.30
N ASN A 268 -2.52 49.31 4.42
CA ASN A 268 -1.99 50.07 3.29
C ASN A 268 -0.83 49.35 2.62
N LEU A 269 -0.62 48.08 2.92
CA LEU A 269 0.46 47.31 2.31
C LEU A 269 0.30 47.30 0.79
N THR A 270 1.40 47.53 0.09
CA THR A 270 1.44 47.48 -1.37
C THR A 270 2.58 46.56 -1.77
N LEU A 271 2.24 45.43 -2.40
CA LEU A 271 3.23 44.42 -2.75
C LEU A 271 3.84 44.71 -4.11
N LYS A 272 5.17 44.53 -4.20
CA LYS A 272 5.89 44.69 -5.46
C LYS A 272 5.94 43.35 -6.16
N PHE A 273 4.84 43.02 -6.84
CA PHE A 273 4.61 41.65 -7.29
C PHE A 273 5.69 41.19 -8.27
N HIS A 274 6.08 42.05 -9.21
CA HIS A 274 6.99 41.62 -10.27
C HIS A 274 8.40 41.36 -9.75
N LYS A 275 8.78 41.95 -8.62
CA LYS A 275 10.10 41.76 -8.03
C LYS A 275 10.03 41.15 -6.64
N LEU A 276 8.87 40.63 -6.24
CA LEU A 276 8.70 40.11 -4.88
C LEU A 276 9.47 38.82 -4.71
N VAL A 277 10.25 38.72 -3.64
CA VAL A 277 10.94 37.50 -3.26
C VAL A 277 10.12 36.68 -2.27
N ASN A 278 9.65 37.31 -1.20
CA ASN A 278 8.69 36.62 -0.34
C ASN A 278 8.04 37.60 0.63
N VAL A 279 7.07 37.10 1.37
CA VAL A 279 6.42 37.85 2.45
C VAL A 279 6.42 36.97 3.69
N THR A 280 6.70 37.57 4.85
CA THR A 280 6.73 36.85 6.10
C THR A 280 5.97 37.63 7.18
N ILE A 281 5.36 36.86 8.08
CA ILE A 281 4.70 37.40 9.27
C ILE A 281 5.30 36.71 10.48
N HIS A 282 5.80 37.50 11.42
CA HIS A 282 6.48 36.98 12.61
C HIS A 282 5.77 37.49 13.86
N PHE A 283 5.44 36.59 14.77
CA PHE A 283 4.94 37.04 16.06
C PHE A 283 5.10 35.94 17.09
N ARG A 284 5.11 36.33 18.37
CA ARG A 284 5.32 35.40 19.47
C ARG A 284 4.10 35.39 20.38
N LEU A 285 3.78 34.21 20.90
CA LEU A 285 2.65 34.01 21.81
C LEU A 285 3.11 33.21 23.02
N LYS A 286 2.72 33.65 24.21
CA LYS A 286 3.06 32.96 25.45
C LYS A 286 1.86 32.20 25.98
N THR A 287 2.09 30.98 26.44
CA THR A 287 1.03 30.14 26.99
C THR A 287 1.60 29.28 28.10
N ILE A 288 0.70 28.70 28.89
CA ILE A 288 1.05 27.80 29.99
C ILE A 288 0.52 26.42 29.66
N ASN A 289 1.37 25.40 29.85
CA ASN A 289 1.01 24.02 29.52
C ASN A 289 0.34 23.38 30.73
N LEU A 290 -0.97 23.60 30.84
CA LEU A 290 -1.73 23.04 31.96
C LEU A 290 -1.76 21.52 31.90
N GLN A 291 -1.77 20.94 30.71
CA GLN A 291 -1.85 19.49 30.56
C GLN A 291 -0.83 18.76 31.43
N SER A 292 0.26 19.43 31.81
CA SER A 292 1.29 18.78 32.62
C SER A 292 0.71 18.18 33.89
N LEU A 293 -0.36 18.77 34.42
CA LEU A 293 -0.93 18.27 35.67
C LEU A 293 -1.36 16.82 35.54
N ILE A 294 -1.66 16.35 34.33
CA ILE A 294 -2.06 14.97 34.15
C ILE A 294 -0.94 14.03 34.58
N ASN A 295 0.31 14.41 34.30
CA ASN A 295 1.47 13.62 34.69
C ASN A 295 2.02 14.02 36.05
N ASN A 296 1.29 14.84 36.81
CA ASN A 296 1.73 15.31 38.12
C ASN A 296 3.04 16.08 38.03
N GLU A 297 3.21 16.82 36.93
CA GLU A 297 4.33 17.72 36.74
C GLU A 297 3.87 19.15 36.94
N ILE A 298 4.83 20.02 37.29
CA ILE A 298 4.53 21.45 37.38
C ILE A 298 4.43 22.02 35.97
N PRO A 299 3.34 22.72 35.62
CA PRO A 299 3.26 23.30 34.28
C PRO A 299 4.43 24.24 34.00
N ASP A 300 4.93 24.18 32.78
CA ASP A 300 5.98 25.07 32.30
C ASP A 300 5.39 26.10 31.34
N CYS A 301 6.19 27.12 31.04
CA CYS A 301 5.73 28.26 30.25
C CYS A 301 6.34 28.16 28.86
N TYR A 302 5.48 28.14 27.83
CA TYR A 302 5.90 28.06 26.44
C TYR A 302 5.80 29.42 25.78
N THR A 303 6.81 29.74 24.96
CA THR A 303 6.73 30.85 24.02
C THR A 303 6.84 30.27 22.61
N PHE A 304 5.79 30.42 21.83
CA PHE A 304 5.76 29.99 20.45
C PHE A 304 6.11 31.17 19.56
N SER A 305 7.17 31.03 18.76
CA SER A 305 7.49 31.98 17.71
C SER A 305 6.88 31.45 16.42
N VAL A 306 5.95 32.21 15.86
CA VAL A 306 5.16 31.80 14.70
C VAL A 306 5.66 32.59 13.50
N LEU A 307 6.01 31.87 12.44
CA LEU A 307 6.45 32.43 11.17
C LEU A 307 5.52 31.93 10.08
N ILE A 308 4.86 32.85 9.40
CA ILE A 308 4.00 32.53 8.26
C ILE A 308 4.70 33.05 7.00
N THR A 309 4.94 32.16 6.06
CA THR A 309 5.70 32.46 4.85
C THR A 309 4.82 32.33 3.62
N PHE A 310 4.78 33.39 2.81
CA PHE A 310 4.23 33.38 1.46
C PHE A 310 5.42 33.46 0.52
N ASP A 311 5.77 32.34 -0.11
CA ASP A 311 7.04 32.18 -0.81
C ASP A 311 6.85 32.39 -2.31
N ASN A 312 7.64 33.31 -2.87
CA ASN A 312 7.61 33.60 -4.30
C ASN A 312 9.00 33.48 -4.93
N LYS A 313 9.83 32.57 -4.42
CA LYS A 313 11.19 32.46 -4.94
C LYS A 313 11.26 31.71 -6.27
N ALA A 314 10.19 31.01 -6.66
CA ALA A 314 10.14 30.38 -7.98
C ALA A 314 9.63 31.32 -9.06
N HIS A 315 8.91 32.38 -8.69
CA HIS A 315 8.37 33.33 -9.65
C HIS A 315 7.57 32.62 -10.74
N SER A 316 6.76 31.64 -10.32
CA SER A 316 6.06 30.76 -11.25
C SER A 316 4.55 31.02 -11.28
N GLY A 317 4.08 32.10 -10.64
CA GLY A 317 2.66 32.36 -10.56
C GLY A 317 1.95 31.61 -9.45
N ARG A 318 2.65 30.74 -8.72
CA ARG A 318 2.09 30.00 -7.60
C ARG A 318 2.93 30.31 -6.37
N ILE A 319 2.30 30.86 -5.34
CA ILE A 319 2.99 31.26 -4.11
C ILE A 319 2.56 30.33 -2.98
N PRO A 320 3.38 29.36 -2.59
CA PRO A 320 3.00 28.51 -1.45
C PRO A 320 2.95 29.28 -0.14
N ILE A 321 2.06 28.86 0.74
CA ILE A 321 1.84 29.46 2.04
C ILE A 321 2.09 28.40 3.10
N SER A 322 2.90 28.73 4.10
CA SER A 322 3.21 27.79 5.17
C SER A 322 3.25 28.51 6.50
N LEU A 323 3.02 27.75 7.58
CA LEU A 323 3.10 28.24 8.95
C LEU A 323 4.02 27.32 9.73
N GLU A 324 4.99 27.91 10.43
CA GLU A 324 5.93 27.15 11.25
C GLU A 324 6.03 27.78 12.63
N THR A 325 6.31 26.93 13.62
CA THR A 325 6.43 27.37 15.00
C THR A 325 7.73 26.86 15.60
N GLN A 326 8.33 27.68 16.46
CA GLN A 326 9.45 27.27 17.29
C GLN A 326 9.08 27.50 18.76
N ALA A 327 9.23 26.47 19.58
CA ALA A 327 8.80 26.52 20.97
C ALA A 327 10.01 26.69 21.89
N HIS A 328 9.96 27.71 22.74
CA HIS A 328 10.95 27.92 23.79
C HIS A 328 10.28 27.70 25.13
N ILE A 329 10.81 26.76 25.91
CA ILE A 329 10.19 26.31 27.15
C ILE A 329 11.00 26.81 28.33
N GLN A 330 10.34 27.47 29.28
CA GLN A 330 10.97 27.93 30.51
C GLN A 330 10.14 27.42 31.70
N GLU A 331 10.70 27.59 32.89
CA GLU A 331 9.96 27.37 34.12
C GLU A 331 9.21 28.65 34.48
N CYS A 332 7.92 28.51 34.77
CA CYS A 332 7.10 29.68 35.07
C CYS A 332 7.57 30.31 36.38
N LYS A 333 7.58 31.64 36.41
CA LYS A 333 8.26 32.39 37.46
C LYS A 333 7.53 32.39 38.79
N HIS A 334 6.28 31.92 38.84
CA HIS A 334 5.52 31.84 40.08
C HIS A 334 4.48 30.75 39.97
N PRO A 335 4.91 29.48 39.99
CA PRO A 335 3.96 28.37 39.88
C PRO A 335 3.43 27.94 41.23
N SER A 336 2.12 27.69 41.28
CA SER A 336 1.45 27.30 42.52
C SER A 336 0.31 26.35 42.16
N VAL A 337 0.54 25.06 42.31
CA VAL A 337 -0.50 24.06 42.05
C VAL A 337 -1.23 23.74 43.34
N SER A 344 11.10 14.32 43.22
CA SER A 344 12.53 14.14 43.42
C SER A 344 13.00 12.80 42.86
N PHE A 345 12.06 11.89 42.61
CA PHE A 345 12.40 10.57 42.09
C PHE A 345 12.45 10.55 40.57
N ARG A 346 13.14 11.53 40.01
CA ARG A 346 13.54 11.53 38.60
C ARG A 346 15.03 11.81 38.44
N LEU A 347 15.58 12.69 39.28
CA LEU A 347 17.03 12.91 39.30
C LEU A 347 17.75 11.79 40.04
N LEU A 348 17.13 11.27 41.09
CA LEU A 348 17.74 10.17 41.84
C LEU A 348 17.94 8.95 40.95
N PHE A 349 16.93 8.61 40.14
CA PHE A 349 17.09 7.50 39.22
C PHE A 349 18.17 7.78 38.19
N ASP A 350 18.31 9.04 37.77
CA ASP A 350 19.34 9.38 36.79
C ASP A 350 20.74 9.19 37.38
N VAL A 351 20.97 9.63 38.62
CA VAL A 351 22.28 9.41 39.23
C VAL A 351 22.50 7.92 39.49
N VAL A 352 21.43 7.18 39.81
CA VAL A 352 21.57 5.74 39.96
C VAL A 352 22.02 5.11 38.66
N VAL A 353 21.43 5.53 37.54
CA VAL A 353 21.84 5.03 36.23
C VAL A 353 23.30 5.37 35.96
N ILE A 354 23.70 6.61 36.28
CA ILE A 354 25.07 7.02 36.04
C ILE A 354 26.04 6.17 36.86
N LEU A 355 25.70 5.92 38.13
CA LEU A 355 26.57 5.09 38.96
C LEU A 355 26.66 3.66 38.44
N THR A 356 25.52 3.09 38.04
CA THR A 356 25.54 1.73 37.50
C THR A 356 26.42 1.66 36.25
N CYS A 357 26.27 2.63 35.35
CA CYS A 357 27.07 2.62 34.12
C CYS A 357 28.54 2.85 34.42
N SER A 358 28.86 3.69 35.41
CA SER A 358 30.26 3.91 35.77
C SER A 358 30.89 2.64 36.34
N LEU A 359 30.16 1.93 37.20
CA LEU A 359 30.69 0.67 37.73
C LEU A 359 30.90 -0.34 36.61
N SER A 360 29.93 -0.44 35.70
CA SER A 360 30.09 -1.34 34.56
C SER A 360 31.30 -0.97 33.72
N PHE A 361 31.48 0.33 33.47
CA PHE A 361 32.63 0.79 32.69
C PHE A 361 33.94 0.42 33.37
N LEU A 362 34.02 0.63 34.68
CA LEU A 362 35.25 0.31 35.40
C LEU A 362 35.55 -1.19 35.32
N LEU A 363 34.54 -2.02 35.54
CA LEU A 363 34.77 -3.46 35.49
C LEU A 363 35.18 -3.92 34.09
N CYS A 364 34.50 -3.41 33.06
CA CYS A 364 34.83 -3.80 31.70
C CYS A 364 36.22 -3.32 31.30
N ALA A 365 36.60 -2.11 31.72
CA ALA A 365 37.94 -1.62 31.45
C ALA A 365 38.99 -2.48 32.14
N ARG A 366 38.73 -2.89 33.38
CA ARG A 366 39.65 -3.80 34.06
C ARG A 366 39.79 -5.11 33.30
N SER A 367 38.68 -5.67 32.84
CA SER A 367 38.74 -6.92 32.08
C SER A 367 39.54 -6.75 30.79
N LEU A 368 39.32 -5.64 30.08
CA LEU A 368 40.04 -5.41 28.84
C LEU A 368 41.53 -5.21 29.09
N LEU A 369 41.88 -4.52 30.16
CA LEU A 369 43.29 -4.33 30.51
C LEU A 369 43.94 -5.67 30.83
N ARG A 370 43.25 -6.53 31.58
CA ARG A 370 43.79 -7.85 31.87
C ARG A 370 43.98 -8.66 30.59
N GLY A 371 43.02 -8.58 29.68
CA GLY A 371 43.17 -9.26 28.40
C GLY A 371 44.37 -8.77 27.62
N PHE A 372 44.58 -7.45 27.59
CA PHE A 372 45.74 -6.90 26.89
C PHE A 372 47.04 -7.38 27.54
N LEU A 373 47.11 -7.39 28.87
CA LEU A 373 48.32 -7.85 29.54
C LEU A 373 48.59 -9.32 29.24
N LEU A 374 47.55 -10.15 29.26
CA LEU A 374 47.73 -11.56 28.93
C LEU A 374 48.18 -11.73 27.48
N GLN A 375 47.63 -10.92 26.57
CA GLN A 375 48.05 -10.97 25.18
C GLN A 375 49.53 -10.64 25.06
N ASN A 376 49.98 -9.60 25.75
CA ASN A 376 51.39 -9.22 25.69
C ASN A 376 52.27 -10.34 26.25
N GLU A 377 51.87 -10.92 27.37
CA GLU A 377 52.64 -12.01 27.95
C GLU A 377 52.73 -13.20 26.99
N PHE A 378 51.61 -13.56 26.37
CA PHE A 378 51.61 -14.69 25.44
C PHE A 378 52.50 -14.41 24.24
N VAL A 379 52.42 -13.19 23.69
CA VAL A 379 53.24 -12.85 22.53
C VAL A 379 54.72 -12.92 22.91
N GLY A 380 55.07 -12.35 24.06
CA GLY A 380 56.46 -12.40 24.48
C GLY A 380 56.96 -13.82 24.70
N PHE A 381 56.14 -14.66 25.32
CA PHE A 381 56.54 -16.05 25.56
C PHE A 381 56.71 -16.81 24.26
N MET A 382 55.75 -16.65 23.33
CA MET A 382 55.83 -17.38 22.07
C MET A 382 57.02 -16.93 21.24
N TRP A 383 57.31 -15.63 21.23
CA TRP A 383 58.47 -15.15 20.49
C TRP A 383 59.77 -15.74 21.02
N ARG A 384 59.79 -16.20 22.27
CA ARG A 384 60.97 -16.82 22.84
C ARG A 384 60.94 -18.33 22.66
N SER A 391 51.44 -12.58 14.64
CA SER A 391 50.38 -12.07 13.77
C SER A 391 49.49 -11.09 14.53
N LEU A 392 48.56 -10.46 13.82
CA LEU A 392 47.62 -9.53 14.41
C LEU A 392 46.21 -10.12 14.55
N TRP A 393 45.72 -10.82 13.54
CA TRP A 393 44.41 -11.47 13.66
C TRP A 393 44.39 -12.44 14.82
N GLU A 394 45.52 -13.07 15.12
CA GLU A 394 45.63 -13.92 16.31
C GLU A 394 45.89 -13.09 17.57
N ARG A 395 46.51 -11.92 17.41
CA ARG A 395 46.80 -11.09 18.58
C ARG A 395 45.54 -10.43 19.13
N LEU A 396 44.57 -10.11 18.28
CA LEU A 396 43.34 -9.48 18.71
C LEU A 396 42.29 -10.49 19.15
N GLU A 397 42.60 -11.79 19.08
CA GLU A 397 41.68 -12.80 19.61
C GLU A 397 41.52 -12.66 21.11
N PHE A 398 42.45 -11.99 21.79
CA PHE A 398 42.34 -11.73 23.21
C PHE A 398 41.34 -10.63 23.54
N VAL A 399 40.82 -9.93 22.54
CA VAL A 399 39.92 -8.81 22.75
C VAL A 399 38.49 -9.33 22.87
N ASN A 400 37.81 -8.95 23.94
CA ASN A 400 36.40 -9.30 24.14
C ASN A 400 35.55 -8.20 23.54
N GLY A 401 35.00 -8.45 22.35
CA GLY A 401 34.21 -7.43 21.67
C GLY A 401 32.95 -7.06 22.42
N TRP A 402 32.37 -8.02 23.15
CA TRP A 402 31.19 -7.72 23.95
C TRP A 402 31.50 -6.64 24.99
N TYR A 403 32.71 -6.68 25.56
CA TYR A 403 33.08 -5.66 26.53
C TYR A 403 33.33 -4.32 25.85
N ILE A 404 33.83 -4.31 24.62
CA ILE A 404 33.92 -3.07 23.86
C ILE A 404 32.54 -2.46 23.68
N LEU A 405 31.57 -3.30 23.29
CA LEU A 405 30.22 -2.82 23.12
C LEU A 405 29.64 -2.29 24.43
N LEU A 406 29.90 -2.99 25.53
CA LEU A 406 29.40 -2.55 26.83
C LEU A 406 30.03 -1.22 27.23
N VAL A 407 31.32 -1.04 26.99
CA VAL A 407 31.99 0.22 27.31
C VAL A 407 31.39 1.35 26.48
N THR A 408 31.17 1.11 25.19
CA THR A 408 30.55 2.11 24.33
C THR A 408 29.16 2.48 24.85
N SER A 409 28.37 1.47 25.23
CA SER A 409 27.03 1.72 25.75
C SER A 409 27.08 2.52 27.04
N ASP A 410 28.04 2.20 27.92
CA ASP A 410 28.17 2.95 29.17
C ASP A 410 28.50 4.42 28.91
N VAL A 411 29.45 4.68 28.00
CA VAL A 411 29.81 6.05 27.69
C VAL A 411 28.60 6.79 27.12
N LEU A 412 27.91 6.17 26.17
CA LEU A 412 26.74 6.80 25.56
C LEU A 412 25.68 7.08 26.60
N THR A 413 25.42 6.12 27.49
CA THR A 413 24.38 6.29 28.50
C THR A 413 24.74 7.40 29.48
N ILE A 414 26.00 7.48 29.90
CA ILE A 414 26.39 8.53 30.84
C ILE A 414 26.23 9.90 30.18
N SER A 415 26.71 10.05 28.94
CA SER A 415 26.57 11.32 28.26
C SER A 415 25.10 11.70 28.09
N GLY A 416 24.28 10.74 27.65
CA GLY A 416 22.88 11.02 27.45
C GLY A 416 22.16 11.35 28.74
N THR A 417 22.55 10.71 29.84
CA THR A 417 21.93 11.00 31.13
C THR A 417 22.30 12.39 31.61
N ILE A 418 23.55 12.80 31.41
CA ILE A 418 23.94 14.17 31.77
C ILE A 418 23.12 15.17 30.96
N MET A 419 23.01 14.93 29.64
CA MET A 419 22.23 15.83 28.81
C MET A 419 20.77 15.83 29.22
N LYS A 420 20.22 14.68 29.59
CA LYS A 420 18.83 14.60 30.02
C LYS A 420 18.61 15.36 31.32
N ILE A 421 19.55 15.24 32.27
CA ILE A 421 19.45 16.01 33.51
C ILE A 421 19.43 17.50 33.19
N GLY A 422 20.32 17.93 32.29
CA GLY A 422 20.32 19.33 31.92
C GLY A 422 19.03 19.76 31.25
N ILE A 423 18.47 18.91 30.40
CA ILE A 423 17.25 19.25 29.68
C ILE A 423 16.08 19.38 30.65
N GLU A 424 15.94 18.42 31.57
CA GLU A 424 14.81 18.44 32.50
C GLU A 424 14.88 19.62 33.47
N ALA A 425 16.05 20.23 33.62
CA ALA A 425 16.19 21.46 34.39
C ALA A 425 15.95 22.70 33.54
N LYS A 426 15.60 22.54 32.27
CA LYS A 426 15.38 23.64 31.33
C LYS A 426 16.67 24.39 31.02
N ASN A 427 17.82 23.78 31.29
CA ASN A 427 19.11 24.39 30.97
C ASN A 427 19.61 24.02 29.57
N LEU A 428 18.96 23.09 28.89
CA LEU A 428 19.31 22.74 27.52
C LEU A 428 18.05 22.48 26.73
N ALA A 429 18.19 22.51 25.40
CA ALA A 429 17.09 22.19 24.50
C ALA A 429 17.55 21.29 23.36
N SER A 430 18.60 20.50 23.60
CA SER A 430 19.15 19.60 22.58
C SER A 430 18.53 18.21 22.75
N TYR A 431 17.23 18.14 22.45
CA TYR A 431 16.51 16.89 22.61
C TYR A 431 17.01 15.83 21.64
N ASP A 432 17.34 16.23 20.41
CA ASP A 432 17.70 15.25 19.39
C ASP A 432 18.95 14.47 19.77
N VAL A 433 20.00 15.17 20.20
CA VAL A 433 21.26 14.51 20.51
C VAL A 433 21.11 13.58 21.71
N CYS A 434 20.44 14.06 22.76
CA CYS A 434 20.23 13.23 23.95
C CYS A 434 19.41 12.00 23.61
N SER A 435 18.34 12.18 22.82
CA SER A 435 17.51 11.04 22.44
C SER A 435 18.30 10.04 21.62
N ILE A 436 19.11 10.50 20.68
CA ILE A 436 19.91 9.60 19.87
C ILE A 436 20.88 8.82 20.75
N LEU A 437 21.56 9.52 21.67
CA LEU A 437 22.52 8.86 22.55
C LEU A 437 21.83 7.76 23.36
N LEU A 438 20.73 8.11 24.04
CA LEU A 438 20.07 7.15 24.91
C LEU A 438 19.48 5.98 24.11
N GLY A 439 18.87 6.26 22.96
CA GLY A 439 18.30 5.20 22.15
C GLY A 439 19.35 4.25 21.62
N THR A 440 20.47 4.78 21.14
CA THR A 440 21.54 3.92 20.67
C THR A 440 22.12 3.08 21.81
N SER A 441 22.27 3.68 22.99
CA SER A 441 22.76 2.92 24.13
C SER A 441 21.80 1.79 24.50
N THR A 442 20.49 2.07 24.50
CA THR A 442 19.51 1.04 24.80
C THR A 442 19.56 -0.07 23.76
N LEU A 443 19.68 0.29 22.49
CA LEU A 443 19.80 -0.70 21.43
C LEU A 443 21.02 -1.58 21.67
N LEU A 444 22.16 -0.97 22.01
CA LEU A 444 23.38 -1.76 22.22
C LEU A 444 23.26 -2.68 23.42
N VAL A 445 22.68 -2.19 24.52
CA VAL A 445 22.57 -3.05 25.70
C VAL A 445 21.63 -4.21 25.43
N TRP A 446 20.56 -3.98 24.65
CA TRP A 446 19.67 -5.08 24.32
C TRP A 446 20.32 -6.05 23.32
N VAL A 447 21.16 -5.55 22.42
CA VAL A 447 21.90 -6.44 21.54
C VAL A 447 22.87 -7.29 22.34
N GLY A 448 23.44 -6.73 23.41
CA GLY A 448 24.40 -7.46 24.22
C GLY A 448 23.83 -8.68 24.91
N VAL A 449 22.50 -8.79 24.98
CA VAL A 449 21.88 -9.96 25.60
C VAL A 449 22.20 -11.23 24.80
N ILE A 450 22.57 -11.09 23.52
CA ILE A 450 22.92 -12.26 22.71
C ILE A 450 24.09 -13.01 23.34
N ARG A 451 24.98 -12.30 24.02
CA ARG A 451 26.14 -12.95 24.64
C ARG A 451 25.70 -14.04 25.60
N TYR A 452 24.66 -13.78 26.39
CA TYR A 452 24.18 -14.78 27.34
C TYR A 452 23.68 -16.03 26.63
N LEU A 453 22.98 -15.85 25.50
CA LEU A 453 22.54 -17.00 24.73
C LEU A 453 23.71 -17.74 24.10
N THR A 454 24.81 -17.05 23.81
CA THR A 454 25.96 -17.73 23.22
C THR A 454 26.54 -18.81 24.13
N PHE A 455 26.23 -18.78 25.43
CA PHE A 455 26.75 -19.78 26.34
C PHE A 455 26.00 -21.11 26.28
N PHE A 456 24.91 -21.18 25.52
CA PHE A 456 24.13 -22.40 25.36
C PHE A 456 24.26 -22.90 23.93
N HIS A 457 24.50 -24.21 23.78
CA HIS A 457 24.93 -24.76 22.50
C HIS A 457 23.89 -24.54 21.40
N ASN A 458 22.61 -24.77 21.72
CA ASN A 458 21.59 -24.70 20.68
C ASN A 458 21.40 -23.28 20.16
N TYR A 459 21.53 -22.27 21.03
CA TYR A 459 21.49 -20.88 20.57
C TYR A 459 22.79 -20.47 19.91
N ASN A 460 23.90 -21.00 20.43
CA ASN A 460 25.20 -20.69 19.85
C ASN A 460 25.31 -21.19 18.42
N ILE A 461 24.60 -22.27 18.07
CA ILE A 461 24.60 -22.73 16.69
C ILE A 461 24.10 -21.62 15.77
N LEU A 462 22.95 -21.04 16.10
CA LEU A 462 22.37 -20.00 15.27
C LEU A 462 23.25 -18.75 15.25
N ILE A 463 23.75 -18.35 16.42
CA ILE A 463 24.57 -17.14 16.47
C ILE A 463 25.86 -17.32 15.68
N ALA A 464 26.49 -18.50 15.78
CA ALA A 464 27.70 -18.78 15.03
C ALA A 464 27.42 -18.86 13.54
N THR A 465 26.24 -19.38 13.15
CA THR A 465 25.87 -19.35 11.74
C THR A 465 25.85 -17.92 11.22
N LEU A 466 25.18 -17.03 11.94
CA LEU A 466 25.16 -15.63 11.51
C LEU A 466 26.56 -15.03 11.47
N ARG A 467 27.37 -15.34 12.48
CA ARG A 467 28.73 -14.77 12.55
C ARG A 467 29.57 -15.23 11.36
N VAL A 468 29.51 -16.51 11.01
N VAL A 468 29.52 -16.52 11.02
CA VAL A 468 30.33 -16.99 9.90
CA VAL A 468 30.28 -17.05 9.91
C VAL A 468 29.77 -16.51 8.57
C VAL A 468 29.76 -16.49 8.59
N ALA A 469 28.46 -16.26 8.49
CA ALA A 469 27.90 -15.75 7.25
C ALA A 469 28.21 -14.27 7.02
N LEU A 470 28.38 -13.51 8.10
CA LEU A 470 28.47 -12.05 7.97
C LEU A 470 29.50 -11.55 6.97
N PRO A 471 30.73 -12.07 6.91
CA PRO A 471 31.71 -11.49 5.97
C PRO A 471 31.30 -11.59 4.51
N SER A 472 30.83 -12.77 4.08
CA SER A 472 30.38 -12.91 2.69
C SER A 472 29.16 -12.05 2.43
N VAL A 473 28.28 -11.90 3.41
CA VAL A 473 27.12 -11.02 3.25
C VAL A 473 27.59 -9.58 3.01
N MET A 474 28.59 -9.13 3.77
CA MET A 474 29.10 -7.78 3.59
C MET A 474 29.74 -7.62 2.21
N ARG A 475 30.52 -8.61 1.77
CA ARG A 475 31.14 -8.52 0.45
C ARG A 475 30.09 -8.49 -0.65
N PHE A 476 29.04 -9.29 -0.53
CA PHE A 476 27.99 -9.25 -1.53
C PHE A 476 27.22 -7.93 -1.47
N CYS A 477 27.09 -7.34 -0.28
CA CYS A 477 26.51 -5.99 -0.20
C CYS A 477 27.37 -5.00 -0.97
N CYS A 478 28.69 -5.12 -0.85
CA CYS A 478 29.57 -4.26 -1.64
C CYS A 478 29.36 -4.47 -3.13
N CYS A 479 29.22 -5.73 -3.56
CA CYS A 479 28.96 -6.00 -4.97
C CYS A 479 27.62 -5.41 -5.41
N VAL A 480 26.61 -5.49 -4.55
CA VAL A 480 25.28 -4.99 -4.87
C VAL A 480 25.28 -3.47 -4.97
N ALA A 481 26.11 -2.80 -4.17
CA ALA A 481 26.03 -1.35 -4.04
C ALA A 481 26.30 -0.64 -5.36
N VAL A 482 27.26 -1.12 -6.14
CA VAL A 482 27.62 -0.41 -7.38
C VAL A 482 26.50 -0.52 -8.40
N ILE A 483 25.91 -1.70 -8.55
CA ILE A 483 24.77 -1.85 -9.45
C ILE A 483 23.61 -0.98 -8.98
N TYR A 484 23.37 -0.97 -7.66
CA TYR A 484 22.30 -0.16 -7.10
C TYR A 484 22.52 1.31 -7.41
N LEU A 485 23.75 1.80 -7.25
CA LEU A 485 24.05 3.20 -7.52
C LEU A 485 23.90 3.54 -8.99
N GLY A 486 24.34 2.66 -9.88
CA GLY A 486 24.13 2.89 -11.30
C GLY A 486 22.66 3.03 -11.63
N TYR A 487 21.84 2.12 -11.11
CA TYR A 487 20.40 2.21 -11.33
C TYR A 487 19.83 3.49 -10.74
N CYS A 488 20.31 3.89 -9.55
CA CYS A 488 19.82 5.12 -8.93
C CYS A 488 20.09 6.31 -9.83
N PHE A 489 21.33 6.45 -10.31
CA PHE A 489 21.68 7.58 -11.16
C PHE A 489 20.87 7.58 -12.45
N CYS A 490 20.76 6.42 -13.10
CA CYS A 490 20.03 6.36 -14.36
C CYS A 490 18.56 6.72 -14.16
N GLY A 491 17.92 6.16 -13.14
CA GLY A 491 16.54 6.48 -12.87
C GLY A 491 16.33 7.93 -12.50
N TRP A 492 17.26 8.50 -11.73
CA TRP A 492 17.15 9.91 -11.37
C TRP A 492 17.21 10.79 -12.61
N ILE A 493 18.14 10.52 -13.51
CA ILE A 493 18.31 11.41 -14.67
C ILE A 493 17.17 11.24 -15.66
N VAL A 494 16.68 10.01 -15.85
CA VAL A 494 15.69 9.76 -16.90
C VAL A 494 14.28 10.00 -16.41
N LEU A 495 13.91 9.44 -15.25
CA LEU A 495 12.53 9.45 -14.79
C LEU A 495 12.19 10.64 -13.90
N GLY A 496 13.21 11.35 -13.37
CA GLY A 496 12.96 12.48 -12.50
C GLY A 496 12.09 13.57 -13.08
N PRO A 497 12.28 13.93 -14.36
CA PRO A 497 11.40 14.96 -14.95
C PRO A 497 9.93 14.55 -15.02
N TYR A 498 9.63 13.25 -14.93
CA TYR A 498 8.27 12.76 -15.13
C TYR A 498 7.67 12.08 -13.91
N HIS A 499 8.48 11.51 -13.02
CA HIS A 499 7.99 10.68 -11.92
C HIS A 499 8.27 11.38 -10.60
N VAL A 500 7.24 11.51 -9.77
CA VAL A 500 7.38 12.23 -8.51
C VAL A 500 8.34 11.50 -7.57
N LYS A 501 8.33 10.18 -7.60
CA LYS A 501 9.18 9.38 -6.73
C LYS A 501 10.65 9.39 -7.14
N PHE A 502 11.00 10.06 -8.24
CA PHE A 502 12.36 10.03 -8.78
C PHE A 502 13.00 11.41 -8.82
N ARG A 503 12.49 12.36 -8.06
CA ARG A 503 12.94 13.75 -8.18
C ARG A 503 14.30 13.98 -7.54
N SER A 504 14.62 13.27 -6.46
CA SER A 504 15.90 13.40 -5.78
C SER A 504 16.55 12.04 -5.65
N LEU A 505 17.88 12.04 -5.50
CA LEU A 505 18.63 10.79 -5.48
C LEU A 505 18.28 9.94 -4.26
N SER A 506 18.12 10.57 -3.10
CA SER A 506 17.69 9.83 -1.91
C SER A 506 16.29 9.26 -2.10
N MET A 507 15.40 10.04 -2.72
CA MET A 507 14.06 9.55 -3.02
C MET A 507 14.12 8.37 -3.99
N VAL A 508 14.99 8.47 -5.00
CA VAL A 508 15.14 7.36 -5.95
C VAL A 508 15.62 6.11 -5.24
N SER A 509 16.61 6.25 -4.36
CA SER A 509 17.13 5.11 -3.62
C SER A 509 16.05 4.50 -2.74
N GLU A 510 15.26 5.33 -2.07
CA GLU A 510 14.17 4.81 -1.24
C GLU A 510 13.16 4.05 -2.08
N CYS A 511 12.80 4.60 -3.24
CA CYS A 511 11.84 3.92 -4.11
C CYS A 511 12.38 2.57 -4.58
N LEU A 512 13.65 2.54 -5.00
CA LEU A 512 14.22 1.29 -5.47
C LEU A 512 14.31 0.26 -4.35
N PHE A 513 14.70 0.70 -3.15
CA PHE A 513 14.77 -0.22 -2.02
C PHE A 513 13.40 -0.78 -1.69
N SER A 514 12.37 0.06 -1.72
CA SER A 514 11.02 -0.43 -1.49
C SER A 514 10.59 -1.42 -2.57
N LEU A 515 10.95 -1.15 -3.82
CA LEU A 515 10.63 -2.09 -4.90
C LEU A 515 11.31 -3.43 -4.67
N ILE A 516 12.56 -3.42 -4.20
CA ILE A 516 13.26 -4.67 -3.93
C ILE A 516 12.46 -5.52 -2.94
N ASN A 517 11.79 -4.88 -1.99
CA ASN A 517 11.06 -5.58 -0.94
C ASN A 517 9.59 -5.80 -1.28
N GLY A 518 9.15 -5.43 -2.49
CA GLY A 518 7.78 -5.68 -2.88
C GLY A 518 6.76 -4.69 -2.37
N ASP A 519 7.15 -3.42 -2.22
CA ASP A 519 6.26 -2.39 -1.72
C ASP A 519 6.11 -1.27 -2.75
N ASP A 520 4.87 -0.81 -2.94
CA ASP A 520 4.59 0.36 -3.76
C ASP A 520 4.93 0.12 -5.24
N MET A 521 4.90 -1.13 -5.67
CA MET A 521 5.27 -1.45 -7.05
C MET A 521 4.23 -0.95 -8.05
N PHE A 522 2.96 -1.24 -7.79
CA PHE A 522 1.93 -0.95 -8.79
C PHE A 522 1.75 0.55 -8.97
N VAL A 523 1.82 1.33 -7.89
CA VAL A 523 1.69 2.78 -8.03
C VAL A 523 2.87 3.33 -8.82
N THR A 524 4.06 2.76 -8.62
CA THR A 524 5.21 3.17 -9.41
C THR A 524 4.98 2.91 -10.89
N PHE A 525 4.44 1.74 -11.24
CA PHE A 525 4.12 1.47 -12.64
C PHE A 525 3.02 2.39 -13.16
N ALA A 526 2.01 2.67 -12.33
CA ALA A 526 0.85 3.43 -12.79
C ALA A 526 1.20 4.90 -13.01
N ALA A 527 2.11 5.46 -12.21
CA ALA A 527 2.52 6.84 -12.43
C ALA A 527 3.12 6.99 -13.82
N MET A 528 3.90 6.01 -14.27
CA MET A 528 4.45 6.05 -15.63
C MET A 528 3.36 5.76 -16.65
N GLN A 529 2.45 4.82 -16.34
CA GLN A 529 1.34 4.55 -17.24
C GLN A 529 0.55 5.81 -17.54
N ALA A 530 0.44 6.70 -16.56
CA ALA A 530 -0.29 7.95 -16.73
C ALA A 530 0.38 8.91 -17.71
N GLN A 531 1.49 8.51 -18.33
CA GLN A 531 2.20 9.37 -19.28
C GLN A 531 2.53 8.63 -20.58
N GLN A 532 1.89 7.50 -20.84
CA GLN A 532 2.06 6.82 -22.12
C GLN A 532 1.41 7.64 -23.23
N GLY A 533 1.93 7.48 -24.43
CA GLY A 533 1.46 8.28 -25.57
C GLY A 533 2.15 9.63 -25.65
N ARG A 534 2.24 10.35 -24.53
CA ARG A 534 2.98 11.61 -24.51
C ARG A 534 4.42 11.41 -24.97
N SER A 535 5.17 10.60 -24.21
CA SER A 535 6.57 10.28 -24.52
C SER A 535 6.68 8.76 -24.55
N SER A 536 6.48 8.19 -25.74
CA SER A 536 6.52 6.73 -25.88
C SER A 536 7.89 6.18 -25.53
N LEU A 537 8.95 6.87 -25.96
CA LEU A 537 10.31 6.40 -25.68
C LEU A 537 10.56 6.34 -24.17
N VAL A 538 10.16 7.38 -23.44
CA VAL A 538 10.39 7.41 -22.00
C VAL A 538 9.59 6.31 -21.32
N TRP A 539 8.34 6.08 -21.76
CA TRP A 539 7.53 5.05 -21.15
C TRP A 539 8.12 3.66 -21.39
N LEU A 540 8.57 3.38 -22.62
CA LEU A 540 9.20 2.09 -22.89
C LEU A 540 10.48 1.91 -22.09
N PHE A 541 11.27 2.97 -21.99
CA PHE A 541 12.49 2.91 -21.18
C PHE A 541 12.16 2.62 -19.72
N SER A 542 11.11 3.26 -19.19
CA SER A 542 10.71 3.01 -17.81
C SER A 542 10.26 1.56 -17.62
N GLN A 543 9.50 1.03 -18.59
CA GLN A 543 9.11 -0.37 -18.53
C GLN A 543 10.34 -1.27 -18.42
N LEU A 544 11.29 -1.09 -19.34
CA LEU A 544 12.49 -1.93 -19.33
C LEU A 544 13.26 -1.76 -18.03
N TYR A 545 13.44 -0.52 -17.60
CA TYR A 545 14.20 -0.22 -16.39
C TYR A 545 13.60 -0.90 -15.17
N LEU A 546 12.31 -0.69 -14.93
CA LEU A 546 11.68 -1.25 -13.74
C LEU A 546 11.66 -2.77 -13.79
N TYR A 547 11.25 -3.34 -14.92
CA TYR A 547 11.14 -4.80 -15.00
C TYR A 547 12.51 -5.45 -14.80
N SER A 548 13.53 -4.94 -15.49
CA SER A 548 14.85 -5.53 -15.37
C SER A 548 15.37 -5.40 -13.94
N PHE A 549 15.23 -4.22 -13.34
CA PHE A 549 15.73 -4.04 -11.98
C PHE A 549 15.07 -5.02 -11.01
N ILE A 550 13.74 -5.06 -11.01
CA ILE A 550 13.04 -5.89 -10.04
C ILE A 550 13.35 -7.37 -10.28
N SER A 551 13.32 -7.80 -11.54
CA SER A 551 13.58 -9.20 -11.85
C SER A 551 14.97 -9.61 -11.41
N LEU A 552 15.98 -8.79 -11.76
CA LEU A 552 17.35 -9.11 -11.36
C LEU A 552 17.47 -9.20 -9.85
N PHE A 553 16.86 -8.27 -9.13
CA PHE A 553 17.07 -8.25 -7.69
C PHE A 553 16.31 -9.35 -6.95
N ILE A 554 15.14 -9.74 -7.43
N ILE A 554 15.13 -9.74 -7.42
CA ILE A 554 14.36 -10.76 -6.72
CA ILE A 554 14.37 -10.76 -6.70
C ILE A 554 14.75 -12.17 -7.15
C ILE A 554 14.76 -12.17 -7.14
N TYR A 555 15.05 -12.39 -8.43
CA TYR A 555 15.42 -13.73 -8.87
C TYR A 555 16.83 -14.13 -8.44
N MET A 556 17.76 -13.18 -8.33
CA MET A 556 19.17 -13.53 -8.21
C MET A 556 19.81 -13.04 -6.92
N VAL A 557 19.59 -11.78 -6.54
CA VAL A 557 20.34 -11.19 -5.42
C VAL A 557 19.86 -11.78 -4.10
N LEU A 558 18.57 -11.65 -3.81
CA LEU A 558 18.02 -12.19 -2.57
C LEU A 558 18.26 -13.70 -2.50
N SER A 559 18.18 -14.38 -3.65
CA SER A 559 18.47 -15.80 -3.68
C SER A 559 19.91 -16.07 -3.27
N LEU A 560 20.85 -15.24 -3.71
CA LEU A 560 22.24 -15.45 -3.31
C LEU A 560 22.45 -15.18 -1.83
N PHE A 561 21.75 -14.19 -1.26
CA PHE A 561 21.81 -14.00 0.19
C PHE A 561 21.31 -15.25 0.92
N ILE A 562 20.19 -15.80 0.46
CA ILE A 562 19.66 -17.03 1.05
C ILE A 562 20.70 -18.15 0.95
N ALA A 563 21.33 -18.28 -0.22
CA ALA A 563 22.31 -19.33 -0.42
C ALA A 563 23.51 -19.18 0.49
N LEU A 564 23.98 -17.94 0.68
CA LEU A 564 25.10 -17.70 1.58
C LEU A 564 24.76 -18.12 3.01
N ILE A 565 23.57 -17.71 3.48
CA ILE A 565 23.16 -18.07 4.84
C ILE A 565 23.02 -19.59 4.97
N THR A 566 22.44 -20.23 3.95
CA THR A 566 22.26 -21.67 4.01
C THR A 566 23.61 -22.40 4.04
N GLY A 567 24.57 -21.94 3.24
CA GLY A 567 25.89 -22.54 3.26
C GLY A 567 26.57 -22.37 4.60
N ALA A 568 26.45 -21.18 5.19
CA ALA A 568 27.01 -20.97 6.53
C ALA A 568 26.38 -21.91 7.54
N TYR A 569 25.05 -22.07 7.50
CA TYR A 569 24.38 -22.95 8.44
C TYR A 569 24.83 -24.39 8.24
N ASP A 570 24.97 -24.83 6.99
CA ASP A 570 25.44 -26.19 6.73
C ASP A 570 26.85 -26.39 7.24
N THR A 571 27.72 -25.39 7.06
CA THR A 571 29.07 -25.51 7.57
C THR A 571 29.07 -25.64 9.09
N ILE A 572 28.23 -24.85 9.77
CA ILE A 572 28.16 -24.95 11.23
C ILE A 572 27.64 -26.32 11.66
N LYS A 573 26.61 -26.83 10.98
CA LYS A 573 25.98 -28.07 11.42
C LYS A 573 26.82 -29.29 11.11
N HIS A 574 27.68 -29.22 10.09
CA HIS A 574 28.49 -30.35 9.64
C HIS A 574 29.95 -29.94 9.56
N PRO A 575 30.62 -29.79 10.72
CA PRO A 575 32.02 -29.39 10.76
C PRO A 575 32.97 -30.55 10.49
N LEU B 89 54.44 -17.92 -28.71
CA LEU B 89 52.99 -17.89 -28.69
C LEU B 89 52.46 -18.18 -27.29
N ARG B 90 52.95 -19.26 -26.68
CA ARG B 90 52.45 -19.66 -25.36
C ARG B 90 52.71 -18.58 -24.33
N ARG B 91 53.89 -17.97 -24.36
CA ARG B 91 54.19 -16.88 -23.42
C ARG B 91 53.26 -15.69 -23.65
N ARG B 92 53.04 -15.34 -24.92
CA ARG B 92 52.15 -14.22 -25.23
C ARG B 92 50.72 -14.52 -24.81
N LEU B 93 50.25 -15.75 -25.03
CA LEU B 93 48.92 -16.12 -24.57
C LEU B 93 48.82 -16.06 -23.06
N LYS B 94 49.87 -16.52 -22.36
CA LYS B 94 49.87 -16.41 -20.90
C LYS B 94 49.78 -14.95 -20.47
N TYR B 95 50.54 -14.07 -21.10
CA TYR B 95 50.50 -12.66 -20.73
C TYR B 95 49.13 -12.06 -21.01
N PHE B 96 48.52 -12.40 -22.13
CA PHE B 96 47.25 -11.77 -22.52
C PHE B 96 46.16 -12.05 -21.49
N PHE B 97 46.07 -13.29 -21.02
CA PHE B 97 45.06 -13.68 -20.04
C PHE B 97 45.53 -13.48 -18.60
N MET B 98 46.52 -12.63 -18.39
CA MET B 98 47.08 -12.39 -17.08
C MET B 98 46.37 -11.22 -16.39
N SER B 99 46.32 -11.26 -15.07
CA SER B 99 45.67 -10.20 -14.31
C SER B 99 46.51 -8.93 -14.38
N PRO B 100 45.87 -7.77 -14.18
CA PRO B 100 46.63 -6.51 -14.25
C PRO B 100 47.81 -6.47 -13.28
N CYS B 101 47.63 -6.98 -12.06
CA CYS B 101 48.74 -7.02 -11.11
C CYS B 101 49.87 -7.91 -11.64
N ASP B 102 49.52 -9.09 -12.15
CA ASP B 102 50.54 -9.99 -12.67
C ASP B 102 51.13 -9.46 -13.97
N LYS B 103 50.33 -8.77 -14.78
CA LYS B 103 50.89 -8.12 -15.97
C LYS B 103 51.92 -7.07 -15.57
N PHE B 104 51.62 -6.27 -14.55
CA PHE B 104 52.58 -5.29 -14.06
C PHE B 104 53.84 -5.99 -13.55
N ARG B 105 53.67 -7.08 -12.80
CA ARG B 105 54.84 -7.82 -12.31
C ARG B 105 55.69 -8.33 -13.46
N ALA B 106 55.05 -8.83 -14.52
CA ALA B 106 55.79 -9.46 -15.62
C ALA B 106 56.49 -8.43 -16.47
N LYS B 107 55.72 -7.52 -17.09
CA LYS B 107 56.29 -6.60 -18.07
C LYS B 107 56.54 -5.21 -17.51
N GLY B 108 55.89 -4.83 -16.41
CA GLY B 108 56.13 -3.54 -15.80
C GLY B 108 55.40 -2.38 -16.43
N ARG B 109 54.59 -2.62 -17.47
CA ARG B 109 53.85 -1.54 -18.09
C ARG B 109 52.90 -0.91 -17.09
N LYS B 110 52.83 0.43 -17.10
CA LYS B 110 52.00 1.13 -16.14
C LYS B 110 50.52 0.86 -16.42
N PRO B 111 49.69 0.75 -15.38
CA PRO B 111 48.25 0.51 -15.59
C PRO B 111 47.49 1.79 -15.92
N CYS B 112 47.78 2.35 -17.09
CA CYS B 112 47.14 3.60 -17.49
C CYS B 112 45.64 3.43 -17.64
N LYS B 113 45.20 2.31 -18.22
CA LYS B 113 43.78 2.14 -18.52
C LYS B 113 42.94 2.08 -17.25
N LEU B 114 43.45 1.43 -16.20
CA LEU B 114 42.67 1.31 -14.97
C LEU B 114 42.46 2.68 -14.32
N MET B 115 43.52 3.47 -14.21
CA MET B 115 43.39 4.82 -13.67
C MET B 115 42.48 5.66 -14.55
N LEU B 116 42.59 5.50 -15.87
CA LEU B 116 41.71 6.21 -16.78
C LEU B 116 40.25 5.86 -16.54
N GLN B 117 39.97 4.58 -16.29
CA GLN B 117 38.59 4.16 -16.03
C GLN B 117 38.07 4.71 -14.72
N VAL B 118 38.92 4.75 -13.69
CA VAL B 118 38.50 5.34 -12.42
C VAL B 118 38.16 6.81 -12.60
N VAL B 119 39.04 7.55 -13.28
CA VAL B 119 38.79 8.96 -13.53
C VAL B 119 37.55 9.14 -14.38
N LYS B 120 37.33 8.24 -15.34
CA LYS B 120 36.14 8.30 -16.18
C LYS B 120 34.88 8.14 -15.35
N ILE B 121 34.87 7.16 -14.45
CA ILE B 121 33.72 6.98 -13.57
C ILE B 121 33.45 8.27 -12.81
N LEU B 122 34.50 8.85 -12.21
CA LEU B 122 34.30 10.06 -11.43
C LEU B 122 33.71 11.18 -12.27
N VAL B 123 34.33 11.48 -13.41
CA VAL B 123 33.92 12.64 -14.20
C VAL B 123 32.53 12.43 -14.80
N VAL B 124 32.23 11.21 -15.25
CA VAL B 124 30.91 10.93 -15.80
C VAL B 124 29.84 11.11 -14.74
N THR B 125 30.10 10.61 -13.53
CA THR B 125 29.12 10.77 -12.45
C THR B 125 28.92 12.24 -12.11
N VAL B 126 30.01 13.01 -12.06
CA VAL B 126 29.86 14.44 -11.75
C VAL B 126 29.07 15.14 -12.84
N GLN B 127 29.35 14.82 -14.10
CA GLN B 127 28.61 15.43 -15.21
C GLN B 127 27.12 15.11 -15.10
N LEU B 128 26.79 13.84 -14.83
CA LEU B 128 25.39 13.47 -14.71
C LEU B 128 24.73 14.20 -13.55
N ILE B 129 25.42 14.32 -12.41
CA ILE B 129 24.82 14.99 -11.26
C ILE B 129 24.55 16.45 -11.57
N LEU B 130 25.51 17.13 -12.20
CA LEU B 130 25.30 18.54 -12.54
C LEU B 130 24.16 18.70 -13.53
N PHE B 131 24.11 17.83 -14.54
CA PHE B 131 23.03 17.90 -15.54
C PHE B 131 21.67 17.70 -14.89
N GLY B 132 21.56 16.70 -14.00
CA GLY B 132 20.29 16.46 -13.35
C GLY B 132 19.86 17.60 -12.46
N LEU B 133 20.80 18.18 -11.70
CA LEU B 133 20.48 19.32 -10.87
C LEU B 133 20.00 20.49 -11.71
N SER B 134 20.66 20.73 -12.85
CA SER B 134 20.22 21.82 -13.73
C SER B 134 18.82 21.55 -14.29
N ASN B 135 18.56 20.32 -14.72
CA ASN B 135 17.28 20.02 -15.37
C ASN B 135 16.11 20.05 -14.40
N GLN B 136 16.34 19.65 -13.14
CA GLN B 136 15.26 19.60 -12.18
C GLN B 136 14.64 20.98 -11.97
N LEU B 137 15.46 22.03 -12.00
CA LEU B 137 14.94 23.38 -11.80
C LEU B 137 13.99 23.78 -12.91
N ALA B 138 14.35 23.50 -14.16
CA ALA B 138 13.46 23.80 -15.28
C ALA B 138 12.18 22.99 -15.19
N VAL B 139 12.29 21.71 -14.81
CA VAL B 139 11.10 20.88 -14.65
C VAL B 139 10.17 21.50 -13.62
N THR B 140 10.72 21.92 -12.49
CA THR B 140 9.91 22.53 -11.44
C THR B 140 9.26 23.81 -11.93
N PHE B 141 10.01 24.65 -12.64
CA PHE B 141 9.45 25.89 -13.16
C PHE B 141 8.25 25.62 -14.06
N ARG B 142 8.41 24.70 -15.01
CA ARG B 142 7.30 24.41 -15.93
C ARG B 142 6.11 23.83 -15.18
N GLU B 143 6.35 22.91 -14.24
CA GLU B 143 5.25 22.29 -13.53
C GLU B 143 4.49 23.30 -12.68
N GLU B 144 5.21 24.19 -12.00
CA GLU B 144 4.55 25.20 -11.17
C GLU B 144 3.74 26.16 -12.04
N ASN B 145 4.28 26.57 -13.19
CA ASN B 145 3.51 27.43 -14.08
C ASN B 145 2.26 26.73 -14.57
N THR B 146 2.35 25.44 -14.89
CA THR B 146 1.19 24.72 -15.37
C THR B 146 0.13 24.58 -14.28
N ILE B 147 0.56 24.33 -13.04
CA ILE B 147 -0.41 24.27 -11.94
C ILE B 147 -1.09 25.61 -11.75
N ALA B 148 -0.32 26.70 -11.83
CA ALA B 148 -0.91 28.02 -11.73
C ALA B 148 -1.92 28.25 -12.86
N PHE B 149 -1.60 27.80 -14.07
CA PHE B 149 -2.53 27.96 -15.19
C PHE B 149 -3.81 27.17 -14.93
N ARG B 150 -3.70 25.95 -14.41
CA ARG B 150 -4.90 25.17 -14.10
C ARG B 150 -5.76 25.88 -13.06
N HIS B 151 -5.13 26.46 -12.03
CA HIS B 151 -5.91 27.18 -11.03
C HIS B 151 -6.49 28.47 -11.58
N LEU B 152 -5.85 29.07 -12.58
CA LEU B 152 -6.31 30.35 -13.11
C LEU B 152 -7.44 30.19 -14.12
N PHE B 153 -7.36 29.18 -14.99
CA PHE B 153 -8.21 29.13 -16.18
C PHE B 153 -9.32 28.10 -16.10
N LEU B 154 -9.24 27.11 -15.23
CA LEU B 154 -10.24 26.06 -15.13
C LEU B 154 -11.22 26.39 -14.01
N LEU B 155 -12.49 26.55 -14.37
CA LEU B 155 -13.50 26.96 -13.40
C LEU B 155 -13.76 25.84 -12.40
N GLY B 156 -13.66 26.16 -11.11
CA GLY B 156 -13.91 25.19 -10.07
C GLY B 156 -12.86 24.11 -9.93
N TYR B 157 -11.65 24.35 -10.44
CA TYR B 157 -10.59 23.37 -10.34
C TYR B 157 -10.02 23.31 -8.92
N SER B 158 -9.66 22.11 -8.49
CA SER B 158 -8.97 21.91 -7.23
C SER B 158 -7.89 20.86 -7.43
N ASP B 159 -6.87 20.90 -6.58
CA ASP B 159 -5.74 20.00 -6.72
C ASP B 159 -6.18 18.55 -6.55
N GLY B 160 -5.57 17.67 -7.36
CA GLY B 160 -5.87 16.26 -7.29
C GLY B 160 -7.06 15.80 -8.09
N ALA B 161 -7.76 16.71 -8.77
CA ALA B 161 -8.98 16.38 -9.50
C ALA B 161 -8.77 16.35 -11.01
N ASP B 162 -7.53 16.26 -11.48
CA ASP B 162 -7.27 16.30 -12.92
C ASP B 162 -7.95 15.15 -13.64
N ASP B 163 -7.93 13.95 -13.04
CA ASP B 163 -8.42 12.77 -13.72
C ASP B 163 -9.94 12.81 -13.91
N THR B 164 -10.68 13.33 -12.93
CA THR B 164 -12.13 13.32 -12.97
C THR B 164 -12.75 14.64 -13.39
N PHE B 165 -11.94 15.69 -13.58
CA PHE B 165 -12.48 16.99 -13.95
C PHE B 165 -13.26 16.87 -15.27
N ALA B 166 -14.52 17.29 -15.24
CA ALA B 166 -15.39 17.12 -16.41
C ALA B 166 -16.64 17.97 -16.23
N ALA B 167 -17.28 18.27 -17.36
CA ALA B 167 -18.57 18.94 -17.38
C ALA B 167 -19.66 17.91 -17.66
N TYR B 168 -20.89 18.22 -17.21
CA TYR B 168 -22.01 17.33 -17.39
C TYR B 168 -23.28 18.02 -17.87
N THR B 169 -23.32 19.35 -17.90
CA THR B 169 -24.46 20.09 -18.41
C THR B 169 -23.98 21.15 -19.41
N ARG B 170 -24.90 21.59 -20.25
CA ARG B 170 -24.56 22.58 -21.27
C ARG B 170 -24.11 23.89 -20.63
N GLU B 171 -24.82 24.34 -19.59
CA GLU B 171 -24.42 25.57 -18.92
C GLU B 171 -23.09 25.43 -18.21
N GLN B 172 -22.77 24.23 -17.70
CA GLN B 172 -21.45 24.00 -17.13
C GLN B 172 -20.36 24.24 -18.17
N LEU B 173 -20.55 23.68 -19.38
CA LEU B 173 -19.58 23.83 -20.44
C LEU B 173 -19.43 25.29 -20.85
N TYR B 174 -20.56 25.99 -21.03
CA TYR B 174 -20.49 27.41 -21.39
C TYR B 174 -19.76 28.21 -20.32
N GLN B 175 -20.08 27.96 -19.05
CA GLN B 175 -19.43 28.69 -17.98
C GLN B 175 -17.93 28.42 -17.95
N ALA B 176 -17.53 27.17 -18.14
CA ALA B 176 -16.11 26.86 -18.15
C ALA B 176 -15.39 27.59 -19.28
N ILE B 177 -15.95 27.55 -20.49
CA ILE B 177 -15.31 28.18 -21.64
C ILE B 177 -15.19 29.69 -21.41
N PHE B 178 -16.30 30.31 -21.00
CA PHE B 178 -16.29 31.76 -20.81
C PHE B 178 -15.37 32.16 -19.67
N HIS B 179 -15.30 31.36 -18.61
CA HIS B 179 -14.38 31.65 -17.52
C HIS B 179 -12.94 31.60 -18.01
N ALA B 180 -12.60 30.59 -18.83
CA ALA B 180 -11.25 30.51 -19.35
C ALA B 180 -10.90 31.75 -20.17
N VAL B 181 -11.80 32.17 -21.05
CA VAL B 181 -11.50 33.32 -21.91
C VAL B 181 -11.42 34.60 -21.09
N ASP B 182 -12.35 34.78 -20.14
CA ASP B 182 -12.34 35.98 -19.30
C ASP B 182 -11.07 36.05 -18.47
N GLN B 183 -10.61 34.91 -17.94
CA GLN B 183 -9.37 34.89 -17.20
C GLN B 183 -8.19 35.22 -18.09
N TYR B 184 -8.20 34.72 -19.33
CA TYR B 184 -7.16 35.10 -20.27
C TYR B 184 -7.12 36.61 -20.47
N LEU B 185 -8.28 37.24 -20.59
CA LEU B 185 -8.30 38.68 -20.81
C LEU B 185 -7.98 39.47 -19.55
N ALA B 186 -8.21 38.89 -18.37
CA ALA B 186 -7.96 39.57 -17.11
C ALA B 186 -6.58 39.25 -16.51
N LEU B 187 -5.81 38.38 -17.15
CA LEU B 187 -4.55 37.91 -16.58
C LEU B 187 -3.65 39.01 -16.01
N PRO B 188 -3.41 40.12 -16.71
CA PRO B 188 -2.42 41.09 -16.20
C PRO B 188 -2.76 41.64 -14.83
N ASP B 189 -4.04 41.75 -14.48
CA ASP B 189 -4.45 42.37 -13.23
C ASP B 189 -4.66 41.39 -12.08
N VAL B 190 -4.63 40.08 -12.34
CA VAL B 190 -5.00 39.11 -11.32
C VAL B 190 -3.86 38.14 -11.03
N SER B 191 -3.03 37.87 -12.02
CA SER B 191 -2.03 36.81 -11.90
C SER B 191 -0.86 37.25 -11.03
N LEU B 192 -0.34 36.31 -10.24
CA LEU B 192 0.86 36.56 -9.45
C LEU B 192 2.11 36.52 -10.31
N GLY B 193 2.09 35.79 -11.41
CA GLY B 193 3.20 35.80 -12.34
C GLY B 193 3.13 36.97 -13.30
N ARG B 194 4.22 37.17 -14.04
CA ARG B 194 4.31 38.20 -15.05
C ARG B 194 4.36 37.53 -16.42
N TYR B 195 3.34 37.79 -17.24
CA TYR B 195 3.21 37.15 -18.53
C TYR B 195 2.96 38.20 -19.62
N ALA B 196 3.47 37.92 -20.81
CA ALA B 196 3.26 38.76 -21.97
C ALA B 196 2.48 37.98 -23.02
N TYR B 197 1.63 38.69 -23.76
CA TYR B 197 0.80 38.06 -24.78
C TYR B 197 1.59 37.83 -26.06
N VAL B 198 1.16 36.82 -26.81
CA VAL B 198 1.71 36.51 -28.13
C VAL B 198 0.56 36.58 -29.14
N ARG B 199 0.84 37.17 -30.30
CA ARG B 199 -0.16 37.35 -31.35
C ARG B 199 0.37 36.77 -32.65
N GLY B 200 -0.56 36.33 -33.50
CA GLY B 200 -0.20 35.82 -34.80
C GLY B 200 0.64 34.56 -34.71
N GLY B 201 1.51 34.40 -35.70
CA GLY B 201 2.42 33.26 -35.74
C GLY B 201 1.87 32.02 -36.39
N GLY B 202 0.82 32.12 -37.18
CA GLY B 202 0.27 30.98 -37.88
C GLY B 202 -0.90 30.34 -37.16
N ASP B 203 -1.32 29.19 -37.69
CA ASP B 203 -2.49 28.52 -37.18
C ASP B 203 -2.27 28.06 -35.74
N PRO B 204 -3.34 28.02 -34.92
CA PRO B 204 -4.72 28.34 -35.26
C PRO B 204 -5.03 29.83 -35.12
N TRP B 205 -4.00 30.65 -34.91
CA TRP B 205 -4.18 32.08 -34.68
C TRP B 205 -4.07 32.84 -36.00
N THR B 206 -5.03 33.73 -36.24
CA THR B 206 -4.87 34.71 -37.30
C THR B 206 -3.87 35.78 -36.85
N ASN B 207 -3.57 36.71 -37.74
CA ASN B 207 -2.63 37.77 -37.41
C ASN B 207 -3.25 38.74 -36.41
N GLY B 208 -2.53 39.02 -35.33
CA GLY B 208 -2.99 39.95 -34.33
C GLY B 208 -3.93 39.39 -33.30
N SER B 209 -4.16 38.08 -33.28
CA SER B 209 -5.03 37.45 -32.31
C SER B 209 -4.20 36.61 -31.35
N GLY B 210 -4.55 36.67 -30.07
CA GLY B 210 -3.81 35.95 -29.05
C GLY B 210 -4.44 34.63 -28.64
N LEU B 211 -5.76 34.57 -28.64
CA LEU B 211 -6.48 33.38 -28.20
C LEU B 211 -7.34 32.85 -29.34
N ALA B 212 -7.31 31.54 -29.55
CA ALA B 212 -8.13 30.87 -30.54
C ALA B 212 -9.08 29.92 -29.84
N LEU B 213 -10.38 30.11 -30.03
CA LEU B 213 -11.42 29.29 -29.44
C LEU B 213 -12.13 28.54 -30.56
N CYS B 214 -11.86 27.25 -30.70
CA CYS B 214 -12.31 26.47 -31.85
C CYS B 214 -13.23 25.35 -31.40
N GLN B 215 -14.29 25.13 -32.15
CA GLN B 215 -15.18 23.99 -31.96
C GLN B 215 -15.16 23.13 -33.20
N ARG B 216 -15.02 21.82 -33.01
CA ARG B 216 -14.95 20.85 -34.09
C ARG B 216 -16.13 19.91 -34.00
N TYR B 217 -16.87 19.80 -35.11
CA TYR B 217 -18.09 19.00 -35.15
C TYR B 217 -18.23 18.35 -36.53
N TYR B 218 -19.05 17.32 -36.61
CA TYR B 218 -19.20 16.59 -37.86
C TYR B 218 -19.83 17.46 -38.94
N HIS B 219 -19.43 17.22 -40.19
CA HIS B 219 -19.92 18.01 -41.31
C HIS B 219 -21.44 17.96 -41.41
N ARG B 220 -22.00 16.75 -41.42
CA ARG B 220 -23.44 16.55 -41.35
C ARG B 220 -23.72 15.55 -40.24
N GLY B 221 -24.58 15.93 -39.30
CA GLY B 221 -24.99 15.03 -38.25
C GLY B 221 -26.47 15.08 -37.96
N HIS B 222 -27.17 14.00 -38.22
CA HIS B 222 -28.58 13.84 -37.86
C HIS B 222 -28.69 12.61 -36.98
N VAL B 223 -29.13 12.79 -35.74
CA VAL B 223 -29.21 11.72 -34.77
C VAL B 223 -30.62 11.73 -34.18
N ASP B 224 -31.37 10.66 -34.39
CA ASP B 224 -32.73 10.52 -33.89
C ASP B 224 -32.81 9.17 -33.16
N PRO B 225 -32.37 9.13 -31.91
CA PRO B 225 -32.48 7.88 -31.14
C PRO B 225 -33.92 7.44 -30.91
N ALA B 226 -34.88 8.37 -30.99
CA ALA B 226 -36.28 7.98 -30.83
C ALA B 226 -36.70 7.01 -31.93
N ASN B 227 -36.31 7.29 -33.18
CA ASN B 227 -36.59 6.41 -34.29
C ASN B 227 -35.45 5.44 -34.57
N ASP B 228 -34.37 5.48 -33.78
CA ASP B 228 -33.21 4.63 -34.00
C ASP B 228 -32.61 4.88 -35.37
N THR B 229 -32.48 6.15 -35.74
CA THR B 229 -31.98 6.53 -37.06
C THR B 229 -30.83 7.51 -36.92
N PHE B 230 -29.91 7.48 -37.88
CA PHE B 230 -28.86 8.47 -37.90
C PHE B 230 -28.28 8.57 -39.31
N ASP B 231 -27.85 9.79 -39.65
CA ASP B 231 -27.21 10.08 -40.93
C ASP B 231 -26.04 11.01 -40.65
N ILE B 232 -24.82 10.50 -40.74
CA ILE B 232 -23.62 11.23 -40.35
C ILE B 232 -22.60 11.17 -41.47
N ASP B 233 -22.10 12.34 -41.88
CA ASP B 233 -20.89 12.42 -42.68
C ASP B 233 -19.74 12.65 -41.71
N PRO B 234 -18.80 11.70 -41.55
CA PRO B 234 -17.82 11.83 -40.46
C PRO B 234 -16.75 12.88 -40.72
N MET B 235 -16.91 13.70 -41.74
CA MET B 235 -15.96 14.77 -41.99
C MET B 235 -16.06 15.82 -40.89
N VAL B 236 -14.92 16.24 -40.36
CA VAL B 236 -14.87 17.17 -39.24
C VAL B 236 -14.71 18.58 -39.77
N VAL B 237 -15.54 19.50 -39.28
CA VAL B 237 -15.50 20.90 -39.62
C VAL B 237 -15.10 21.68 -38.36
N THR B 238 -14.21 22.65 -38.54
CA THR B 238 -13.66 23.45 -37.46
C THR B 238 -14.11 24.89 -37.62
N ASP B 239 -14.67 25.46 -36.55
CA ASP B 239 -15.07 26.87 -36.53
C ASP B 239 -14.33 27.55 -35.38
N CYS B 240 -13.56 28.59 -35.70
CA CYS B 240 -12.66 29.22 -34.76
C CYS B 240 -13.03 30.69 -34.59
N ILE B 241 -13.08 31.14 -33.34
CA ILE B 241 -13.23 32.55 -32.99
C ILE B 241 -11.88 33.05 -32.48
N GLN B 242 -11.49 34.23 -32.93
CA GLN B 242 -10.21 34.83 -32.58
C GLN B 242 -10.43 35.96 -31.60
N VAL B 243 -9.69 35.93 -30.49
CA VAL B 243 -9.78 36.94 -29.45
C VAL B 243 -8.43 37.62 -29.35
N ASP B 244 -8.42 38.95 -29.50
CA ASP B 244 -7.23 39.78 -29.36
C ASP B 244 -7.03 40.14 -27.90
N PRO B 245 -5.82 39.98 -27.36
CA PRO B 245 -5.60 40.37 -25.97
C PRO B 245 -5.81 41.86 -25.79
N PRO B 246 -6.20 42.30 -24.60
CA PRO B 246 -6.52 43.72 -24.40
C PRO B 246 -5.28 44.59 -24.46
N GLU B 247 -5.50 45.85 -24.83
CA GLU B 247 -4.44 46.86 -24.86
C GLU B 247 -4.45 47.57 -23.50
N ARG B 248 -3.38 47.36 -22.72
CA ARG B 248 -3.26 47.99 -21.41
C ARG B 248 -2.34 49.20 -21.49
N SER B 264 -16.16 41.27 -27.88
CA SER B 264 -16.51 40.10 -27.07
C SER B 264 -17.42 39.17 -27.86
N SER B 265 -17.14 39.00 -29.15
CA SER B 265 -17.94 38.12 -29.98
C SER B 265 -17.86 36.67 -29.52
N TYR B 266 -16.83 36.31 -28.74
CA TYR B 266 -16.74 34.96 -28.21
C TYR B 266 -17.90 34.64 -27.26
N LYS B 267 -18.55 35.65 -26.70
CA LYS B 267 -19.74 35.43 -25.88
C LYS B 267 -20.95 35.04 -26.71
N ASN B 268 -20.88 35.16 -28.03
CA ASN B 268 -21.94 34.70 -28.92
C ASN B 268 -21.72 33.27 -29.41
N LEU B 269 -20.79 32.55 -28.79
CA LEU B 269 -20.52 31.16 -29.19
C LEU B 269 -21.78 30.33 -29.05
N THR B 270 -22.03 29.48 -30.06
CA THR B 270 -23.18 28.57 -30.06
C THR B 270 -22.66 27.18 -30.40
N LEU B 271 -22.71 26.28 -29.44
CA LEU B 271 -22.15 24.94 -29.60
C LEU B 271 -23.17 24.02 -30.28
N LYS B 272 -22.67 23.20 -31.21
CA LYS B 272 -23.49 22.20 -31.89
C LYS B 272 -23.39 20.90 -31.11
N PHE B 273 -24.18 20.82 -30.04
CA PHE B 273 -23.99 19.78 -29.03
C PHE B 273 -24.15 18.38 -29.60
N HIS B 274 -25.17 18.17 -30.44
CA HIS B 274 -25.47 16.82 -30.90
C HIS B 274 -24.42 16.28 -31.85
N LYS B 275 -23.66 17.14 -32.52
CA LYS B 275 -22.61 16.73 -33.45
C LYS B 275 -21.24 17.22 -33.02
N LEU B 276 -21.09 17.71 -31.80
CA LEU B 276 -19.82 18.27 -31.35
C LEU B 276 -18.78 17.17 -31.17
N VAL B 277 -17.59 17.38 -31.73
CA VAL B 277 -16.47 16.48 -31.52
C VAL B 277 -15.59 16.96 -30.37
N ASN B 278 -15.20 18.24 -30.37
CA ASN B 278 -14.53 18.79 -29.20
C ASN B 278 -14.47 20.31 -29.28
N VAL B 279 -13.99 20.91 -28.20
CA VAL B 279 -13.72 22.33 -28.14
C VAL B 279 -12.31 22.53 -27.61
N THR B 280 -11.57 23.48 -28.20
CA THR B 280 -10.21 23.76 -27.78
C THR B 280 -9.99 25.26 -27.65
N ILE B 281 -9.14 25.63 -26.70
CA ILE B 281 -8.69 27.00 -26.51
C ILE B 281 -7.16 26.99 -26.56
N HIS B 282 -6.60 27.82 -27.43
CA HIS B 282 -5.16 27.88 -27.66
C HIS B 282 -4.67 29.29 -27.40
N PHE B 283 -3.63 29.44 -26.58
CA PHE B 283 -2.98 30.74 -26.48
C PHE B 283 -1.57 30.58 -25.95
N ARG B 284 -0.74 31.58 -26.19
CA ARG B 284 0.66 31.57 -25.79
C ARG B 284 0.94 32.69 -24.81
N LEU B 285 1.82 32.41 -23.84
CA LEU B 285 2.22 33.37 -22.82
C LEU B 285 3.74 33.38 -22.70
N LYS B 286 4.33 34.57 -22.64
CA LYS B 286 5.76 34.72 -22.48
C LYS B 286 6.10 35.12 -21.04
N THR B 287 7.15 34.51 -20.50
CA THR B 287 7.60 34.82 -19.15
C THR B 287 9.11 34.66 -19.08
N ILE B 288 9.69 35.23 -18.03
CA ILE B 288 11.13 35.14 -17.76
C ILE B 288 11.32 34.32 -16.49
N ASN B 289 12.27 33.37 -16.55
CA ASN B 289 12.53 32.47 -15.43
C ASN B 289 13.56 33.11 -14.50
N LEU B 290 13.07 33.98 -13.62
CA LEU B 290 13.95 34.67 -12.67
C LEU B 290 14.61 33.69 -11.71
N GLN B 291 13.91 32.60 -11.36
CA GLN B 291 14.45 31.64 -10.41
C GLN B 291 15.87 31.19 -10.76
N SER B 292 16.26 31.30 -12.03
CA SER B 292 17.58 30.87 -12.44
C SER B 292 18.68 31.55 -11.63
N LEU B 293 18.43 32.77 -11.16
CA LEU B 293 19.46 33.48 -10.40
C LEU B 293 19.90 32.68 -9.17
N ILE B 294 19.04 31.80 -8.66
CA ILE B 294 19.42 31.02 -7.48
C ILE B 294 20.62 30.14 -7.80
N ASN B 295 20.69 29.61 -9.02
CA ASN B 295 21.81 28.81 -9.46
C ASN B 295 22.89 29.62 -10.16
N ASN B 296 22.80 30.96 -10.11
CA ASN B 296 23.79 31.84 -10.72
C ASN B 296 23.79 31.71 -12.24
N GLU B 297 22.71 31.19 -12.80
CA GLU B 297 22.52 31.12 -14.24
C GLU B 297 21.84 32.40 -14.72
N ILE B 298 22.04 32.68 -16.01
CA ILE B 298 21.33 33.81 -16.63
C ILE B 298 19.89 33.39 -16.92
N PRO B 299 18.89 34.16 -16.48
CA PRO B 299 17.51 33.77 -16.77
C PRO B 299 17.26 33.64 -18.27
N ASP B 300 16.49 32.62 -18.64
CA ASP B 300 16.07 32.39 -20.01
C ASP B 300 14.61 32.74 -20.17
N CYS B 301 14.17 32.83 -21.42
CA CYS B 301 12.83 33.29 -21.76
C CYS B 301 11.98 32.10 -22.18
N TYR B 302 10.86 31.90 -21.48
CA TYR B 302 9.94 30.81 -21.76
C TYR B 302 8.72 31.32 -22.52
N THR B 303 8.28 30.54 -23.50
CA THR B 303 6.98 30.71 -24.12
C THR B 303 6.17 29.45 -23.87
N PHE B 304 5.08 29.58 -23.11
CA PHE B 304 4.17 28.49 -22.84
C PHE B 304 3.03 28.54 -23.84
N SER B 305 2.84 27.46 -24.58
CA SER B 305 1.67 27.27 -25.42
C SER B 305 0.66 26.45 -24.61
N VAL B 306 -0.50 27.04 -24.34
CA VAL B 306 -1.51 26.48 -23.47
C VAL B 306 -2.67 26.01 -24.34
N LEU B 307 -3.03 24.74 -24.18
CA LEU B 307 -4.15 24.12 -24.87
C LEU B 307 -5.13 23.61 -23.82
N ILE B 308 -6.36 24.11 -23.85
CA ILE B 308 -7.44 23.65 -22.99
C ILE B 308 -8.42 22.89 -23.86
N THR B 309 -8.67 21.62 -23.50
CA THR B 309 -9.50 20.72 -24.30
C THR B 309 -10.74 20.33 -23.52
N PHE B 310 -11.90 20.54 -24.13
CA PHE B 310 -13.17 19.98 -23.69
C PHE B 310 -13.53 18.88 -24.68
N ASP B 311 -13.39 17.62 -24.26
CA ASP B 311 -13.41 16.49 -25.16
C ASP B 311 -14.78 15.80 -25.15
N ASN B 312 -15.36 15.64 -26.35
CA ASN B 312 -16.65 15.00 -26.50
C ASN B 312 -16.59 13.87 -27.53
N LYS B 313 -15.45 13.20 -27.66
CA LYS B 313 -15.34 12.15 -28.67
C LYS B 313 -16.03 10.86 -28.26
N ALA B 314 -16.35 10.68 -26.98
CA ALA B 314 -17.12 9.54 -26.53
C ALA B 314 -18.63 9.73 -26.72
N HIS B 315 -19.10 10.98 -26.79
CA HIS B 315 -20.52 11.26 -26.94
C HIS B 315 -21.35 10.55 -25.88
N SER B 316 -20.85 10.58 -24.64
CA SER B 316 -21.43 9.82 -23.54
C SER B 316 -22.12 10.69 -22.51
N GLY B 317 -22.32 11.97 -22.80
CA GLY B 317 -22.89 12.89 -21.83
C GLY B 317 -21.92 13.42 -20.81
N ARG B 318 -20.66 12.98 -20.84
CA ARG B 318 -19.62 13.45 -19.94
C ARG B 318 -18.46 13.98 -20.78
N ILE B 319 -18.13 15.25 -20.61
CA ILE B 319 -17.08 15.89 -21.40
C ILE B 319 -15.90 16.21 -20.50
N PRO B 320 -14.82 15.42 -20.54
CA PRO B 320 -13.65 15.76 -19.73
C PRO B 320 -12.99 17.06 -20.17
N ILE B 321 -12.40 17.74 -19.20
CA ILE B 321 -11.72 19.01 -19.41
C ILE B 321 -10.28 18.86 -18.96
N SER B 322 -9.35 19.27 -19.80
CA SER B 322 -7.93 19.16 -19.47
C SER B 322 -7.19 20.41 -19.95
N LEU B 323 -6.06 20.68 -19.29
CA LEU B 323 -5.16 21.77 -19.65
C LEU B 323 -3.76 21.22 -19.82
N GLU B 324 -3.12 21.53 -20.95
CA GLU B 324 -1.77 21.09 -21.23
C GLU B 324 -0.92 22.27 -21.70
N THR B 325 0.38 22.19 -21.41
CA THR B 325 1.32 23.24 -21.78
C THR B 325 2.51 22.64 -22.50
N GLN B 326 3.03 23.37 -23.48
CA GLN B 326 4.30 23.07 -24.10
C GLN B 326 5.21 24.28 -23.94
N ALA B 327 6.43 24.06 -23.43
CA ALA B 327 7.36 25.13 -23.13
C ALA B 327 8.44 25.19 -24.18
N HIS B 328 8.63 26.38 -24.76
CA HIS B 328 9.72 26.65 -25.69
C HIS B 328 10.66 27.65 -25.02
N ILE B 329 11.92 27.27 -24.87
CA ILE B 329 12.90 28.04 -24.10
C ILE B 329 13.90 28.66 -25.06
N GLN B 330 14.10 29.97 -24.93
CA GLN B 330 15.11 30.70 -25.70
C GLN B 330 15.99 31.48 -24.74
N GLU B 331 17.06 32.05 -25.29
CA GLU B 331 17.88 33.00 -24.56
C GLU B 331 17.28 34.39 -24.74
N CYS B 332 17.11 35.11 -23.63
CA CYS B 332 16.49 36.43 -23.69
C CYS B 332 17.40 37.39 -24.46
N LYS B 333 16.78 38.24 -25.28
CA LYS B 333 17.50 39.02 -26.27
C LYS B 333 18.30 40.18 -25.69
N HIS B 334 18.14 40.49 -24.40
CA HIS B 334 18.91 41.56 -23.75
C HIS B 334 18.95 41.30 -22.25
N PRO B 335 19.71 40.29 -21.83
CA PRO B 335 19.81 39.98 -20.40
C PRO B 335 20.90 40.77 -19.70
N SER B 336 20.54 41.36 -18.56
CA SER B 336 21.47 42.17 -17.78
C SER B 336 21.22 41.87 -16.31
N VAL B 337 22.10 41.08 -15.70
CA VAL B 337 22.00 40.77 -14.28
C VAL B 337 22.93 41.67 -13.49
N SER B 344 31.77 29.65 -17.54
CA SER B 344 32.55 28.94 -18.56
C SER B 344 32.89 27.53 -18.10
N PHE B 345 32.80 27.28 -16.80
CA PHE B 345 33.14 25.96 -16.25
C PHE B 345 31.95 25.02 -16.28
N ARG B 346 31.31 24.93 -17.43
CA ARG B 346 30.34 23.90 -17.75
C ARG B 346 30.58 23.28 -19.11
N LEU B 347 31.10 24.05 -20.06
CA LEU B 347 31.52 23.51 -21.34
C LEU B 347 32.91 22.88 -21.24
N LEU B 348 33.79 23.47 -20.44
CA LEU B 348 35.12 22.92 -20.26
C LEU B 348 35.05 21.51 -19.67
N PHE B 349 34.19 21.31 -18.67
CA PHE B 349 34.04 19.97 -18.12
C PHE B 349 33.47 19.01 -19.16
N ASP B 350 32.60 19.50 -20.03
CA ASP B 350 32.03 18.63 -21.07
C ASP B 350 33.10 18.18 -22.05
N VAL B 351 33.97 19.10 -22.50
CA VAL B 351 35.04 18.70 -23.40
C VAL B 351 36.04 17.80 -22.67
N VAL B 352 36.25 18.02 -21.38
CA VAL B 352 37.12 17.13 -20.60
C VAL B 352 36.53 15.72 -20.59
N VAL B 353 35.21 15.60 -20.38
CA VAL B 353 34.56 14.30 -20.40
C VAL B 353 34.71 13.66 -21.76
N ILE B 354 34.52 14.44 -22.83
CA ILE B 354 34.65 13.88 -24.17
C ILE B 354 36.07 13.36 -24.41
N LEU B 355 37.07 14.13 -23.99
CA LEU B 355 38.46 13.68 -24.17
C LEU B 355 38.75 12.42 -23.38
N THR B 356 38.29 12.36 -22.13
CA THR B 356 38.50 11.17 -21.30
C THR B 356 37.87 9.95 -21.97
N CYS B 357 36.64 10.09 -22.44
CA CYS B 357 35.95 8.98 -23.07
C CYS B 357 36.61 8.58 -24.37
N SER B 358 37.13 9.55 -25.13
CA SER B 358 37.82 9.22 -26.38
C SER B 358 39.11 8.45 -26.11
N LEU B 359 39.87 8.87 -25.10
CA LEU B 359 41.08 8.13 -24.73
C LEU B 359 40.73 6.71 -24.29
N SER B 360 39.69 6.57 -23.46
CA SER B 360 39.25 5.24 -23.04
C SER B 360 38.86 4.40 -24.24
N PHE B 361 38.11 4.97 -25.18
CA PHE B 361 37.69 4.25 -26.37
C PHE B 361 38.89 3.79 -27.18
N LEU B 362 39.88 4.66 -27.37
CA LEU B 362 41.05 4.29 -28.15
C LEU B 362 41.80 3.14 -27.48
N LEU B 363 42.01 3.24 -26.17
CA LEU B 363 42.74 2.17 -25.48
C LEU B 363 41.98 0.86 -25.51
N CYS B 364 40.66 0.90 -25.29
CA CYS B 364 39.88 -0.33 -25.31
C CYS B 364 39.85 -0.94 -26.71
N ALA B 365 39.75 -0.11 -27.75
CA ALA B 365 39.79 -0.63 -29.11
C ALA B 365 41.14 -1.26 -29.41
N ARG B 366 42.23 -0.66 -28.94
CA ARG B 366 43.54 -1.26 -29.11
C ARG B 366 43.61 -2.62 -28.43
N SER B 367 43.08 -2.72 -27.21
CA SER B 367 43.08 -4.00 -26.50
C SER B 367 42.26 -5.04 -27.25
N LEU B 368 41.10 -4.65 -27.77
CA LEU B 368 40.26 -5.60 -28.50
C LEU B 368 40.93 -6.06 -29.79
N LEU B 369 41.61 -5.15 -30.49
CA LEU B 369 42.38 -5.53 -31.67
C LEU B 369 43.50 -6.49 -31.31
N ARG B 370 44.18 -6.24 -30.19
CA ARG B 370 45.20 -7.17 -29.70
C ARG B 370 44.60 -8.56 -29.49
N GLY B 371 43.44 -8.62 -28.84
CA GLY B 371 42.81 -9.90 -28.60
C GLY B 371 42.43 -10.61 -29.88
N PHE B 372 41.88 -9.88 -30.85
CA PHE B 372 41.51 -10.49 -32.12
C PHE B 372 42.72 -11.04 -32.85
N LEU B 373 43.83 -10.27 -32.88
CA LEU B 373 45.02 -10.75 -33.56
C LEU B 373 45.58 -11.99 -32.86
N LEU B 374 45.60 -12.00 -31.53
CA LEU B 374 46.08 -13.17 -30.81
C LEU B 374 45.18 -14.38 -31.06
N GLN B 375 43.87 -14.16 -31.13
CA GLN B 375 42.95 -15.26 -31.43
C GLN B 375 43.23 -15.83 -32.81
N ASN B 376 43.44 -14.96 -33.80
CA ASN B 376 43.74 -15.43 -35.15
C ASN B 376 45.03 -16.23 -35.17
N GLU B 377 46.06 -15.73 -34.49
CA GLU B 377 47.33 -16.45 -34.44
C GLU B 377 47.16 -17.82 -33.79
N PHE B 378 46.43 -17.88 -32.68
CA PHE B 378 46.23 -19.16 -31.99
C PHE B 378 45.47 -20.13 -32.86
N VAL B 379 44.41 -19.67 -33.54
CA VAL B 379 43.64 -20.55 -34.41
C VAL B 379 44.51 -21.08 -35.53
N GLY B 380 45.29 -20.20 -36.16
CA GLY B 380 46.16 -20.63 -37.24
C GLY B 380 47.18 -21.65 -36.77
N PHE B 381 47.78 -21.41 -35.60
CA PHE B 381 48.78 -22.34 -35.09
C PHE B 381 48.16 -23.70 -34.75
N MET B 382 47.00 -23.69 -34.08
CA MET B 382 46.37 -24.95 -33.69
C MET B 382 45.93 -25.74 -34.91
N TRP B 383 45.40 -25.07 -35.94
CA TRP B 383 45.00 -25.79 -37.14
C TRP B 383 46.17 -26.47 -37.82
N ARG B 384 47.40 -26.02 -37.54
CA ARG B 384 48.59 -26.63 -38.12
C ARG B 384 49.15 -27.70 -37.18
N SER B 391 36.59 -24.21 -33.10
CA SER B 391 35.25 -23.90 -32.59
C SER B 391 35.06 -22.40 -32.46
N LEU B 392 33.82 -21.98 -32.18
CA LEU B 392 33.49 -20.58 -32.01
C LEU B 392 33.37 -20.19 -30.53
N TRP B 393 32.70 -21.00 -29.72
CA TRP B 393 32.59 -20.68 -28.30
C TRP B 393 33.96 -20.61 -27.65
N GLU B 394 34.93 -21.37 -28.17
CA GLU B 394 36.31 -21.25 -27.70
C GLU B 394 37.04 -20.11 -28.40
N ARG B 395 36.61 -19.74 -29.61
CA ARG B 395 37.27 -18.67 -30.34
C ARG B 395 36.93 -17.30 -29.77
N LEU B 396 35.73 -17.14 -29.22
CA LEU B 396 35.32 -15.88 -28.62
C LEU B 396 35.80 -15.73 -27.18
N GLU B 397 36.46 -16.76 -26.62
CA GLU B 397 37.02 -16.64 -25.28
C GLU B 397 38.09 -15.56 -25.23
N PHE B 398 38.66 -15.18 -26.37
CA PHE B 398 39.65 -14.11 -26.43
C PHE B 398 39.01 -12.72 -26.31
N VAL B 399 37.69 -12.63 -26.33
CA VAL B 399 36.99 -11.35 -26.29
C VAL B 399 36.81 -10.92 -24.84
N ASN B 400 37.24 -9.71 -24.52
CA ASN B 400 37.06 -9.13 -23.20
C ASN B 400 35.74 -8.36 -23.20
N GLY B 401 34.70 -8.97 -22.61
CA GLY B 401 33.39 -8.35 -22.61
C GLY B 401 33.36 -7.05 -21.83
N TRP B 402 34.18 -6.93 -20.78
CA TRP B 402 34.25 -5.69 -20.03
C TRP B 402 34.67 -4.54 -20.94
N TYR B 403 35.60 -4.80 -21.87
CA TYR B 403 36.01 -3.76 -22.80
C TYR B 403 34.92 -3.44 -23.81
N ILE B 404 34.11 -4.42 -24.20
CA ILE B 404 32.95 -4.13 -25.04
C ILE B 404 32.01 -3.18 -24.31
N LEU B 405 31.74 -3.47 -23.03
CA LEU B 405 30.88 -2.61 -22.24
C LEU B 405 31.48 -1.21 -22.11
N LEU B 406 32.79 -1.13 -21.90
CA LEU B 406 33.43 0.18 -21.77
C LEU B 406 33.35 0.97 -23.08
N VAL B 407 33.53 0.30 -24.22
CA VAL B 407 33.42 0.97 -25.50
C VAL B 407 31.99 1.48 -25.72
N THR B 408 31.01 0.65 -25.38
CA THR B 408 29.61 1.08 -25.50
C THR B 408 29.36 2.30 -24.63
N SER B 409 29.84 2.28 -23.40
CA SER B 409 29.63 3.41 -22.50
C SER B 409 30.33 4.65 -23.02
N ASP B 410 31.53 4.51 -23.60
CA ASP B 410 32.22 5.66 -24.15
C ASP B 410 31.44 6.27 -25.30
N VAL B 411 30.93 5.44 -26.21
CA VAL B 411 30.15 5.96 -27.33
C VAL B 411 28.91 6.68 -26.82
N LEU B 412 28.19 6.04 -25.89
CA LEU B 412 26.98 6.64 -25.35
C LEU B 412 27.29 7.97 -24.67
N THR B 413 28.36 8.02 -23.89
CA THR B 413 28.71 9.24 -23.17
C THR B 413 29.09 10.35 -24.12
N ILE B 414 29.85 10.04 -25.18
CA ILE B 414 30.24 11.09 -26.13
C ILE B 414 29.01 11.64 -26.83
N SER B 415 28.12 10.75 -27.30
CA SER B 415 26.92 11.21 -27.97
C SER B 415 26.06 12.06 -27.03
N GLY B 416 25.87 11.60 -25.80
CA GLY B 416 25.06 12.34 -24.85
C GLY B 416 25.68 13.67 -24.48
N THR B 417 27.00 13.73 -24.39
CA THR B 417 27.67 14.98 -24.08
C THR B 417 27.53 15.99 -25.22
N ILE B 418 27.63 15.51 -26.47
CA ILE B 418 27.41 16.41 -27.60
C ILE B 418 25.98 16.96 -27.58
N MET B 419 25.01 16.07 -27.34
CA MET B 419 23.62 16.52 -27.28
C MET B 419 23.40 17.49 -26.13
N LYS B 420 24.04 17.23 -24.99
CA LYS B 420 23.90 18.13 -23.84
C LYS B 420 24.51 19.49 -24.12
N ILE B 421 25.67 19.52 -24.78
CA ILE B 421 26.27 20.78 -25.17
C ILE B 421 25.33 21.56 -26.06
N GLY B 422 24.72 20.88 -27.04
CA GLY B 422 23.75 21.55 -27.89
C GLY B 422 22.55 22.06 -27.12
N ILE B 423 22.06 21.27 -26.17
CA ILE B 423 20.88 21.65 -25.41
C ILE B 423 21.16 22.88 -24.56
N GLU B 424 22.28 22.90 -23.84
CA GLU B 424 22.60 24.02 -22.98
C GLU B 424 22.84 25.30 -23.76
N ALA B 425 23.13 25.19 -25.06
CA ALA B 425 23.21 26.34 -25.94
C ALA B 425 21.86 26.78 -26.46
N LYS B 426 20.79 26.08 -26.08
CA LYS B 426 19.43 26.34 -26.56
C LYS B 426 19.27 26.02 -28.04
N ASN B 427 20.17 25.20 -28.60
CA ASN B 427 20.09 24.78 -29.98
C ASN B 427 19.32 23.49 -30.18
N LEU B 428 19.09 22.72 -29.10
CA LEU B 428 18.27 21.52 -29.17
C LEU B 428 17.29 21.50 -28.02
N ALA B 429 16.26 20.67 -28.15
CA ALA B 429 15.28 20.47 -27.10
C ALA B 429 14.97 18.99 -26.91
N SER B 430 15.92 18.12 -27.24
CA SER B 430 15.74 16.67 -27.12
C SER B 430 16.30 16.20 -25.78
N TYR B 431 15.62 16.60 -24.71
CA TYR B 431 16.07 16.26 -23.37
C TYR B 431 15.99 14.76 -23.12
N ASP B 432 14.94 14.11 -23.63
CA ASP B 432 14.71 12.70 -23.32
C ASP B 432 15.85 11.82 -23.84
N VAL B 433 16.23 12.02 -25.10
CA VAL B 433 17.26 11.16 -25.70
C VAL B 433 18.60 11.37 -25.01
N CYS B 434 18.98 12.62 -24.78
CA CYS B 434 20.23 12.90 -24.10
C CYS B 434 20.24 12.33 -22.69
N SER B 435 19.15 12.50 -21.96
CA SER B 435 19.08 11.95 -20.61
C SER B 435 19.19 10.44 -20.61
N ILE B 436 18.52 9.77 -21.56
CA ILE B 436 18.60 8.31 -21.64
C ILE B 436 20.03 7.89 -21.94
N LEU B 437 20.67 8.56 -22.89
CA LEU B 437 22.04 8.21 -23.25
C LEU B 437 22.97 8.33 -22.04
N LEU B 438 22.94 9.49 -21.38
CA LEU B 438 23.85 9.71 -20.27
C LEU B 438 23.55 8.79 -19.09
N GLY B 439 22.28 8.58 -18.78
CA GLY B 439 21.93 7.69 -17.69
C GLY B 439 22.34 6.26 -17.94
N THR B 440 22.11 5.76 -19.15
CA THR B 440 22.53 4.41 -19.47
C THR B 440 24.05 4.28 -19.42
N SER B 441 24.76 5.30 -19.90
CA SER B 441 26.22 5.26 -19.84
C SER B 441 26.71 5.24 -18.39
N THR B 442 26.09 6.04 -17.52
CA THR B 442 26.48 6.05 -16.12
C THR B 442 26.19 4.70 -15.47
N LEU B 443 25.03 4.10 -15.79
CA LEU B 443 24.71 2.78 -15.29
C LEU B 443 25.77 1.77 -15.72
N LEU B 444 26.18 1.80 -16.99
CA LEU B 444 27.15 0.84 -17.48
C LEU B 444 28.52 1.04 -16.82
N VAL B 445 28.96 2.29 -16.65
CA VAL B 445 30.26 2.52 -16.05
C VAL B 445 30.25 2.09 -14.58
N TRP B 446 29.12 2.26 -13.89
CA TRP B 446 29.06 1.80 -12.52
C TRP B 446 28.96 0.28 -12.42
N VAL B 447 28.31 -0.36 -13.41
CA VAL B 447 28.30 -1.82 -13.45
C VAL B 447 29.71 -2.33 -13.69
N GLY B 448 30.50 -1.61 -14.50
CA GLY B 448 31.86 -2.04 -14.81
C GLY B 448 32.77 -2.15 -13.61
N VAL B 449 32.41 -1.52 -12.48
CA VAL B 449 33.22 -1.61 -11.28
C VAL B 449 33.31 -3.05 -10.77
N ILE B 450 32.35 -3.90 -11.14
CA ILE B 450 32.39 -5.30 -10.74
C ILE B 450 33.67 -5.98 -11.21
N ARG B 451 34.25 -5.49 -12.31
CA ARG B 451 35.47 -6.09 -12.82
C ARG B 451 36.61 -6.00 -11.82
N TYR B 452 36.70 -4.87 -11.11
CA TYR B 452 37.76 -4.72 -10.12
C TYR B 452 37.58 -5.69 -8.96
N LEU B 453 36.34 -5.86 -8.50
CA LEU B 453 36.08 -6.87 -7.47
C LEU B 453 36.37 -8.27 -7.98
N THR B 454 36.23 -8.51 -9.28
CA THR B 454 36.47 -9.83 -9.84
C THR B 454 37.91 -10.29 -9.60
N PHE B 455 38.85 -9.38 -9.36
CA PHE B 455 40.24 -9.75 -9.17
C PHE B 455 40.54 -10.28 -7.78
N PHE B 456 39.58 -10.24 -6.86
CA PHE B 456 39.76 -10.72 -5.50
C PHE B 456 38.90 -11.96 -5.29
N HIS B 457 39.50 -12.99 -4.69
CA HIS B 457 38.90 -14.32 -4.69
C HIS B 457 37.53 -14.33 -3.99
N ASN B 458 37.43 -13.65 -2.84
CA ASN B 458 36.20 -13.73 -2.06
C ASN B 458 35.03 -13.04 -2.77
N TYR B 459 35.31 -11.98 -3.54
CA TYR B 459 34.27 -11.34 -4.32
C TYR B 459 34.02 -12.12 -5.62
N ASN B 460 35.09 -12.68 -6.19
CA ASN B 460 34.95 -13.47 -7.40
C ASN B 460 34.07 -14.70 -7.16
N ILE B 461 34.06 -15.24 -5.95
CA ILE B 461 33.17 -16.36 -5.66
C ILE B 461 31.73 -15.97 -5.93
N LEU B 462 31.29 -14.84 -5.38
CA LEU B 462 29.92 -14.39 -5.56
C LEU B 462 29.64 -14.05 -7.02
N ILE B 463 30.56 -13.35 -7.66
CA ILE B 463 30.33 -12.94 -9.05
C ILE B 463 30.26 -14.16 -9.96
N ALA B 464 31.11 -15.15 -9.73
CA ALA B 464 31.09 -16.37 -10.52
C ALA B 464 29.83 -17.19 -10.24
N THR B 465 29.36 -17.18 -9.00
CA THR B 465 28.07 -17.82 -8.72
C THR B 465 26.97 -17.21 -9.58
N LEU B 466 26.88 -15.88 -9.59
CA LEU B 466 25.87 -15.23 -10.43
C LEU B 466 26.06 -15.58 -11.90
N ARG B 467 27.31 -15.56 -12.37
CA ARG B 467 27.58 -15.84 -13.77
C ARG B 467 27.15 -17.24 -14.17
N VAL B 468 27.47 -18.25 -13.35
N VAL B 468 27.49 -18.25 -13.34
CA VAL B 468 27.10 -19.61 -13.70
CA VAL B 468 27.12 -19.62 -13.63
C VAL B 468 25.59 -19.81 -13.56
C VAL B 468 25.60 -19.79 -13.56
N ALA B 469 24.95 -19.09 -12.64
CA ALA B 469 23.50 -19.21 -12.50
C ALA B 469 22.75 -18.58 -13.68
N LEU B 470 23.30 -17.52 -14.27
CA LEU B 470 22.53 -16.71 -15.23
C LEU B 470 21.86 -17.51 -16.35
N PRO B 471 22.50 -18.47 -17.02
CA PRO B 471 21.81 -19.15 -18.13
C PRO B 471 20.55 -19.89 -17.71
N SER B 472 20.60 -20.64 -16.60
CA SER B 472 19.41 -21.32 -16.12
C SER B 472 18.32 -20.33 -15.73
N VAL B 473 18.71 -19.20 -15.14
CA VAL B 473 17.74 -18.16 -14.80
C VAL B 473 17.05 -17.66 -16.06
N MET B 474 17.81 -17.43 -17.13
CA MET B 474 17.22 -16.95 -18.37
C MET B 474 16.27 -17.99 -18.97
N ARG B 475 16.68 -19.26 -18.97
CA ARG B 475 15.80 -20.30 -19.51
C ARG B 475 14.52 -20.42 -18.70
N PHE B 476 14.62 -20.35 -17.38
CA PHE B 476 13.42 -20.40 -16.56
C PHE B 476 12.56 -19.16 -16.76
N CYS B 477 13.16 -18.00 -17.02
CA CYS B 477 12.38 -16.82 -17.39
C CYS B 477 11.61 -17.07 -18.67
N CYS B 478 12.24 -17.73 -19.64
CA CYS B 478 11.53 -18.09 -20.87
C CYS B 478 10.36 -19.01 -20.56
N CYS B 479 10.57 -19.99 -19.68
CA CYS B 479 9.47 -20.89 -19.30
C CYS B 479 8.34 -20.12 -18.61
N VAL B 480 8.70 -19.16 -17.74
CA VAL B 480 7.71 -18.39 -17.01
C VAL B 480 6.91 -17.49 -17.94
N ALA B 481 7.54 -16.99 -19.00
CA ALA B 481 6.93 -15.96 -19.82
C ALA B 481 5.63 -16.44 -20.47
N VAL B 482 5.59 -17.69 -20.93
CA VAL B 482 4.40 -18.15 -21.64
C VAL B 482 3.21 -18.29 -20.70
N ILE B 483 3.43 -18.84 -19.50
CA ILE B 483 2.37 -18.92 -18.51
C ILE B 483 1.92 -17.52 -18.12
N TYR B 484 2.88 -16.60 -17.95
CA TYR B 484 2.54 -15.23 -17.60
C TYR B 484 1.68 -14.59 -18.66
N LEU B 485 2.03 -14.79 -19.94
CA LEU B 485 1.26 -14.21 -21.03
C LEU B 485 -0.14 -14.80 -21.11
N GLY B 486 -0.26 -16.12 -20.92
CA GLY B 486 -1.59 -16.72 -20.89
C GLY B 486 -2.46 -16.11 -19.80
N TYR B 487 -1.90 -15.97 -18.60
CA TYR B 487 -2.66 -15.34 -17.52
C TYR B 487 -3.00 -13.90 -17.85
N CYS B 488 -2.07 -13.16 -18.46
CA CYS B 488 -2.33 -11.78 -18.84
C CYS B 488 -3.52 -11.69 -19.78
N PHE B 489 -3.52 -12.50 -20.84
CA PHE B 489 -4.62 -12.45 -21.81
C PHE B 489 -5.94 -12.83 -21.16
N CYS B 490 -5.93 -13.90 -20.36
CA CYS B 490 -7.18 -14.35 -19.75
C CYS B 490 -7.73 -13.28 -18.82
N GLY B 491 -6.88 -12.70 -17.97
CA GLY B 491 -7.33 -11.67 -17.05
C GLY B 491 -7.81 -10.43 -17.78
N TRP B 492 -7.11 -10.05 -18.86
CA TRP B 492 -7.55 -8.90 -19.65
C TRP B 492 -8.94 -9.12 -20.21
N ILE B 493 -9.19 -10.29 -20.80
CA ILE B 493 -10.47 -10.49 -21.47
C ILE B 493 -11.60 -10.64 -20.46
N VAL B 494 -11.35 -11.30 -19.33
CA VAL B 494 -12.42 -11.60 -18.39
C VAL B 494 -12.66 -10.46 -17.41
N LEU B 495 -11.60 -9.95 -16.79
CA LEU B 495 -11.74 -8.99 -15.70
C LEU B 495 -11.72 -7.54 -16.16
N GLY B 496 -11.27 -7.25 -17.38
CA GLY B 496 -11.20 -5.90 -17.88
C GLY B 496 -12.51 -5.14 -17.86
N PRO B 497 -13.64 -5.78 -18.22
CA PRO B 497 -14.92 -5.07 -18.15
C PRO B 497 -15.31 -4.64 -16.75
N TYR B 498 -14.73 -5.26 -15.71
CA TYR B 498 -15.16 -5.04 -14.33
C TYR B 498 -14.08 -4.42 -13.44
N HIS B 499 -12.80 -4.66 -13.73
CA HIS B 499 -11.71 -4.29 -12.84
C HIS B 499 -10.89 -3.18 -13.49
N VAL B 500 -10.68 -2.09 -12.75
CA VAL B 500 -9.97 -0.95 -13.30
C VAL B 500 -8.53 -1.31 -13.63
N LYS B 501 -7.91 -2.17 -12.81
CA LYS B 501 -6.51 -2.54 -13.01
C LYS B 501 -6.31 -3.54 -14.15
N PHE B 502 -7.37 -3.91 -14.87
CA PHE B 502 -7.27 -4.92 -15.91
C PHE B 502 -7.73 -4.40 -17.27
N ARG B 503 -7.77 -3.08 -17.46
CA ARG B 503 -8.36 -2.51 -18.66
C ARG B 503 -7.45 -2.63 -19.88
N SER B 504 -6.14 -2.59 -19.69
CA SER B 504 -5.18 -2.71 -20.78
C SER B 504 -4.18 -3.81 -20.46
N LEU B 505 -3.59 -4.37 -21.52
CA LEU B 505 -2.70 -5.52 -21.35
C LEU B 505 -1.46 -5.14 -20.55
N SER B 506 -0.88 -3.98 -20.80
CA SER B 506 0.26 -3.53 -20.02
C SER B 506 -0.13 -3.32 -18.56
N MET B 507 -1.32 -2.75 -18.34
CA MET B 507 -1.82 -2.61 -16.97
C MET B 507 -2.01 -3.95 -16.30
N VAL B 508 -2.54 -4.93 -17.05
CA VAL B 508 -2.72 -6.28 -16.50
C VAL B 508 -1.38 -6.87 -16.12
N SER B 509 -0.38 -6.73 -16.99
CA SER B 509 0.94 -7.26 -16.71
C SER B 509 1.55 -6.61 -15.47
N GLU B 510 1.39 -5.29 -15.34
CA GLU B 510 1.90 -4.60 -14.17
C GLU B 510 1.22 -5.09 -12.90
N CYS B 511 -0.10 -5.27 -12.95
CA CYS B 511 -0.83 -5.76 -11.79
C CYS B 511 -0.35 -7.16 -11.39
N LEU B 512 -0.21 -8.05 -12.37
CA LEU B 512 0.23 -9.40 -12.07
C LEU B 512 1.65 -9.41 -11.51
N PHE B 513 2.54 -8.59 -12.08
CA PHE B 513 3.91 -8.52 -11.58
C PHE B 513 3.92 -8.02 -10.14
N SER B 514 3.12 -7.01 -9.83
CA SER B 514 3.03 -6.53 -8.46
C SER B 514 2.49 -7.61 -7.53
N LEU B 515 1.49 -8.36 -7.98
CA LEU B 515 0.96 -9.44 -7.17
C LEU B 515 2.04 -10.49 -6.88
N ILE B 516 2.87 -10.80 -7.88
CA ILE B 516 3.94 -11.77 -7.66
C ILE B 516 4.84 -11.33 -6.52
N ASN B 517 5.06 -10.02 -6.39
CA ASN B 517 5.96 -9.48 -5.38
C ASN B 517 5.25 -9.12 -4.09
N GLY B 518 3.96 -9.37 -3.96
CA GLY B 518 3.25 -9.12 -2.72
C GLY B 518 2.82 -7.69 -2.51
N ASP B 519 2.48 -6.98 -3.58
CA ASP B 519 2.07 -5.58 -3.49
C ASP B 519 0.66 -5.42 -4.07
N ASP B 520 -0.17 -4.65 -3.37
CA ASP B 520 -1.49 -4.26 -3.85
C ASP B 520 -2.44 -5.46 -3.98
N MET B 521 -2.21 -6.50 -3.18
CA MET B 521 -3.00 -7.71 -3.29
C MET B 521 -4.42 -7.49 -2.77
N PHE B 522 -4.55 -6.90 -1.58
CA PHE B 522 -5.86 -6.81 -0.96
C PHE B 522 -6.79 -5.89 -1.73
N VAL B 523 -6.27 -4.77 -2.25
CA VAL B 523 -7.12 -3.88 -3.04
C VAL B 523 -7.58 -4.57 -4.31
N THR B 524 -6.72 -5.38 -4.91
CA THR B 524 -7.12 -6.16 -6.07
C THR B 524 -8.26 -7.10 -5.73
N PHE B 525 -8.17 -7.79 -4.59
CA PHE B 525 -9.27 -8.66 -4.17
C PHE B 525 -10.54 -7.86 -3.87
N ALA B 526 -10.39 -6.70 -3.22
CA ALA B 526 -11.55 -5.94 -2.76
C ALA B 526 -12.29 -5.30 -3.93
N ALA B 527 -11.58 -4.91 -4.99
CA ALA B 527 -12.26 -4.36 -6.16
C ALA B 527 -13.23 -5.38 -6.74
N MET B 528 -12.83 -6.65 -6.78
CA MET B 528 -13.74 -7.70 -7.24
C MET B 528 -14.82 -7.99 -6.20
N GLN B 529 -14.45 -7.96 -4.92
CA GLN B 529 -15.44 -8.16 -3.86
C GLN B 529 -16.57 -7.15 -3.98
N ALA B 530 -16.26 -5.93 -4.43
CA ALA B 530 -17.27 -4.89 -4.58
C ALA B 530 -18.28 -5.21 -5.68
N GLN B 531 -18.15 -6.35 -6.37
CA GLN B 531 -19.07 -6.72 -7.44
C GLN B 531 -19.63 -8.12 -7.26
N GLN B 532 -19.53 -8.69 -6.06
CA GLN B 532 -20.17 -9.97 -5.78
C GLN B 532 -21.69 -9.80 -5.77
N GLY B 533 -22.40 -10.88 -6.09
CA GLY B 533 -23.84 -10.83 -6.21
C GLY B 533 -24.31 -10.35 -7.57
N ARG B 534 -23.72 -9.27 -8.08
CA ARG B 534 -24.03 -8.82 -9.42
C ARG B 534 -23.77 -9.92 -10.44
N SER B 535 -22.51 -10.33 -10.56
CA SER B 535 -22.09 -11.40 -11.48
C SER B 535 -21.36 -12.45 -10.64
N SER B 536 -22.11 -13.43 -10.13
CA SER B 536 -21.51 -14.45 -9.28
C SER B 536 -20.47 -15.26 -10.04
N LEU B 537 -20.75 -15.59 -11.29
CA LEU B 537 -19.81 -16.39 -12.07
C LEU B 537 -18.49 -15.65 -12.23
N VAL B 538 -18.54 -14.35 -12.55
CA VAL B 538 -17.31 -13.58 -12.75
C VAL B 538 -16.53 -13.48 -11.44
N TRP B 539 -17.24 -13.28 -10.32
CA TRP B 539 -16.56 -13.17 -9.04
C TRP B 539 -15.87 -14.49 -8.66
N LEU B 540 -16.55 -15.62 -8.86
CA LEU B 540 -15.94 -16.91 -8.57
C LEU B 540 -14.74 -17.16 -9.48
N PHE B 541 -14.87 -16.80 -10.76
CA PHE B 541 -13.74 -16.95 -11.67
C PHE B 541 -12.56 -16.10 -11.23
N SER B 542 -12.82 -14.87 -10.78
CA SER B 542 -11.74 -14.01 -10.32
C SER B 542 -11.08 -14.59 -9.08
N GLN B 543 -11.88 -15.14 -8.16
CA GLN B 543 -11.30 -15.81 -7.00
C GLN B 543 -10.34 -16.92 -7.43
N LEU B 544 -10.81 -17.82 -8.29
CA LEU B 544 -9.98 -18.92 -8.73
C LEU B 544 -8.73 -18.40 -9.44
N TYR B 545 -8.91 -17.44 -10.35
CA TYR B 545 -7.81 -16.90 -11.14
C TYR B 545 -6.72 -16.31 -10.25
N LEU B 546 -7.10 -15.39 -9.36
CA LEU B 546 -6.12 -14.72 -8.52
C LEU B 546 -5.44 -15.71 -7.58
N TYR B 547 -6.23 -16.55 -6.90
CA TYR B 547 -5.65 -17.46 -5.93
C TYR B 547 -4.67 -18.42 -6.60
N SER B 548 -5.09 -19.03 -7.71
CA SER B 548 -4.22 -19.97 -8.40
C SER B 548 -2.95 -19.30 -8.90
N PHE B 549 -3.08 -18.12 -9.51
CA PHE B 549 -1.91 -17.43 -10.03
C PHE B 549 -0.91 -17.14 -8.91
N ILE B 550 -1.37 -16.52 -7.83
CA ILE B 550 -0.46 -16.11 -6.76
C ILE B 550 0.16 -17.33 -6.10
N SER B 551 -0.64 -18.35 -5.82
CA SER B 551 -0.12 -19.55 -5.16
C SER B 551 0.93 -20.23 -6.02
N LEU B 552 0.63 -20.41 -7.31
CA LEU B 552 1.60 -21.04 -8.20
C LEU B 552 2.90 -20.25 -8.24
N PHE B 553 2.81 -18.93 -8.31
CA PHE B 553 4.02 -18.14 -8.49
C PHE B 553 4.86 -18.03 -7.22
N ILE B 554 4.23 -17.98 -6.05
N ILE B 554 4.23 -17.99 -6.04
CA ILE B 554 4.99 -17.84 -4.81
CA ILE B 554 5.01 -17.84 -4.82
C ILE B 554 5.49 -19.19 -4.30
C ILE B 554 5.49 -19.19 -4.28
N TYR B 555 4.68 -20.24 -4.39
CA TYR B 555 5.10 -21.55 -3.86
C TYR B 555 6.16 -22.21 -4.75
N MET B 556 6.12 -22.00 -6.06
CA MET B 556 6.88 -22.84 -6.97
C MET B 556 7.92 -22.07 -7.78
N VAL B 557 7.55 -20.95 -8.38
CA VAL B 557 8.44 -20.27 -9.32
C VAL B 557 9.61 -19.61 -8.59
N LEU B 558 9.30 -18.74 -7.63
CA LEU B 558 10.34 -18.07 -6.87
C LEU B 558 11.21 -19.09 -6.14
N SER B 559 10.58 -20.16 -5.65
CA SER B 559 11.33 -21.23 -5.02
C SER B 559 12.33 -21.85 -5.99
N LEU B 560 11.93 -22.04 -7.25
CA LEU B 560 12.85 -22.61 -8.23
C LEU B 560 13.99 -21.65 -8.55
N PHE B 561 13.71 -20.34 -8.60
CA PHE B 561 14.80 -19.39 -8.77
C PHE B 561 15.80 -19.49 -7.62
N ILE B 562 15.28 -19.57 -6.39
CA ILE B 562 16.15 -19.73 -5.23
C ILE B 562 16.97 -21.02 -5.36
N ALA B 563 16.34 -22.11 -5.79
CA ALA B 563 17.03 -23.38 -5.92
C ALA B 563 18.13 -23.31 -6.96
N LEU B 564 17.87 -22.64 -8.09
CA LEU B 564 18.89 -22.49 -9.12
C LEU B 564 20.09 -21.73 -8.60
N ILE B 565 19.84 -20.62 -7.90
CA ILE B 565 20.95 -19.83 -7.37
C ILE B 565 21.73 -20.64 -6.33
N THR B 566 21.01 -21.38 -5.48
CA THR B 566 21.68 -22.18 -4.46
C THR B 566 22.54 -23.27 -5.08
N GLY B 567 22.03 -23.93 -6.12
CA GLY B 567 22.82 -24.94 -6.81
C GLY B 567 24.05 -24.36 -7.45
N ALA B 568 23.91 -23.19 -8.08
CA ALA B 568 25.08 -22.52 -8.65
C ALA B 568 26.11 -22.20 -7.57
N TYR B 569 25.67 -21.68 -6.43
CA TYR B 569 26.60 -21.35 -5.35
C TYR B 569 27.30 -22.61 -4.83
N ASP B 570 26.56 -23.71 -4.68
CA ASP B 570 27.16 -24.95 -4.23
C ASP B 570 28.18 -25.46 -5.22
N THR B 571 27.88 -25.36 -6.52
CA THR B 571 28.84 -25.78 -7.53
C THR B 571 30.11 -24.95 -7.44
N ILE B 572 29.98 -23.64 -7.25
CA ILE B 572 31.16 -22.79 -7.14
C ILE B 572 31.96 -23.15 -5.89
N LYS B 573 31.30 -23.37 -4.76
CA LYS B 573 32.00 -23.58 -3.51
C LYS B 573 32.65 -24.96 -3.44
N HIS B 574 32.12 -25.95 -4.16
CA HIS B 574 32.59 -27.32 -4.10
C HIS B 574 32.87 -27.82 -5.52
N PRO B 575 33.96 -27.36 -6.13
CA PRO B 575 34.32 -27.76 -7.50
C PRO B 575 35.01 -29.12 -7.54
N LEU C 89 5.71 -55.34 -32.18
CA LEU C 89 5.08 -54.49 -31.18
C LEU C 89 6.10 -53.55 -30.54
N ARG C 90 7.31 -54.07 -30.30
CA ARG C 90 8.33 -53.26 -29.64
C ARG C 90 8.71 -52.06 -30.49
N ARG C 91 8.86 -52.25 -31.81
CA ARG C 91 9.18 -51.13 -32.68
C ARG C 91 8.07 -50.09 -32.68
N ARG C 92 6.81 -50.55 -32.71
CA ARG C 92 5.68 -49.62 -32.69
C ARG C 92 5.64 -48.83 -31.39
N LEU C 93 5.86 -49.49 -30.26
CA LEU C 93 5.89 -48.78 -28.99
C LEU C 93 7.04 -47.79 -28.94
N LYS C 94 8.21 -48.18 -29.46
CA LYS C 94 9.34 -47.27 -29.49
C LYS C 94 9.02 -46.04 -30.33
N TYR C 95 8.37 -46.22 -31.47
CA TYR C 95 8.00 -45.09 -32.31
C TYR C 95 6.97 -44.21 -31.61
N PHE C 96 6.00 -44.81 -30.93
CA PHE C 96 4.93 -44.02 -30.33
C PHE C 96 5.47 -43.04 -29.30
N PHE C 97 6.40 -43.49 -28.45
CA PHE C 97 7.00 -42.66 -27.42
C PHE C 97 8.22 -41.90 -27.93
N MET C 98 8.33 -41.71 -29.24
CA MET C 98 9.48 -41.04 -29.84
C MET C 98 9.20 -39.56 -30.01
N SER C 99 10.25 -38.75 -29.87
CA SER C 99 10.11 -37.31 -29.99
C SER C 99 9.79 -36.92 -31.44
N PRO C 100 9.13 -35.78 -31.64
CA PRO C 100 8.73 -35.41 -33.01
C PRO C 100 9.91 -35.37 -33.98
N CYS C 101 11.06 -34.85 -33.54
CA CYS C 101 12.24 -34.86 -34.39
C CYS C 101 12.66 -36.29 -34.74
N ASP C 102 12.66 -37.16 -33.74
CA ASP C 102 13.06 -38.54 -33.98
C ASP C 102 12.01 -39.29 -34.79
N LYS C 103 10.73 -38.97 -34.60
CA LYS C 103 9.69 -39.55 -35.45
C LYS C 103 9.88 -39.14 -36.90
N PHE C 104 10.20 -37.86 -37.13
CA PHE C 104 10.48 -37.39 -38.49
C PHE C 104 11.68 -38.14 -39.06
N ARG C 105 12.74 -38.31 -38.26
CA ARG C 105 13.91 -39.03 -38.73
C ARG C 105 13.57 -40.47 -39.11
N ALA C 106 12.76 -41.13 -38.28
CA ALA C 106 12.46 -42.54 -38.49
C ALA C 106 11.54 -42.73 -39.69
N LYS C 107 10.33 -42.18 -39.63
CA LYS C 107 9.32 -42.45 -40.64
C LYS C 107 9.20 -41.35 -41.69
N GLY C 108 9.64 -40.14 -41.40
CA GLY C 108 9.61 -39.07 -42.37
C GLY C 108 8.28 -38.34 -42.48
N ARG C 109 7.27 -38.74 -41.70
CA ARG C 109 5.98 -38.08 -41.76
C ARG C 109 6.12 -36.60 -41.41
N LYS C 110 5.44 -35.75 -42.18
CA LYS C 110 5.55 -34.32 -41.96
C LYS C 110 4.93 -33.93 -40.62
N PRO C 111 5.51 -32.98 -39.89
CA PRO C 111 4.93 -32.56 -38.59
C PRO C 111 3.80 -31.56 -38.77
N CYS C 112 2.68 -32.05 -39.33
CA CYS C 112 1.54 -31.17 -39.59
C CYS C 112 0.95 -30.64 -38.29
N LYS C 113 0.86 -31.50 -37.26
CA LYS C 113 0.20 -31.10 -36.03
C LYS C 113 0.93 -29.96 -35.33
N LEU C 114 2.27 -29.98 -35.34
CA LEU C 114 3.04 -28.95 -34.66
C LEU C 114 2.81 -27.59 -35.31
N MET C 115 2.91 -27.53 -36.65
CA MET C 115 2.66 -26.28 -37.34
C MET C 115 1.22 -25.83 -37.13
N LEU C 116 0.28 -26.79 -37.13
CA LEU C 116 -1.12 -26.46 -36.86
C LEU C 116 -1.28 -25.83 -35.49
N GLN C 117 -0.58 -26.36 -34.49
CA GLN C 117 -0.67 -25.79 -33.14
C GLN C 117 -0.08 -24.40 -33.07
N VAL C 118 1.04 -24.17 -33.77
CA VAL C 118 1.62 -22.83 -33.79
C VAL C 118 0.64 -21.83 -34.41
N VAL C 119 0.06 -22.20 -35.55
CA VAL C 119 -0.89 -21.32 -36.22
C VAL C 119 -2.12 -21.12 -35.34
N LYS C 120 -2.54 -22.17 -34.62
CA LYS C 120 -3.67 -22.06 -33.71
C LYS C 120 -3.40 -21.05 -32.62
N ILE C 121 -2.20 -21.12 -32.01
CA ILE C 121 -1.83 -20.14 -31.00
C ILE C 121 -1.94 -18.73 -31.57
N LEU C 122 -1.36 -18.52 -32.75
CA LEU C 122 -1.37 -17.18 -33.35
C LEU C 122 -2.80 -16.68 -33.55
N VAL C 123 -3.63 -17.50 -34.21
CA VAL C 123 -4.96 -17.03 -34.59
C VAL C 123 -5.84 -16.85 -33.36
N VAL C 124 -5.74 -17.74 -32.38
CA VAL C 124 -6.53 -17.61 -31.18
C VAL C 124 -6.16 -16.34 -30.43
N THR C 125 -4.85 -16.05 -30.32
CA THR C 125 -4.43 -14.83 -29.65
C THR C 125 -4.94 -13.60 -30.39
N VAL C 126 -4.87 -13.61 -31.72
CA VAL C 126 -5.34 -12.46 -32.49
C VAL C 126 -6.85 -12.27 -32.28
N GLN C 127 -7.60 -13.36 -32.29
CA GLN C 127 -9.04 -13.28 -32.08
C GLN C 127 -9.35 -12.70 -30.70
N LEU C 128 -8.64 -13.17 -29.68
CA LEU C 128 -8.86 -12.65 -28.34
C LEU C 128 -8.54 -11.17 -28.25
N ILE C 129 -7.44 -10.75 -28.89
CA ILE C 129 -7.05 -9.34 -28.82
C ILE C 129 -8.11 -8.46 -29.49
N LEU C 130 -8.58 -8.88 -30.67
CA LEU C 130 -9.61 -8.10 -31.36
C LEU C 130 -10.89 -8.04 -30.55
N PHE C 131 -11.29 -9.17 -29.96
CA PHE C 131 -12.50 -9.20 -29.15
C PHE C 131 -12.38 -8.26 -27.95
N GLY C 132 -11.23 -8.29 -27.26
CA GLY C 132 -11.06 -7.44 -26.11
C GLY C 132 -11.06 -5.96 -26.48
N LEU C 133 -10.39 -5.61 -27.58
CA LEU C 133 -10.40 -4.23 -28.02
C LEU C 133 -11.81 -3.77 -28.35
N SER C 134 -12.60 -4.63 -29.01
CA SER C 134 -13.97 -4.27 -29.34
C SER C 134 -14.81 -4.08 -28.07
N ASN C 135 -14.66 -4.98 -27.10
CA ASN C 135 -15.51 -4.94 -25.90
C ASN C 135 -15.17 -3.77 -25.00
N GLN C 136 -13.89 -3.38 -24.94
CA GLN C 136 -13.50 -2.31 -24.04
C GLN C 136 -14.21 -1.00 -24.39
N LEU C 137 -14.43 -0.76 -25.68
CA LEU C 137 -15.11 0.48 -26.10
C LEU C 137 -16.54 0.52 -25.59
N ALA C 138 -17.27 -0.58 -25.71
CA ALA C 138 -18.63 -0.64 -25.19
C ALA C 138 -18.64 -0.47 -23.68
N VAL C 139 -17.69 -1.10 -22.99
CA VAL C 139 -17.60 -0.95 -21.54
C VAL C 139 -17.42 0.51 -21.17
N THR C 140 -16.50 1.19 -21.87
CA THR C 140 -16.25 2.60 -21.59
C THR C 140 -17.49 3.44 -21.86
N PHE C 141 -18.18 3.18 -22.96
CA PHE C 141 -19.41 3.92 -23.27
C PHE C 141 -20.41 3.79 -22.13
N ARG C 142 -20.66 2.55 -21.69
CA ARG C 142 -21.66 2.33 -20.64
C ARG C 142 -21.24 3.01 -19.33
N GLU C 143 -19.96 2.88 -18.95
CA GLU C 143 -19.52 3.47 -17.69
C GLU C 143 -19.60 4.99 -17.73
N GLU C 144 -19.21 5.60 -18.87
CA GLU C 144 -19.28 7.06 -18.97
C GLU C 144 -20.72 7.55 -18.90
N ASN C 145 -21.64 6.85 -19.58
CA ASN C 145 -23.05 7.23 -19.50
C ASN C 145 -23.56 7.10 -18.07
N THR C 146 -23.15 6.05 -17.35
CA THR C 146 -23.62 5.87 -15.99
C THR C 146 -23.08 6.95 -15.07
N ILE C 147 -21.82 7.34 -15.25
CA ILE C 147 -21.26 8.43 -14.45
C ILE C 147 -22.00 9.73 -14.73
N ALA C 148 -22.29 9.99 -16.00
CA ALA C 148 -23.07 11.18 -16.35
C ALA C 148 -24.44 11.14 -15.68
N PHE C 149 -25.09 9.97 -15.67
CA PHE C 149 -26.38 9.84 -15.01
C PHE C 149 -26.29 10.13 -13.53
N ARG C 150 -25.24 9.62 -12.87
CA ARG C 150 -25.06 9.89 -11.45
C ARG C 150 -24.89 11.39 -11.20
N HIS C 151 -24.12 12.08 -12.04
CA HIS C 151 -23.97 13.52 -11.87
C HIS C 151 -25.24 14.28 -12.20
N LEU C 152 -26.07 13.74 -13.08
CA LEU C 152 -27.28 14.46 -13.49
C LEU C 152 -28.42 14.29 -12.49
N PHE C 153 -28.61 13.08 -11.94
CA PHE C 153 -29.83 12.75 -11.23
C PHE C 153 -29.67 12.68 -9.71
N LEU C 154 -28.45 12.55 -9.20
CA LEU C 154 -28.23 12.42 -7.76
C LEU C 154 -27.87 13.78 -7.19
N LEU C 155 -28.69 14.27 -6.27
CA LEU C 155 -28.50 15.61 -5.72
C LEU C 155 -27.26 15.64 -4.84
N GLY C 156 -26.36 16.58 -5.13
CA GLY C 156 -25.15 16.73 -4.34
C GLY C 156 -24.15 15.61 -4.50
N TYR C 157 -24.20 14.88 -5.61
CA TYR C 157 -23.27 13.77 -5.82
C TYR C 157 -21.91 14.28 -6.26
N SER C 158 -20.86 13.60 -5.81
CA SER C 158 -19.50 13.88 -6.23
C SER C 158 -18.77 12.56 -6.45
N ASP C 159 -17.74 12.61 -7.28
CA ASP C 159 -17.00 11.39 -7.62
C ASP C 159 -16.34 10.80 -6.39
N GLY C 160 -16.32 9.47 -6.32
CA GLY C 160 -15.70 8.76 -5.23
C GLY C 160 -16.57 8.61 -4.00
N ALA C 161 -17.81 9.10 -4.02
CA ALA C 161 -18.70 9.07 -2.87
C ALA C 161 -19.81 8.03 -2.99
N ASP C 162 -19.67 7.07 -3.91
CA ASP C 162 -20.74 6.11 -4.15
C ASP C 162 -21.04 5.28 -2.92
N ASP C 163 -20.00 4.85 -2.19
CA ASP C 163 -20.20 3.92 -1.10
C ASP C 163 -20.85 4.57 0.11
N THR C 164 -20.63 5.86 0.32
CA THR C 164 -21.15 6.56 1.49
C THR C 164 -22.34 7.46 1.18
N PHE C 165 -22.70 7.61 -0.10
CA PHE C 165 -23.82 8.48 -0.45
C PHE C 165 -25.09 8.00 0.24
N ALA C 166 -25.76 8.90 0.96
CA ALA C 166 -26.91 8.51 1.76
C ALA C 166 -27.63 9.76 2.25
N ALA C 167 -28.91 9.59 2.58
CA ALA C 167 -29.71 10.61 3.20
C ALA C 167 -29.85 10.33 4.70
N TYR C 168 -30.08 11.39 5.48
CA TYR C 168 -30.22 11.27 6.92
C TYR C 168 -31.40 12.03 7.50
N THR C 169 -32.07 12.88 6.72
CA THR C 169 -33.25 13.60 7.16
C THR C 169 -34.36 13.43 6.14
N ARG C 170 -35.60 13.65 6.59
CA ARG C 170 -36.75 13.50 5.71
C ARG C 170 -36.69 14.50 4.56
N GLU C 171 -36.34 15.75 4.86
CA GLU C 171 -36.25 16.75 3.81
C GLU C 171 -35.12 16.43 2.83
N GLN C 172 -34.04 15.83 3.31
CA GLN C 172 -32.98 15.38 2.40
C GLN C 172 -33.53 14.37 1.40
N LEU C 173 -34.29 13.40 1.87
CA LEU C 173 -34.84 12.37 0.99
C LEU C 173 -35.82 12.97 0.00
N TYR C 174 -36.71 13.86 0.47
CA TYR C 174 -37.64 14.51 -0.43
C TYR C 174 -36.91 15.31 -1.50
N GLN C 175 -35.89 16.06 -1.10
CA GLN C 175 -35.13 16.86 -2.06
C GLN C 175 -34.45 15.96 -3.08
N ALA C 176 -33.86 14.86 -2.65
CA ALA C 176 -33.20 13.95 -3.59
C ALA C 176 -34.19 13.39 -4.60
N ILE C 177 -35.34 12.93 -4.13
CA ILE C 177 -36.33 12.33 -5.02
C ILE C 177 -36.83 13.36 -6.04
N PHE C 178 -37.19 14.54 -5.54
CA PHE C 178 -37.72 15.58 -6.43
C PHE C 178 -36.66 16.06 -7.40
N HIS C 179 -35.41 16.14 -6.96
CA HIS C 179 -34.33 16.51 -7.87
C HIS C 179 -34.18 15.49 -8.98
N ALA C 180 -34.24 14.20 -8.65
CA ALA C 180 -34.12 13.16 -9.67
C ALA C 180 -35.24 13.30 -10.70
N VAL C 181 -36.49 13.46 -10.23
CA VAL C 181 -37.60 13.54 -11.18
C VAL C 181 -37.52 14.82 -12.02
N ASP C 182 -37.16 15.94 -11.38
CA ASP C 182 -37.07 17.20 -12.10
C ASP C 182 -35.98 17.14 -13.17
N GLN C 183 -34.85 16.52 -12.85
CA GLN C 183 -33.79 16.37 -13.84
C GLN C 183 -34.23 15.44 -14.97
N TYR C 184 -34.99 14.39 -14.65
CA TYR C 184 -35.54 13.55 -15.71
C TYR C 184 -36.41 14.39 -16.65
N LEU C 185 -37.24 15.27 -16.11
CA LEU C 185 -38.12 16.07 -16.96
C LEU C 185 -37.35 17.16 -17.71
N ALA C 186 -36.22 17.62 -17.16
CA ALA C 186 -35.44 18.69 -17.78
C ALA C 186 -34.31 18.17 -18.67
N LEU C 187 -34.12 16.86 -18.78
CA LEU C 187 -32.98 16.29 -19.49
C LEU C 187 -32.74 16.89 -20.87
N PRO C 188 -33.73 17.06 -21.74
CA PRO C 188 -33.43 17.51 -23.12
C PRO C 188 -32.72 18.85 -23.19
N ASP C 189 -32.94 19.73 -22.22
CA ASP C 189 -32.39 21.08 -22.28
C ASP C 189 -31.09 21.25 -21.51
N VAL C 190 -30.66 20.26 -20.74
CA VAL C 190 -29.51 20.43 -19.86
C VAL C 190 -28.40 19.42 -20.17
N SER C 191 -28.77 18.26 -20.69
CA SER C 191 -27.82 17.18 -20.85
C SER C 191 -26.87 17.44 -22.02
N LEU C 192 -25.61 17.04 -21.84
CA LEU C 192 -24.64 17.10 -22.93
C LEU C 192 -24.84 15.95 -23.92
N GLY C 193 -25.37 14.82 -23.46
CA GLY C 193 -25.72 13.75 -24.37
C GLY C 193 -27.08 13.94 -25.00
N ARG C 194 -27.37 13.10 -25.99
CA ARG C 194 -28.65 13.11 -26.69
C ARG C 194 -29.40 11.83 -26.32
N TYR C 195 -30.57 12.00 -25.70
CA TYR C 195 -31.35 10.89 -25.17
C TYR C 195 -32.79 11.00 -25.63
N ALA C 196 -33.42 9.85 -25.83
CA ALA C 196 -34.82 9.76 -26.20
C ALA C 196 -35.58 9.03 -25.11
N TYR C 197 -36.81 9.48 -24.85
CA TYR C 197 -37.64 8.90 -23.82
C TYR C 197 -38.26 7.59 -24.29
N VAL C 198 -38.55 6.71 -23.34
CA VAL C 198 -39.24 5.46 -23.58
C VAL C 198 -40.50 5.43 -22.73
N ARG C 199 -41.60 4.97 -23.31
CA ARG C 199 -42.90 4.94 -22.63
C ARG C 199 -43.49 3.54 -22.70
N GLY C 200 -44.27 3.20 -21.69
CA GLY C 200 -44.94 1.92 -21.66
C GLY C 200 -43.96 0.76 -21.59
N GLY C 201 -44.37 -0.36 -22.17
CA GLY C 201 -43.51 -1.54 -22.25
C GLY C 201 -43.63 -2.50 -21.08
N GLY C 202 -44.61 -2.32 -20.22
CA GLY C 202 -44.82 -3.23 -19.10
C GLY C 202 -44.43 -2.61 -17.78
N ASP C 203 -44.47 -3.47 -16.75
CA ASP C 203 -44.20 -3.01 -15.40
C ASP C 203 -42.75 -2.53 -15.27
N PRO C 204 -42.50 -1.54 -14.40
CA PRO C 204 -43.44 -0.86 -13.50
C PRO C 204 -44.16 0.31 -14.18
N TRP C 205 -43.96 0.49 -15.49
CA TRP C 205 -44.54 1.60 -16.21
C TRP C 205 -45.90 1.22 -16.78
N THR C 206 -46.89 2.09 -16.58
CA THR C 206 -48.13 1.97 -17.32
C THR C 206 -47.92 2.43 -18.76
N ASN C 207 -48.99 2.36 -19.55
CA ASN C 207 -48.88 2.77 -20.94
C ASN C 207 -48.76 4.28 -21.04
N GLY C 208 -47.78 4.76 -21.82
CA GLY C 208 -47.55 6.17 -21.97
C GLY C 208 -46.81 6.83 -20.83
N SER C 209 -46.22 6.06 -19.93
CA SER C 209 -45.50 6.59 -18.79
C SER C 209 -44.01 6.32 -18.95
N GLY C 210 -43.20 7.34 -18.72
CA GLY C 210 -41.77 7.21 -18.87
C GLY C 210 -41.03 6.92 -17.57
N LEU C 211 -41.49 7.52 -16.47
CA LEU C 211 -40.84 7.39 -15.18
C LEU C 211 -41.80 6.79 -14.16
N ALA C 212 -41.32 5.81 -13.39
CA ALA C 212 -42.10 5.18 -12.34
C ALA C 212 -41.43 5.47 -11.00
N LEU C 213 -42.16 6.11 -10.10
CA LEU C 213 -41.68 6.46 -8.76
C LEU C 213 -42.49 5.64 -7.76
N CYS C 214 -41.88 4.62 -7.19
CA CYS C 214 -42.57 3.64 -6.37
C CYS C 214 -42.01 3.64 -4.95
N GLN C 215 -42.91 3.58 -3.97
CA GLN C 215 -42.53 3.41 -2.58
C GLN C 215 -43.12 2.10 -2.06
N ARG C 216 -42.29 1.32 -1.37
CA ARG C 216 -42.66 0.02 -0.85
C ARG C 216 -42.58 0.07 0.67
N TYR C 217 -43.68 -0.31 1.32
CA TYR C 217 -43.78 -0.25 2.77
C TYR C 217 -44.63 -1.42 3.27
N TYR C 218 -44.49 -1.74 4.55
CA TYR C 218 -45.21 -2.88 5.12
C TYR C 218 -46.72 -2.66 5.07
N HIS C 219 -47.46 -3.76 4.89
CA HIS C 219 -48.92 -3.68 4.81
C HIS C 219 -49.50 -3.03 6.06
N ARG C 220 -49.14 -3.54 7.23
CA ARG C 220 -49.52 -2.95 8.51
C ARG C 220 -48.25 -2.76 9.33
N GLY C 221 -48.02 -1.55 9.81
CA GLY C 221 -46.89 -1.29 10.67
C GLY C 221 -47.24 -0.35 11.81
N HIS C 222 -47.11 -0.83 13.04
CA HIS C 222 -47.29 -0.02 14.24
C HIS C 222 -46.07 -0.22 15.11
N VAL C 223 -45.30 0.85 15.30
CA VAL C 223 -44.05 0.78 16.06
C VAL C 223 -44.13 1.83 17.16
N ASP C 224 -44.05 1.37 18.41
CA ASP C 224 -44.09 2.25 19.59
C ASP C 224 -42.89 1.87 20.45
N PRO C 225 -41.70 2.38 20.13
CA PRO C 225 -40.54 2.10 20.97
C PRO C 225 -40.66 2.67 22.38
N ALA C 226 -41.52 3.67 22.58
CA ALA C 226 -41.73 4.19 23.92
C ALA C 226 -42.30 3.12 24.84
N ASN C 227 -43.28 2.37 24.36
CA ASN C 227 -43.86 1.26 25.11
C ASN C 227 -43.22 -0.07 24.78
N ASP C 228 -42.19 -0.09 23.92
CA ASP C 228 -41.54 -1.33 23.52
C ASP C 228 -42.52 -2.29 22.88
N THR C 229 -43.41 -1.77 22.02
CA THR C 229 -44.45 -2.57 21.40
C THR C 229 -44.38 -2.41 19.88
N PHE C 230 -44.78 -3.45 19.18
CA PHE C 230 -44.88 -3.35 17.73
C PHE C 230 -45.82 -4.41 17.20
N ASP C 231 -46.57 -4.04 16.16
CA ASP C 231 -47.48 -4.93 15.46
C ASP C 231 -47.25 -4.73 13.96
N ILE C 232 -46.64 -5.71 13.31
CA ILE C 232 -46.25 -5.60 11.91
C ILE C 232 -46.74 -6.81 11.15
N ASP C 233 -47.44 -6.57 10.04
CA ASP C 233 -47.67 -7.57 9.03
C ASP C 233 -46.59 -7.42 7.97
N PRO C 234 -45.68 -8.38 7.79
CA PRO C 234 -44.51 -8.11 6.94
C PRO C 234 -44.81 -8.14 5.45
N MET C 235 -46.09 -8.15 5.07
CA MET C 235 -46.45 -8.08 3.67
C MET C 235 -46.09 -6.70 3.11
N VAL C 236 -45.45 -6.69 1.94
CA VAL C 236 -44.98 -5.44 1.32
C VAL C 236 -46.04 -4.95 0.34
N VAL C 237 -46.38 -3.67 0.45
CA VAL C 237 -47.31 -2.99 -0.45
C VAL C 237 -46.52 -1.95 -1.23
N THR C 238 -46.80 -1.88 -2.53
CA THR C 238 -46.11 -0.97 -3.45
C THR C 238 -47.10 0.06 -3.97
N ASP C 239 -46.72 1.34 -3.87
CA ASP C 239 -47.52 2.44 -4.42
C ASP C 239 -46.66 3.20 -5.42
N CYS C 240 -47.12 3.28 -6.66
CA CYS C 240 -46.35 3.83 -7.76
C CYS C 240 -47.05 5.04 -8.36
N ILE C 241 -46.28 6.09 -8.62
CA ILE C 241 -46.73 7.27 -9.34
C ILE C 241 -46.07 7.24 -10.72
N GLN C 242 -46.84 7.53 -11.75
CA GLN C 242 -46.38 7.48 -13.13
C GLN C 242 -46.21 8.91 -13.64
N VAL C 243 -45.03 9.21 -14.19
CA VAL C 243 -44.72 10.51 -14.75
C VAL C 243 -44.49 10.33 -16.25
N ASP C 244 -45.25 11.08 -17.05
CA ASP C 244 -45.11 11.12 -18.50
C ASP C 244 -44.02 12.12 -18.89
N PRO C 245 -43.07 11.75 -19.74
CA PRO C 245 -42.06 12.72 -20.15
C PRO C 245 -42.69 13.88 -20.89
N PRO C 246 -42.08 15.06 -20.83
CA PRO C 246 -42.70 16.24 -21.45
C PRO C 246 -42.71 16.15 -22.97
N GLU C 247 -43.66 16.85 -23.57
CA GLU C 247 -43.77 16.96 -25.01
C GLU C 247 -43.05 18.24 -25.46
N ARG C 248 -41.95 18.06 -26.20
CA ARG C 248 -41.19 19.20 -26.72
C ARG C 248 -41.48 19.38 -28.20
N SER C 264 -47.78 17.22 -12.32
CA SER C 264 -46.76 17.25 -11.27
C SER C 264 -47.29 16.61 -10.00
N SER C 265 -48.13 15.60 -10.15
CA SER C 265 -48.67 14.90 -8.99
C SER C 265 -47.58 14.21 -8.18
N TYR C 266 -46.42 13.94 -8.77
CA TYR C 266 -45.32 13.36 -8.02
C TYR C 266 -44.85 14.28 -6.90
N LYS C 267 -45.11 15.58 -7.01
CA LYS C 267 -44.78 16.51 -5.94
C LYS C 267 -45.69 16.36 -4.73
N ASN C 268 -46.80 15.61 -4.85
CA ASN C 268 -47.67 15.32 -3.74
C ASN C 268 -47.29 14.02 -3.04
N LEU C 269 -46.11 13.48 -3.32
CA LEU C 269 -45.67 12.24 -2.69
C LEU C 269 -45.62 12.40 -1.18
N THR C 270 -46.14 11.40 -0.47
CA THR C 270 -46.11 11.36 0.99
C THR C 270 -45.56 10.00 1.41
N LEU C 271 -44.36 10.00 1.97
CA LEU C 271 -43.68 8.77 2.34
C LEU C 271 -44.15 8.30 3.72
N LYS C 272 -44.29 6.98 3.86
CA LYS C 272 -44.65 6.36 5.13
C LYS C 272 -43.36 5.95 5.85
N PHE C 273 -42.75 6.93 6.50
CA PHE C 273 -41.38 6.77 6.98
C PHE C 273 -41.24 5.61 7.97
N HIS C 274 -42.18 5.50 8.91
CA HIS C 274 -42.03 4.51 9.96
C HIS C 274 -42.16 3.08 9.46
N LYS C 275 -42.83 2.87 8.32
CA LYS C 275 -42.98 1.54 7.74
C LYS C 275 -42.37 1.43 6.35
N LEU C 276 -41.56 2.41 5.95
CA LEU C 276 -41.01 2.42 4.60
C LEU C 276 -39.96 1.32 4.44
N VAL C 277 -40.08 0.54 3.37
CA VAL C 277 -39.07 -0.45 3.02
C VAL C 277 -38.06 0.12 2.03
N ASN C 278 -38.53 0.72 0.95
CA ASN C 278 -37.61 1.45 0.08
C ASN C 278 -38.38 2.33 -0.90
N VAL C 279 -37.63 3.13 -1.65
CA VAL C 279 -38.16 3.94 -2.73
C VAL C 279 -37.31 3.70 -3.96
N THR C 280 -37.96 3.60 -5.12
CA THR C 280 -37.26 3.36 -6.37
C THR C 280 -37.80 4.28 -7.46
N ILE C 281 -36.90 4.67 -8.36
CA ILE C 281 -37.22 5.43 -9.56
C ILE C 281 -36.71 4.65 -10.76
N HIS C 282 -37.61 4.36 -11.70
CA HIS C 282 -37.29 3.56 -12.87
C HIS C 282 -37.58 4.37 -14.13
N PHE C 283 -36.62 4.44 -15.05
CA PHE C 283 -36.91 5.04 -16.34
C PHE C 283 -35.88 4.59 -17.36
N ARG C 284 -36.24 4.68 -18.63
CA ARG C 284 -35.39 4.22 -19.72
C ARG C 284 -35.06 5.39 -20.66
N LEU C 285 -33.83 5.39 -21.15
CA LEU C 285 -33.35 6.40 -22.10
C LEU C 285 -32.70 5.71 -23.30
N LYS C 286 -33.00 6.20 -24.50
CA LYS C 286 -32.43 5.67 -25.72
C LYS C 286 -31.36 6.63 -26.25
N THR C 287 -30.24 6.07 -26.70
CA THR C 287 -29.14 6.86 -27.25
C THR C 287 -28.46 6.07 -28.35
N ILE C 288 -27.65 6.78 -29.13
CA ILE C 288 -26.88 6.19 -30.22
C ILE C 288 -25.40 6.33 -29.88
N ASN C 289 -24.64 5.25 -30.06
CA ASN C 289 -23.22 5.22 -29.71
C ASN C 289 -22.41 5.67 -30.91
N LEU C 290 -22.28 7.00 -31.05
CA LEU C 290 -21.53 7.56 -32.17
C LEU C 290 -20.06 7.20 -32.11
N GLN C 291 -19.50 7.05 -30.89
CA GLN C 291 -18.09 6.74 -30.73
C GLN C 291 -17.65 5.56 -31.59
N SER C 292 -18.58 4.68 -31.96
CA SER C 292 -18.22 3.51 -32.77
C SER C 292 -17.48 3.91 -34.03
N LEU C 293 -17.79 5.09 -34.59
CA LEU C 293 -17.15 5.51 -35.83
C LEU C 293 -15.63 5.50 -35.70
N ILE C 294 -15.10 5.72 -34.49
CA ILE C 294 -13.66 5.73 -34.31
C ILE C 294 -13.05 4.40 -34.72
N ASN C 295 -13.70 3.29 -34.37
CA ASN C 295 -13.24 1.96 -34.73
C ASN C 295 -13.75 1.50 -36.08
N ASN C 296 -14.30 2.41 -36.89
CA ASN C 296 -14.87 2.07 -38.19
C ASN C 296 -15.93 0.99 -38.06
N GLU C 297 -16.88 1.22 -37.15
CA GLU C 297 -18.03 0.35 -36.96
C GLU C 297 -19.32 1.15 -37.13
N ILE C 298 -20.39 0.46 -37.49
CA ILE C 298 -21.70 1.10 -37.58
C ILE C 298 -22.21 1.36 -36.16
N PRO C 299 -22.58 2.59 -35.82
CA PRO C 299 -23.11 2.83 -34.47
C PRO C 299 -24.33 1.97 -34.18
N ASP C 300 -24.41 1.48 -32.95
CA ASP C 300 -25.55 0.71 -32.48
C ASP C 300 -26.38 1.56 -31.53
N CYS C 301 -27.59 1.08 -31.23
CA CYS C 301 -28.56 1.82 -30.45
C CYS C 301 -28.64 1.21 -29.06
N TYR C 302 -28.39 2.04 -28.04
CA TYR C 302 -28.44 1.62 -26.65
C TYR C 302 -29.73 2.08 -25.99
N THR C 303 -30.30 1.21 -25.16
CA THR C 303 -31.36 1.58 -24.23
C THR C 303 -30.84 1.33 -22.83
N PHE C 304 -30.71 2.40 -22.05
CA PHE C 304 -30.30 2.32 -20.65
C PHE C 304 -31.54 2.31 -19.78
N SER C 305 -31.70 1.27 -18.98
CA SER C 305 -32.72 1.23 -17.93
C SER C 305 -32.04 1.67 -16.64
N VAL C 306 -32.53 2.77 -16.08
CA VAL C 306 -31.93 3.43 -14.93
C VAL C 306 -32.83 3.18 -13.73
N LEU C 307 -32.23 2.67 -12.66
CA LEU C 307 -32.90 2.40 -11.39
C LEU C 307 -32.17 3.15 -10.29
N ILE C 308 -32.86 4.09 -9.65
CA ILE C 308 -32.34 4.80 -8.49
C ILE C 308 -33.05 4.27 -7.25
N THR C 309 -32.26 3.80 -6.28
CA THR C 309 -32.78 3.17 -5.08
C THR C 309 -32.42 4.00 -3.86
N PHE C 310 -33.44 4.34 -3.06
CA PHE C 310 -33.28 4.87 -1.71
C PHE C 310 -33.68 3.75 -0.77
N ASP C 311 -32.70 3.12 -0.14
CA ASP C 311 -32.91 1.86 0.58
C ASP C 311 -33.07 2.11 2.07
N ASN C 312 -34.15 1.59 2.64
CA ASN C 312 -34.43 1.71 4.07
C ASN C 312 -34.70 0.35 4.71
N LYS C 313 -34.06 -0.71 4.21
CA LYS C 313 -34.32 -2.04 4.74
C LYS C 313 -33.64 -2.29 6.08
N ALA C 314 -32.67 -1.46 6.46
CA ALA C 314 -32.06 -1.56 7.78
C ALA C 314 -32.81 -0.80 8.85
N HIS C 315 -33.66 0.16 8.46
CA HIS C 315 -34.43 0.97 9.41
C HIS C 315 -33.52 1.54 10.51
N SER C 316 -32.38 2.08 10.10
CA SER C 316 -31.34 2.52 11.02
C SER C 316 -31.17 4.04 11.03
N GLY C 317 -32.08 4.78 10.41
CA GLY C 317 -31.94 6.22 10.31
C GLY C 317 -31.03 6.69 9.20
N ARG C 318 -30.38 5.77 8.48
CA ARG C 318 -29.51 6.10 7.36
C ARG C 318 -30.02 5.36 6.13
N ILE C 319 -30.35 6.12 5.08
CA ILE C 319 -30.93 5.56 3.87
C ILE C 319 -29.92 5.70 2.73
N PRO C 320 -29.20 4.65 2.36
CA PRO C 320 -28.28 4.75 1.22
C PRO C 320 -29.02 5.01 -0.09
N ILE C 321 -28.35 5.75 -0.97
CA ILE C 321 -28.87 6.10 -2.27
C ILE C 321 -27.90 5.58 -3.33
N SER C 322 -28.44 4.87 -4.33
CA SER C 322 -27.60 4.32 -5.38
C SER C 322 -28.30 4.46 -6.72
N LEU C 323 -27.50 4.48 -7.78
CA LEU C 323 -27.99 4.52 -9.15
C LEU C 323 -27.34 3.37 -9.93
N GLU C 324 -28.16 2.59 -10.63
CA GLU C 324 -27.68 1.48 -11.43
C GLU C 324 -28.30 1.54 -12.82
N THR C 325 -27.57 1.02 -13.80
CA THR C 325 -28.01 1.03 -15.19
C THR C 325 -27.86 -0.37 -15.77
N GLN C 326 -28.80 -0.73 -16.64
CA GLN C 326 -28.68 -1.93 -17.48
C GLN C 326 -28.80 -1.51 -18.93
N ALA C 327 -27.86 -1.96 -19.76
CA ALA C 327 -27.77 -1.55 -21.15
C ALA C 327 -28.27 -2.67 -22.06
N HIS C 328 -29.20 -2.34 -22.95
CA HIS C 328 -29.68 -3.26 -23.97
C HIS C 328 -29.29 -2.68 -25.33
N ILE C 329 -28.52 -3.44 -26.10
CA ILE C 329 -27.91 -2.98 -27.34
C ILE C 329 -28.60 -3.63 -28.52
N GLN C 330 -28.94 -2.83 -29.53
CA GLN C 330 -29.55 -3.32 -30.75
C GLN C 330 -28.88 -2.66 -31.95
N GLU C 331 -29.16 -3.20 -33.14
CA GLU C 331 -28.85 -2.51 -34.38
C GLU C 331 -29.88 -1.42 -34.63
N CYS C 332 -29.41 -0.23 -34.97
CA CYS C 332 -30.32 0.87 -35.27
C CYS C 332 -31.05 0.59 -36.58
N LYS C 333 -32.34 0.89 -36.59
CA LYS C 333 -33.23 0.42 -37.65
C LYS C 333 -33.01 1.12 -38.99
N HIS C 334 -32.21 2.18 -39.05
CA HIS C 334 -31.92 2.87 -40.31
C HIS C 334 -30.57 3.58 -40.18
N PRO C 335 -29.48 2.83 -40.20
CA PRO C 335 -28.15 3.45 -40.09
C PRO C 335 -27.58 3.85 -41.44
N SER C 336 -26.95 5.02 -41.48
CA SER C 336 -26.39 5.55 -42.72
C SER C 336 -25.18 6.41 -42.36
N VAL C 337 -23.99 5.85 -42.54
CA VAL C 337 -22.75 6.59 -42.29
C VAL C 337 -22.24 7.18 -43.60
N SER C 344 -16.51 -7.21 -43.25
CA SER C 344 -16.72 -8.65 -43.44
C SER C 344 -15.55 -9.46 -42.86
N PHE C 345 -14.43 -8.79 -42.62
CA PHE C 345 -13.23 -9.46 -42.10
C PHE C 345 -13.24 -9.51 -40.57
N ARG C 346 -14.37 -9.91 -40.02
CA ARG C 346 -14.49 -10.29 -38.61
C ARG C 346 -15.16 -11.65 -38.45
N LEU C 347 -16.15 -11.95 -39.29
CA LEU C 347 -16.75 -13.28 -39.29
C LEU C 347 -15.86 -14.28 -40.02
N LEU C 348 -15.18 -13.83 -41.08
CA LEU C 348 -14.29 -14.72 -41.81
C LEU C 348 -13.17 -15.23 -40.92
N PHE C 349 -12.58 -14.35 -40.11
CA PHE C 349 -11.55 -14.79 -39.18
C PHE C 349 -12.12 -15.74 -38.14
N ASP C 350 -13.37 -15.54 -37.73
CA ASP C 350 -13.98 -16.42 -36.75
C ASP C 350 -14.17 -17.83 -37.32
N VAL C 351 -14.66 -17.94 -38.56
CA VAL C 351 -14.80 -19.27 -39.16
C VAL C 351 -13.42 -19.87 -39.42
N VAL C 352 -12.42 -19.06 -39.74
CA VAL C 352 -11.06 -19.57 -39.87
C VAL C 352 -10.59 -20.18 -38.55
N VAL C 353 -10.85 -19.49 -37.45
CA VAL C 353 -10.48 -20.00 -36.13
C VAL C 353 -11.20 -21.31 -35.86
N ILE C 354 -12.49 -21.36 -36.18
CA ILE C 354 -13.27 -22.58 -35.93
C ILE C 354 -12.69 -23.74 -36.74
N LEU C 355 -12.35 -23.49 -38.00
CA LEU C 355 -11.79 -24.56 -38.83
C LEU C 355 -10.45 -25.03 -38.31
N THR C 356 -9.59 -24.08 -37.90
CA THR C 356 -8.29 -24.46 -37.35
C THR C 356 -8.46 -25.32 -36.11
N CYS C 357 -9.34 -24.91 -35.21
CA CYS C 357 -9.56 -25.66 -33.97
C CYS C 357 -10.18 -27.02 -34.25
N SER C 358 -11.06 -27.11 -35.25
CA SER C 358 -11.64 -28.40 -35.60
C SER C 358 -10.60 -29.35 -36.16
N LEU C 359 -9.71 -28.85 -37.03
CA LEU C 359 -8.64 -29.70 -37.54
C LEU C 359 -7.73 -30.17 -36.41
N SER C 360 -7.38 -29.25 -35.50
CA SER C 360 -6.56 -29.63 -34.35
C SER C 360 -7.25 -30.69 -33.51
N PHE C 361 -8.56 -30.52 -33.27
CA PHE C 361 -9.31 -31.48 -32.48
C PHE C 361 -9.31 -32.85 -33.16
N LEU C 362 -9.52 -32.90 -34.47
CA LEU C 362 -9.54 -34.18 -35.17
C LEU C 362 -8.18 -34.87 -35.08
N LEU C 363 -7.10 -34.12 -35.30
CA LEU C 363 -5.77 -34.72 -35.24
C LEU C 363 -5.46 -35.22 -33.83
N CYS C 364 -5.77 -34.42 -32.81
CA CYS C 364 -5.49 -34.84 -31.44
C CYS C 364 -6.33 -36.05 -31.04
N ALA C 365 -7.59 -36.10 -31.47
CA ALA C 365 -8.43 -37.26 -31.18
C ALA C 365 -7.86 -38.50 -31.86
N ARG C 366 -7.39 -38.36 -33.10
CA ARG C 366 -6.76 -39.50 -33.76
C ARG C 366 -5.53 -39.98 -33.00
N SER C 367 -4.71 -39.05 -32.52
CA SER C 367 -3.53 -39.43 -31.76
C SER C 367 -3.92 -40.14 -30.46
N LEU C 368 -4.95 -39.64 -29.77
CA LEU C 368 -5.38 -40.28 -28.54
C LEU C 368 -5.95 -41.66 -28.79
N LEU C 369 -6.68 -41.84 -29.89
CA LEU C 369 -7.17 -43.16 -30.25
C LEU C 369 -6.02 -44.10 -30.54
N ARG C 370 -5.00 -43.62 -31.25
CA ARG C 370 -3.80 -44.41 -31.48
C ARG C 370 -3.20 -44.86 -30.15
N GLY C 371 -3.07 -43.92 -29.21
CA GLY C 371 -2.50 -44.28 -27.91
C GLY C 371 -3.32 -45.32 -27.19
N PHE C 372 -4.65 -45.17 -27.20
CA PHE C 372 -5.51 -46.15 -26.52
C PHE C 372 -5.37 -47.52 -27.15
N LEU C 373 -5.36 -47.59 -28.48
CA LEU C 373 -5.23 -48.88 -29.14
C LEU C 373 -3.89 -49.53 -28.82
N LEU C 374 -2.81 -48.74 -28.84
CA LEU C 374 -1.50 -49.30 -28.50
C LEU C 374 -1.47 -49.78 -27.04
N GLN C 375 -2.11 -49.02 -26.14
CA GLN C 375 -2.18 -49.44 -24.75
C GLN C 375 -2.89 -50.78 -24.62
N ASN C 376 -4.03 -50.92 -25.30
CA ASN C 376 -4.78 -52.18 -25.23
C ASN C 376 -3.95 -53.33 -25.78
N GLU C 377 -3.27 -53.10 -26.91
CA GLU C 377 -2.44 -54.16 -27.49
C GLU C 377 -1.32 -54.56 -26.54
N PHE C 378 -0.66 -53.58 -25.92
CA PHE C 378 0.42 -53.88 -24.99
C PHE C 378 -0.08 -54.65 -23.79
N VAL C 379 -1.23 -54.24 -23.23
CA VAL C 379 -1.78 -54.95 -22.07
C VAL C 379 -2.11 -56.40 -22.45
N GLY C 380 -2.74 -56.58 -23.61
CA GLY C 380 -3.07 -57.93 -24.04
C GLY C 380 -1.83 -58.79 -24.24
N PHE C 381 -0.78 -58.22 -24.85
CA PHE C 381 0.44 -58.97 -25.07
C PHE C 381 1.10 -59.34 -23.74
N MET C 382 1.23 -58.37 -22.83
CA MET C 382 1.91 -58.64 -21.56
C MET C 382 1.15 -59.66 -20.74
N TRP C 383 -0.18 -59.58 -20.73
CA TRP C 383 -0.96 -60.57 -19.99
C TRP C 383 -0.73 -61.98 -20.52
N ARG C 384 -0.28 -62.12 -21.75
CA ARG C 384 0.02 -63.43 -22.33
C ARG C 384 1.49 -63.79 -22.15
N SER C 391 -1.73 -53.07 -14.22
CA SER C 391 -1.85 -51.88 -13.38
C SER C 391 -2.52 -50.74 -14.14
N LEU C 392 -2.91 -49.70 -13.42
CA LEU C 392 -3.54 -48.53 -14.01
C LEU C 392 -2.58 -47.35 -14.15
N TRP C 393 -1.73 -47.11 -13.15
CA TRP C 393 -0.79 -45.99 -13.25
C TRP C 393 0.24 -46.24 -14.36
N GLU C 394 0.47 -47.50 -14.72
CA GLU C 394 1.29 -47.80 -15.88
C GLU C 394 0.45 -47.85 -17.15
N ARG C 395 -0.85 -48.12 -17.03
CA ARG C 395 -1.71 -48.19 -18.20
C ARG C 395 -2.03 -46.82 -18.76
N LEU C 396 -2.10 -45.80 -17.90
CA LEU C 396 -2.37 -44.44 -18.34
C LEU C 396 -1.11 -43.70 -18.78
N GLU C 397 0.06 -44.33 -18.69
CA GLU C 397 1.27 -43.72 -19.23
C GLU C 397 1.19 -43.57 -20.73
N PHE C 398 0.30 -44.30 -21.39
CA PHE C 398 0.08 -44.16 -22.83
C PHE C 398 -0.71 -42.92 -23.19
N VAL C 399 -1.24 -42.20 -22.22
CA VAL C 399 -2.08 -41.03 -22.46
C VAL C 399 -1.20 -39.79 -22.55
N ASN C 400 -1.35 -39.04 -23.64
CA ASN C 400 -0.62 -37.79 -23.84
C ASN C 400 -1.46 -36.66 -23.26
N GLY C 401 -1.08 -36.19 -22.07
CA GLY C 401 -1.87 -35.16 -21.40
C GLY C 401 -1.88 -33.85 -22.16
N TRP C 402 -0.80 -33.53 -22.88
CA TRP C 402 -0.77 -32.31 -23.68
C TRP C 402 -1.89 -32.35 -24.72
N TYR C 403 -2.17 -33.52 -25.29
CA TYR C 403 -3.25 -33.62 -26.26
C TYR C 403 -4.61 -33.49 -25.60
N ILE C 404 -4.76 -33.96 -24.35
CA ILE C 404 -6.00 -33.72 -23.62
C ILE C 404 -6.20 -32.21 -23.44
N LEU C 405 -5.14 -31.50 -23.06
CA LEU C 405 -5.23 -30.07 -22.89
C LEU C 405 -5.58 -29.39 -24.22
N LEU C 406 -4.97 -29.83 -25.31
CA LEU C 406 -5.25 -29.25 -26.62
C LEU C 406 -6.70 -29.49 -27.03
N VAL C 407 -7.22 -30.68 -26.77
CA VAL C 407 -8.61 -30.99 -27.10
C VAL C 407 -9.55 -30.10 -26.29
N THR C 408 -9.26 -29.95 -24.99
CA THR C 408 -10.07 -29.08 -24.15
C THR C 408 -10.05 -27.65 -24.68
N SER C 409 -8.86 -27.16 -25.05
CA SER C 409 -8.75 -25.81 -25.58
C SER C 409 -9.52 -25.65 -26.89
N ASP C 410 -9.46 -26.67 -27.76
CA ASP C 410 -10.20 -26.61 -29.01
C ASP C 410 -11.70 -26.53 -28.77
N VAL C 411 -12.21 -27.35 -27.85
CA VAL C 411 -13.64 -27.33 -27.56
C VAL C 411 -14.03 -25.97 -26.99
N LEU C 412 -13.25 -25.47 -26.04
CA LEU C 412 -13.56 -24.17 -25.44
C LEU C 412 -13.53 -23.07 -26.50
N THR C 413 -12.53 -23.09 -27.38
CA THR C 413 -12.42 -22.05 -28.39
C THR C 413 -13.58 -22.11 -29.38
N ILE C 414 -13.99 -23.30 -29.79
CA ILE C 414 -15.11 -23.40 -30.74
C ILE C 414 -16.38 -22.88 -30.09
N SER C 415 -16.65 -23.30 -28.84
CA SER C 415 -17.85 -22.82 -28.17
C SER C 415 -17.82 -21.30 -28.01
N GLY C 416 -16.69 -20.76 -27.57
CA GLY C 416 -16.60 -19.33 -27.37
C GLY C 416 -16.71 -18.56 -28.67
N THR C 417 -16.18 -19.11 -29.76
CA THR C 417 -16.27 -18.45 -31.06
C THR C 417 -17.71 -18.44 -31.56
N ILE C 418 -18.46 -19.53 -31.35
CA ILE C 418 -19.87 -19.54 -31.72
C ILE C 418 -20.62 -18.49 -30.90
N MET C 419 -20.37 -18.44 -29.60
CA MET C 419 -21.03 -17.46 -28.76
C MET C 419 -20.67 -16.04 -29.19
N LYS C 420 -19.41 -15.81 -29.55
CA LYS C 420 -18.96 -14.50 -29.99
C LYS C 420 -19.62 -14.10 -31.30
N ILE C 421 -19.72 -15.04 -32.25
CA ILE C 421 -20.41 -14.75 -33.50
C ILE C 421 -21.85 -14.35 -33.22
N GLY C 422 -22.51 -15.06 -32.31
CA GLY C 422 -23.87 -14.67 -31.94
C GLY C 422 -23.92 -13.28 -31.31
N ILE C 423 -22.93 -12.97 -30.47
CA ILE C 423 -22.95 -11.69 -29.75
C ILE C 423 -22.76 -10.53 -30.72
N GLU C 424 -21.79 -10.64 -31.63
CA GLU C 424 -21.52 -9.54 -32.55
C GLU C 424 -22.66 -9.32 -33.53
N ALA C 425 -23.57 -10.28 -33.67
CA ALA C 425 -24.79 -10.10 -34.43
C ALA C 425 -25.93 -9.55 -33.57
N LYS C 426 -25.68 -9.29 -32.29
CA LYS C 426 -26.68 -8.81 -31.35
C LYS C 426 -27.77 -9.84 -31.09
N ASN C 427 -27.50 -11.12 -31.36
CA ASN C 427 -28.44 -12.19 -31.05
C ASN C 427 -28.22 -12.76 -29.65
N LEU C 428 -27.16 -12.37 -28.95
CA LEU C 428 -26.93 -12.78 -27.58
C LEU C 428 -26.35 -11.61 -26.79
N ALA C 429 -26.41 -11.73 -25.47
CA ALA C 429 -25.83 -10.73 -24.58
C ALA C 429 -25.07 -11.41 -23.43
N SER C 430 -24.60 -12.63 -23.65
CA SER C 430 -23.89 -13.38 -22.62
C SER C 430 -22.38 -13.16 -22.77
N TYR C 431 -21.96 -11.93 -22.49
CA TYR C 431 -20.56 -11.57 -22.65
C TYR C 431 -19.68 -12.32 -21.66
N ASP C 432 -20.16 -12.54 -20.44
CA ASP C 432 -19.31 -13.15 -19.41
C ASP C 432 -18.90 -14.56 -19.79
N VAL C 433 -19.85 -15.38 -20.23
CA VAL C 433 -19.55 -16.77 -20.54
C VAL C 433 -18.60 -16.87 -21.72
N CYS C 434 -18.88 -16.10 -22.78
CA CYS C 434 -18.00 -16.11 -23.95
C CYS C 434 -16.59 -15.64 -23.59
N SER C 435 -16.49 -14.58 -22.80
CA SER C 435 -15.18 -14.07 -22.41
C SER C 435 -14.43 -15.11 -21.58
N ILE C 436 -15.12 -15.77 -20.65
CA ILE C 436 -14.46 -16.78 -19.83
C ILE C 436 -13.97 -17.93 -20.69
N LEU C 437 -14.81 -18.39 -21.62
CA LEU C 437 -14.42 -19.50 -22.48
C LEU C 437 -13.18 -19.14 -23.30
N LEU C 438 -13.22 -17.99 -23.99
CA LEU C 438 -12.11 -17.62 -24.85
C LEU C 438 -10.84 -17.35 -24.05
N GLY C 439 -10.95 -16.69 -22.89
CA GLY C 439 -9.78 -16.42 -22.08
C GLY C 439 -9.15 -17.69 -21.55
N THR C 440 -9.97 -18.62 -21.06
CA THR C 440 -9.42 -19.89 -20.57
C THR C 440 -8.77 -20.66 -21.70
N SER C 441 -9.38 -20.66 -22.89
CA SER C 441 -8.77 -21.34 -24.02
C SER C 441 -7.43 -20.73 -24.40
N THR C 442 -7.36 -19.40 -24.41
CA THR C 442 -6.09 -18.74 -24.71
C THR C 442 -5.03 -19.06 -23.67
N LEU C 443 -5.43 -19.07 -22.39
CA LEU C 443 -4.50 -19.43 -21.33
C LEU C 443 -3.98 -20.85 -21.53
N LEU C 444 -4.86 -21.79 -21.86
CA LEU C 444 -4.44 -23.18 -22.05
C LEU C 444 -3.51 -23.32 -23.25
N VAL C 445 -3.81 -22.64 -24.36
CA VAL C 445 -2.95 -22.77 -25.53
C VAL C 445 -1.58 -22.17 -25.26
N TRP C 446 -1.53 -21.08 -24.49
CA TRP C 446 -0.23 -20.51 -24.15
C TRP C 446 0.52 -21.38 -23.14
N VAL C 447 -0.19 -22.05 -22.24
CA VAL C 447 0.46 -23.00 -21.34
C VAL C 447 1.03 -24.17 -22.14
N GLY C 448 0.34 -24.58 -23.21
CA GLY C 448 0.78 -25.70 -24.00
C GLY C 448 2.13 -25.49 -24.68
N VAL C 449 2.59 -24.25 -24.77
CA VAL C 449 3.89 -23.97 -25.36
C VAL C 449 5.02 -24.61 -24.56
N ILE C 450 4.78 -24.92 -23.29
CA ILE C 450 5.80 -25.56 -22.46
C ILE C 450 6.21 -26.90 -23.07
N ARG C 451 5.29 -27.58 -23.75
CA ARG C 451 5.61 -28.87 -24.36
C ARG C 451 6.78 -28.74 -25.33
N TYR C 452 6.82 -27.66 -26.11
CA TYR C 452 7.91 -27.48 -27.06
C TYR C 452 9.25 -27.34 -26.34
N LEU C 453 9.26 -26.61 -25.22
CA LEU C 453 10.49 -26.49 -24.44
C LEU C 453 10.89 -27.81 -23.80
N THR C 454 9.92 -28.68 -23.50
CA THR C 454 10.27 -29.96 -22.90
C THR C 454 11.17 -30.81 -23.79
N PHE C 455 11.21 -30.52 -25.09
CA PHE C 455 12.06 -31.29 -26.00
C PHE C 455 13.53 -30.92 -25.92
N PHE C 456 13.88 -29.88 -25.16
CA PHE C 456 15.26 -29.44 -25.01
C PHE C 456 15.71 -29.69 -23.58
N HIS C 457 16.91 -30.25 -23.42
CA HIS C 457 17.31 -30.82 -22.14
C HIS C 457 17.38 -29.77 -21.04
N ASN C 458 17.94 -28.60 -21.33
CA ASN C 458 18.13 -27.60 -20.29
C ASN C 458 16.80 -27.04 -19.79
N TYR C 459 15.81 -26.89 -20.68
CA TYR C 459 14.48 -26.47 -20.26
C TYR C 459 13.73 -27.62 -19.60
N ASN C 460 13.95 -28.84 -20.10
CA ASN C 460 13.30 -30.00 -19.52
C ASN C 460 13.74 -30.22 -18.07
N ILE C 461 14.97 -29.83 -17.73
CA ILE C 461 15.41 -29.94 -16.34
C ILE C 461 14.47 -29.14 -15.43
N LEU C 462 14.21 -27.88 -15.77
CA LEU C 462 13.35 -27.04 -14.95
C LEU C 462 11.92 -27.56 -14.94
N ILE C 463 11.41 -27.95 -16.11
CA ILE C 463 10.03 -28.42 -16.18
C ILE C 463 9.86 -29.70 -15.37
N ALA C 464 10.82 -30.62 -15.46
CA ALA C 464 10.76 -31.85 -14.68
C ALA C 464 10.90 -31.58 -13.19
N THR C 465 11.71 -30.59 -12.81
CA THR C 465 11.78 -30.20 -11.41
C THR C 465 10.40 -29.81 -10.91
N LEU C 466 9.72 -28.93 -11.65
CA LEU C 466 8.37 -28.53 -11.24
C LEU C 466 7.44 -29.73 -11.19
N ARG C 467 7.52 -30.62 -12.19
CA ARG C 467 6.65 -31.78 -12.25
C ARG C 467 6.83 -32.68 -11.04
N VAL C 468 8.08 -32.97 -10.67
N VAL C 468 8.08 -32.98 -10.68
CA VAL C 468 8.30 -33.87 -9.55
CA VAL C 468 8.37 -33.85 -9.54
C VAL C 468 7.98 -33.18 -8.22
C VAL C 468 7.96 -33.17 -8.25
N ALA C 469 8.08 -31.85 -8.17
CA ALA C 469 7.73 -31.14 -6.94
C ALA C 469 6.23 -31.05 -6.73
N LEU C 470 5.44 -31.02 -7.81
CA LEU C 470 4.01 -30.71 -7.69
C LEU C 470 3.26 -31.57 -6.68
N PRO C 471 3.42 -32.90 -6.62
CA PRO C 471 2.60 -33.68 -5.67
C PRO C 471 2.80 -33.30 -4.21
N SER C 472 4.05 -33.16 -3.77
CA SER C 472 4.31 -32.75 -2.39
C SER C 472 3.81 -31.34 -2.14
N VAL C 473 3.89 -30.46 -3.14
CA VAL C 473 3.36 -29.11 -2.98
C VAL C 473 1.85 -29.17 -2.75
N MET C 474 1.15 -30.01 -3.51
CA MET C 474 -0.29 -30.14 -3.33
C MET C 474 -0.63 -30.71 -1.95
N ARG C 475 0.13 -31.72 -1.51
CA ARG C 475 -0.13 -32.29 -0.20
C ARG C 475 0.10 -31.27 0.91
N PHE C 476 1.16 -30.47 0.79
CA PHE C 476 1.39 -29.43 1.79
C PHE C 476 0.33 -28.34 1.71
N CYS C 477 -0.20 -28.06 0.52
CA CYS C 477 -1.34 -27.15 0.42
C CYS C 477 -2.54 -27.69 1.19
N CYS C 478 -2.78 -29.01 1.08
CA CYS C 478 -3.85 -29.63 1.86
C CYS C 478 -3.59 -29.46 3.35
N CYS C 479 -2.34 -29.67 3.79
CA CYS C 479 -2.02 -29.47 5.20
C CYS C 479 -2.24 -28.03 5.63
N VAL C 480 -1.88 -27.07 4.77
CA VAL C 480 -2.01 -25.66 5.08
C VAL C 480 -3.47 -25.25 5.17
N ALA C 481 -4.33 -25.87 4.37
CA ALA C 481 -5.70 -25.40 4.22
C ALA C 481 -6.46 -25.46 5.54
N VAL C 482 -6.26 -26.51 6.34
CA VAL C 482 -7.04 -26.66 7.56
C VAL C 482 -6.66 -25.59 8.59
N ILE C 483 -5.36 -25.33 8.74
CA ILE C 483 -4.92 -24.27 9.63
C ILE C 483 -5.43 -22.92 9.15
N TYR C 484 -5.37 -22.71 7.84
CA TYR C 484 -5.84 -21.45 7.27
C TYR C 484 -7.33 -21.26 7.53
N LEU C 485 -8.12 -22.33 7.39
CA LEU C 485 -9.56 -22.24 7.63
C LEU C 485 -9.85 -21.99 9.10
N GLY C 486 -9.12 -22.64 10.00
CA GLY C 486 -9.30 -22.37 11.43
C GLY C 486 -9.05 -20.91 11.75
N TYR C 487 -7.96 -20.36 11.23
CA TYR C 487 -7.68 -18.94 11.45
C TYR C 487 -8.76 -18.07 10.83
N CYS C 488 -9.24 -18.43 9.63
CA CYS C 488 -10.31 -17.65 9.00
C CYS C 488 -11.54 -17.58 9.89
N PHE C 489 -11.99 -18.73 10.38
CA PHE C 489 -13.19 -18.76 11.22
C PHE C 489 -12.99 -17.96 12.51
N CYS C 490 -11.85 -18.17 13.17
CA CYS C 490 -11.62 -17.49 14.44
C CYS C 490 -11.56 -15.98 14.25
N GLY C 491 -10.84 -15.53 13.22
CA GLY C 491 -10.75 -14.10 12.95
C GLY C 491 -12.09 -13.51 12.56
N TRP C 492 -12.87 -14.25 11.78
CA TRP C 492 -14.19 -13.77 11.40
C TRP C 492 -15.08 -13.58 12.63
N ILE C 493 -15.08 -14.55 13.54
CA ILE C 493 -16.00 -14.46 14.68
C ILE C 493 -15.54 -13.41 15.67
N VAL C 494 -14.22 -13.27 15.87
CA VAL C 494 -13.73 -12.37 16.92
C VAL C 494 -13.58 -10.94 16.41
N LEU C 495 -12.94 -10.75 15.26
CA LEU C 495 -12.57 -9.42 14.79
C LEU C 495 -13.62 -8.78 13.89
N GLY C 496 -14.57 -9.56 13.36
CA GLY C 496 -15.57 -9.03 12.48
C GLY C 496 -16.40 -7.91 13.04
N PRO C 497 -16.81 -7.97 14.31
CA PRO C 497 -17.56 -6.85 14.90
C PRO C 497 -16.78 -5.55 14.96
N TYR C 498 -15.44 -5.60 14.88
CA TYR C 498 -14.61 -4.42 15.09
C TYR C 498 -13.79 -4.02 13.87
N HIS C 499 -13.47 -4.95 12.98
CA HIS C 499 -12.51 -4.71 11.90
C HIS C 499 -13.23 -4.82 10.56
N VAL C 500 -13.07 -3.80 9.72
CA VAL C 500 -13.80 -3.76 8.45
C VAL C 500 -13.36 -4.89 7.54
N LYS C 501 -12.07 -5.24 7.57
CA LYS C 501 -11.53 -6.27 6.71
C LYS C 501 -11.93 -7.69 7.14
N PHE C 502 -12.69 -7.84 8.22
CA PHE C 502 -13.02 -9.14 8.77
C PHE C 502 -14.53 -9.39 8.81
N ARG C 503 -15.31 -8.64 8.02
CA ARG C 503 -16.76 -8.70 8.13
C ARG C 503 -17.35 -9.96 7.50
N SER C 504 -16.73 -10.48 6.43
CA SER C 504 -17.21 -11.68 5.77
C SER C 504 -16.06 -12.68 5.65
N LEU C 505 -16.42 -13.95 5.51
CA LEU C 505 -15.42 -15.01 5.50
C LEU C 505 -14.51 -14.91 4.29
N SER C 506 -15.06 -14.59 3.12
CA SER C 506 -14.22 -14.39 1.94
C SER C 506 -13.30 -13.19 2.13
N MET C 507 -13.83 -12.11 2.73
CA MET C 507 -12.99 -10.96 3.03
C MET C 507 -11.88 -11.33 4.01
N VAL C 508 -12.21 -12.12 5.03
CA VAL C 508 -11.19 -12.57 5.98
C VAL C 508 -10.11 -13.37 5.29
N SER C 509 -10.51 -14.29 4.41
CA SER C 509 -9.54 -15.09 3.68
C SER C 509 -8.66 -14.24 2.81
N GLU C 510 -9.24 -13.24 2.12
CA GLU C 510 -8.45 -12.35 1.29
C GLU C 510 -7.44 -11.58 2.13
N CYS C 511 -7.88 -11.07 3.28
CA CYS C 511 -6.98 -10.32 4.15
C CYS C 511 -5.83 -11.20 4.63
N LEU C 512 -6.14 -12.42 5.07
CA LEU C 512 -5.09 -13.32 5.55
C LEU C 512 -4.12 -13.68 4.43
N PHE C 513 -4.64 -13.94 3.23
CA PHE C 513 -3.77 -14.26 2.11
C PHE C 513 -2.86 -13.09 1.76
N SER C 514 -3.39 -11.88 1.79
CA SER C 514 -2.56 -10.70 1.55
C SER C 514 -1.50 -10.56 2.63
N LEU C 515 -1.87 -10.81 3.89
CA LEU C 515 -0.89 -10.75 4.97
C LEU C 515 0.22 -11.76 4.76
N ILE C 516 -0.12 -12.95 4.27
CA ILE C 516 0.90 -13.98 4.03
C ILE C 516 1.95 -13.45 3.06
N ASN C 517 1.53 -12.66 2.08
CA ASN C 517 2.42 -12.15 1.05
C ASN C 517 3.02 -10.79 1.38
N GLY C 518 2.76 -10.25 2.58
CA GLY C 518 3.36 -9.00 2.97
C GLY C 518 2.68 -7.76 2.45
N ASP C 519 1.35 -7.79 2.30
CA ASP C 519 0.59 -6.67 1.78
C ASP C 519 -0.44 -6.21 2.80
N ASP C 520 -0.54 -4.90 2.98
CA ASP C 520 -1.60 -4.29 3.79
C ASP C 520 -1.49 -4.66 5.26
N MET C 521 -0.27 -4.96 5.72
CA MET C 521 -0.08 -5.41 7.09
C MET C 521 -0.28 -4.26 8.08
N PHE C 522 0.36 -3.11 7.82
CA PHE C 522 0.32 -2.03 8.80
C PHE C 522 -1.08 -1.47 8.96
N VAL C 523 -1.83 -1.34 7.88
CA VAL C 523 -3.20 -0.83 8.00
C VAL C 523 -4.05 -1.81 8.80
N THR C 524 -3.81 -3.11 8.63
CA THR C 524 -4.52 -4.10 9.42
C THR C 524 -4.21 -3.93 10.90
N PHE C 525 -2.94 -3.71 11.25
CA PHE C 525 -2.61 -3.48 12.65
C PHE C 525 -3.21 -2.17 13.16
N ALA C 526 -3.19 -1.12 12.32
CA ALA C 526 -3.63 0.21 12.76
C ALA C 526 -5.14 0.27 12.96
N ALA C 527 -5.90 -0.47 12.16
CA ALA C 527 -7.35 -0.50 12.38
C ALA C 527 -7.68 -1.02 13.77
N MET C 528 -6.93 -2.01 14.24
CA MET C 528 -7.12 -2.52 15.60
C MET C 528 -6.56 -1.54 16.63
N GLN C 529 -5.41 -0.93 16.32
CA GLN C 529 -4.84 0.08 17.20
C GLN C 529 -5.85 1.19 17.49
N ALA C 530 -6.68 1.52 16.50
CA ALA C 530 -7.68 2.55 16.66
C ALA C 530 -8.79 2.17 17.64
N GLN C 531 -8.72 1.00 18.27
CA GLN C 531 -9.74 0.56 19.22
C GLN C 531 -9.13 0.05 20.52
N GLN C 532 -7.86 0.35 20.78
CA GLN C 532 -7.26 0.02 22.06
C GLN C 532 -7.86 0.89 23.15
N GLY C 533 -7.88 0.35 24.37
CA GLY C 533 -8.53 1.03 25.48
C GLY C 533 -10.01 0.74 25.58
N ARG C 534 -10.72 0.83 24.45
CA ARG C 534 -12.13 0.46 24.43
C ARG C 534 -12.32 -0.99 24.90
N SER C 535 -11.75 -1.94 24.15
CA SER C 535 -11.82 -3.36 24.48
C SER C 535 -10.39 -3.88 24.53
N SER C 536 -9.78 -3.83 25.72
CA SER C 536 -8.39 -4.26 25.86
C SER C 536 -8.23 -5.74 25.52
N LEU C 537 -9.19 -6.56 25.95
CA LEU C 537 -9.11 -8.00 25.68
C LEU C 537 -9.09 -8.27 24.18
N VAL C 538 -9.98 -7.61 23.44
CA VAL C 538 -10.06 -7.84 22.00
C VAL C 538 -8.78 -7.36 21.32
N TRP C 539 -8.23 -6.23 21.76
CA TRP C 539 -7.01 -5.72 21.15
C TRP C 539 -5.83 -6.67 21.41
N LEU C 540 -5.70 -7.16 22.64
CA LEU C 540 -4.63 -8.11 22.93
C LEU C 540 -4.80 -9.40 22.13
N PHE C 541 -6.04 -9.87 22.01
CA PHE C 541 -6.29 -11.06 21.21
C PHE C 541 -5.91 -10.82 19.76
N SER C 542 -6.24 -9.64 19.22
CA SER C 542 -5.88 -9.34 17.83
C SER C 542 -4.37 -9.30 17.66
N GLN C 543 -3.66 -8.72 18.64
CA GLN C 543 -2.20 -8.73 18.58
C GLN C 543 -1.67 -10.15 18.49
N LEU C 544 -2.11 -11.01 19.42
CA LEU C 544 -1.62 -12.39 19.42
C LEU C 544 -1.98 -13.09 18.12
N TYR C 545 -3.22 -12.94 17.68
CA TYR C 545 -3.71 -13.59 16.48
C TYR C 545 -2.88 -13.22 15.26
N LEU C 546 -2.73 -11.92 15.01
CA LEU C 546 -2.01 -11.47 13.82
C LEU C 546 -0.55 -11.86 13.89
N TYR C 547 0.11 -11.60 15.02
CA TYR C 547 1.54 -11.89 15.11
C TYR C 547 1.80 -13.39 14.92
N SER C 548 1.03 -14.23 15.62
CA SER C 548 1.24 -15.66 15.51
C SER C 548 0.99 -16.14 14.09
N PHE C 549 -0.10 -15.69 13.47
CA PHE C 549 -0.41 -16.13 12.12
C PHE C 549 0.71 -15.78 11.15
N ILE C 550 1.12 -14.51 11.13
CA ILE C 550 2.11 -14.06 10.16
C ILE C 550 3.44 -14.74 10.41
N SER C 551 3.87 -14.83 11.69
CA SER C 551 5.14 -15.44 12.01
C SER C 551 5.16 -16.91 11.58
N LEU C 552 4.11 -17.65 11.93
CA LEU C 552 4.05 -19.05 11.55
C LEU C 552 4.12 -19.21 10.04
N PHE C 553 3.39 -18.38 9.30
CA PHE C 553 3.32 -18.59 7.86
C PHE C 553 4.59 -18.16 7.13
N ILE C 554 5.28 -17.12 7.60
N ILE C 554 5.28 -17.12 7.59
CA ILE C 554 6.48 -16.65 6.90
CA ILE C 554 6.48 -16.67 6.88
C ILE C 554 7.72 -17.41 7.34
C ILE C 554 7.72 -17.43 7.34
N TYR C 555 7.84 -17.75 8.63
CA TYR C 555 9.03 -18.46 9.09
C TYR C 555 9.05 -19.92 8.66
N MET C 556 7.88 -20.56 8.55
CA MET C 556 7.83 -22.02 8.45
C MET C 556 7.20 -22.52 7.17
N VAL C 557 6.05 -21.98 6.76
CA VAL C 557 5.29 -22.55 5.64
C VAL C 557 6.00 -22.26 4.32
N LEU C 558 6.21 -20.98 4.03
CA LEU C 558 6.90 -20.61 2.79
C LEU C 558 8.28 -21.24 2.73
N SER C 559 8.95 -21.34 3.88
CA SER C 559 10.25 -22.00 3.94
C SER C 559 10.12 -23.46 3.53
N LEU C 560 9.05 -24.14 3.96
CA LEU C 560 8.88 -25.54 3.60
C LEU C 560 8.59 -25.68 2.11
N PHE C 561 7.82 -24.75 1.52
CA PHE C 561 7.64 -24.77 0.07
C PHE C 561 8.98 -24.64 -0.65
N ILE C 562 9.80 -23.69 -0.19
CA ILE C 562 11.13 -23.52 -0.78
C ILE C 562 11.94 -24.81 -0.65
N ALA C 563 11.88 -25.45 0.50
CA ALA C 563 12.64 -26.67 0.74
C ALA C 563 12.17 -27.80 -0.18
N LEU C 564 10.86 -27.92 -0.38
CA LEU C 564 10.33 -28.94 -1.28
C LEU C 564 10.84 -28.73 -2.69
N ILE C 565 10.77 -27.48 -3.18
CA ILE C 565 11.22 -27.20 -4.54
C ILE C 565 12.72 -27.47 -4.65
N THR C 566 13.50 -27.07 -3.64
CA THR C 566 14.94 -27.29 -3.68
C THR C 566 15.27 -28.78 -3.69
N GLY C 567 14.56 -29.58 -2.90
CA GLY C 567 14.80 -31.01 -2.91
C GLY C 567 14.45 -31.63 -4.24
N ALA C 568 13.34 -31.21 -4.84
CA ALA C 568 12.99 -31.70 -6.18
C ALA C 568 14.08 -31.36 -7.19
N TYR C 569 14.58 -30.12 -7.15
CA TYR C 569 15.62 -29.71 -8.09
C TYR C 569 16.89 -30.53 -7.88
N ASP C 570 17.26 -30.77 -6.63
CA ASP C 570 18.44 -31.58 -6.35
C ASP C 570 18.27 -33.01 -6.84
N THR C 571 17.07 -33.57 -6.66
CA THR C 571 16.82 -34.91 -7.17
C THR C 571 16.95 -34.96 -8.69
N ILE C 572 16.43 -33.94 -9.38
CA ILE C 572 16.56 -33.90 -10.83
C ILE C 572 18.01 -33.78 -11.25
N LYS C 573 18.77 -32.92 -10.59
CA LYS C 573 20.13 -32.65 -11.02
C LYS C 573 21.09 -33.79 -10.69
N HIS C 574 20.78 -34.59 -9.67
CA HIS C 574 21.66 -35.66 -9.21
C HIS C 574 20.87 -36.96 -9.12
N PRO C 575 20.56 -37.57 -10.27
CA PRO C 575 19.79 -38.82 -10.31
C PRO C 575 20.65 -40.04 -10.03
N LEU D 89 2.55 -56.97 29.09
CA LEU D 89 2.85 -55.54 29.08
C LEU D 89 3.34 -55.10 27.70
N ARG D 90 4.27 -55.87 27.13
CA ARG D 90 4.80 -55.53 25.81
C ARG D 90 3.69 -55.53 24.76
N ARG D 91 2.86 -56.58 24.76
CA ARG D 91 1.70 -56.60 23.87
C ARG D 91 0.80 -55.40 24.11
N ARG D 92 0.50 -55.09 25.38
CA ARG D 92 -0.38 -53.97 25.68
C ARG D 92 0.24 -52.65 25.24
N LEU D 93 1.54 -52.47 25.49
CA LEU D 93 2.20 -51.24 25.06
C LEU D 93 2.20 -51.13 23.55
N LYS D 94 2.43 -52.24 22.84
CA LYS D 94 2.37 -52.23 21.38
C LYS D 94 0.99 -51.82 20.90
N TYR D 95 -0.06 -52.34 21.53
CA TYR D 95 -1.41 -51.95 21.15
C TYR D 95 -1.66 -50.46 21.41
N PHE D 96 -1.17 -49.95 22.55
CA PHE D 96 -1.46 -48.57 22.92
C PHE D 96 -0.92 -47.59 21.88
N PHE D 97 0.31 -47.82 21.41
CA PHE D 97 0.94 -46.94 20.43
C PHE D 97 0.62 -47.36 19.00
N MET D 98 -0.46 -48.09 18.79
CA MET D 98 -0.84 -48.58 17.48
C MET D 98 -1.78 -47.59 16.80
N SER D 99 -1.68 -47.50 15.48
CA SER D 99 -2.51 -46.60 14.71
C SER D 99 -3.96 -47.06 14.73
N PRO D 100 -4.91 -46.14 14.55
CA PRO D 100 -6.33 -46.54 14.62
C PRO D 100 -6.68 -47.67 13.66
N CYS D 101 -6.13 -47.64 12.44
CA CYS D 101 -6.38 -48.73 11.50
C CYS D 101 -5.84 -50.05 12.05
N ASP D 102 -4.62 -50.02 12.58
CA ASP D 102 -4.04 -51.25 13.12
C ASP D 102 -4.71 -51.66 14.41
N LYS D 103 -5.17 -50.70 15.22
CA LYS D 103 -5.96 -51.05 16.40
C LYS D 103 -7.25 -51.76 16.02
N PHE D 104 -7.93 -51.26 14.98
CA PHE D 104 -9.12 -51.94 14.48
C PHE D 104 -8.79 -53.33 13.97
N ARG D 105 -7.67 -53.47 13.25
CA ARG D 105 -7.28 -54.78 12.74
C ARG D 105 -7.01 -55.75 13.89
N ALA D 106 -6.37 -55.28 14.94
CA ALA D 106 -5.97 -56.16 16.04
C ALA D 106 -7.18 -56.53 16.91
N LYS D 107 -7.80 -55.53 17.55
CA LYS D 107 -8.84 -55.79 18.52
C LYS D 107 -10.25 -55.65 17.96
N GLY D 108 -10.41 -55.11 16.75
CA GLY D 108 -11.71 -54.97 16.15
C GLY D 108 -12.63 -53.97 16.81
N ARG D 109 -12.14 -53.17 17.75
CA ARG D 109 -12.99 -52.18 18.39
C ARG D 109 -13.37 -51.09 17.40
N LYS D 110 -14.64 -50.68 17.44
CA LYS D 110 -15.12 -49.70 16.48
C LYS D 110 -14.50 -48.34 16.75
N PRO D 111 -14.15 -47.57 15.70
CA PRO D 111 -13.54 -46.24 15.91
C PRO D 111 -14.58 -45.17 16.20
N CYS D 112 -15.20 -45.25 17.39
CA CYS D 112 -16.22 -44.30 17.76
C CYS D 112 -15.66 -42.89 17.89
N LYS D 113 -14.47 -42.77 18.48
CA LYS D 113 -13.91 -41.45 18.77
C LYS D 113 -13.62 -40.68 17.48
N LEU D 114 -13.14 -41.35 16.44
CA LEU D 114 -12.81 -40.65 15.20
C LEU D 114 -14.06 -40.06 14.55
N MET D 115 -15.12 -40.88 14.44
CA MET D 115 -16.37 -40.38 13.89
C MET D 115 -16.93 -39.27 14.75
N LEU D 116 -16.81 -39.42 16.08
CA LEU D 116 -17.27 -38.38 16.99
C LEU D 116 -16.54 -37.08 16.74
N GLN D 117 -15.23 -37.14 16.51
CA GLN D 117 -14.45 -35.93 16.25
C GLN D 117 -14.84 -35.29 14.93
N VAL D 118 -15.11 -36.11 13.90
CA VAL D 118 -15.53 -35.54 12.62
C VAL D 118 -16.86 -34.81 12.78
N VAL D 119 -17.82 -35.46 13.46
CA VAL D 119 -19.12 -34.83 13.68
C VAL D 119 -18.96 -33.58 14.53
N LYS D 120 -18.05 -33.62 15.50
CA LYS D 120 -17.80 -32.46 16.34
C LYS D 120 -17.29 -31.29 15.51
N ILE D 121 -16.34 -31.55 14.62
CA ILE D 121 -15.86 -30.50 13.73
C ILE D 121 -17.03 -29.90 12.96
N LEU D 122 -17.85 -30.75 12.37
CA LEU D 122 -18.97 -30.25 11.56
C LEU D 122 -19.89 -29.36 12.38
N VAL D 123 -20.35 -29.87 13.54
CA VAL D 123 -21.35 -29.15 14.31
C VAL D 123 -20.78 -27.87 14.90
N VAL D 124 -19.53 -27.90 15.35
CA VAL D 124 -18.91 -26.70 15.91
C VAL D 124 -18.79 -25.63 14.83
N THR D 125 -18.37 -26.03 13.62
CA THR D 125 -18.26 -25.06 12.54
C THR D 125 -19.62 -24.46 12.19
N VAL D 126 -20.66 -25.31 12.15
CA VAL D 126 -22.00 -24.81 11.82
C VAL D 126 -22.47 -23.83 12.90
N GLN D 127 -22.24 -24.17 14.16
CA GLN D 127 -22.64 -23.28 15.26
C GLN D 127 -21.92 -21.93 15.14
N LEU D 128 -20.62 -21.96 14.87
CA LEU D 128 -19.87 -20.72 14.72
C LEU D 128 -20.40 -19.89 13.56
N ILE D 129 -20.70 -20.54 12.43
CA ILE D 129 -21.19 -19.79 11.27
C ILE D 129 -22.52 -19.13 11.58
N LEU D 130 -23.44 -19.88 12.21
CA LEU D 130 -24.73 -19.29 12.54
C LEU D 130 -24.58 -18.13 13.53
N PHE D 131 -23.73 -18.31 14.54
CA PHE D 131 -23.52 -17.24 15.52
C PHE D 131 -22.95 -15.99 14.86
N GLY D 132 -21.97 -16.16 13.97
CA GLY D 132 -21.39 -15.01 13.31
C GLY D 132 -22.38 -14.30 12.41
N LEU D 133 -23.18 -15.06 11.66
CA LEU D 133 -24.20 -14.44 10.82
C LEU D 133 -25.20 -13.66 11.66
N SER D 134 -25.60 -14.22 12.81
CA SER D 134 -26.53 -13.51 13.68
C SER D 134 -25.92 -12.23 14.23
N ASN D 135 -24.65 -12.29 14.65
CA ASN D 135 -24.03 -11.13 15.29
C ASN D 135 -23.74 -10.01 14.30
N GLN D 136 -23.43 -10.36 13.05
CA GLN D 136 -23.09 -9.32 12.07
C GLN D 136 -24.26 -8.36 11.87
N LEU D 137 -25.49 -8.86 11.90
CA LEU D 137 -26.64 -8.00 11.69
C LEU D 137 -26.77 -6.97 12.81
N ALA D 138 -26.60 -7.40 14.06
CA ALA D 138 -26.65 -6.45 15.17
C ALA D 138 -25.52 -5.43 15.08
N VAL D 139 -24.33 -5.89 14.70
CA VAL D 139 -23.20 -4.97 14.55
C VAL D 139 -23.54 -3.91 13.51
N THR D 140 -24.09 -4.34 12.37
CA THR D 140 -24.44 -3.40 11.30
C THR D 140 -25.51 -2.42 11.77
N PHE D 141 -26.53 -2.91 12.49
CA PHE D 141 -27.58 -2.03 12.98
C PHE D 141 -26.99 -0.94 13.88
N ARG D 142 -26.15 -1.34 14.84
CA ARG D 142 -25.57 -0.37 15.75
C ARG D 142 -24.69 0.63 15.02
N GLU D 143 -23.86 0.15 14.09
CA GLU D 143 -22.95 1.06 13.38
C GLU D 143 -23.73 2.04 12.51
N GLU D 144 -24.78 1.58 11.82
CA GLU D 144 -25.57 2.47 10.99
C GLU D 144 -26.28 3.51 11.84
N ASN D 145 -26.84 3.12 12.98
CA ASN D 145 -27.46 4.09 13.86
C ASN D 145 -26.46 5.12 14.36
N THR D 146 -25.24 4.68 14.69
CA THR D 146 -24.23 5.61 15.18
C THR D 146 -23.81 6.59 14.08
N ILE D 147 -23.67 6.11 12.84
CA ILE D 147 -23.35 7.01 11.74
C ILE D 147 -24.46 8.02 11.54
N ALA D 148 -25.72 7.57 11.60
CA ALA D 148 -26.83 8.50 11.49
C ALA D 148 -26.79 9.54 12.60
N PHE D 149 -26.46 9.12 13.82
CA PHE D 149 -26.36 10.07 14.93
C PHE D 149 -25.25 11.09 14.68
N ARG D 150 -24.11 10.64 14.16
CA ARG D 150 -23.03 11.57 13.85
C ARG D 150 -23.47 12.59 12.81
N HIS D 151 -24.19 12.15 11.77
CA HIS D 151 -24.67 13.10 10.77
C HIS D 151 -25.77 14.00 11.32
N LEU D 152 -26.52 13.55 12.32
CA LEU D 152 -27.63 14.34 12.83
C LEU D 152 -27.18 15.39 13.83
N PHE D 153 -26.25 15.05 14.73
CA PHE D 153 -25.97 15.87 15.90
C PHE D 153 -24.67 16.67 15.82
N LEU D 154 -23.74 16.30 14.95
CA LEU D 154 -22.46 16.99 14.86
C LEU D 154 -22.52 18.01 13.73
N LEU D 155 -22.32 19.28 14.07
CA LEU D 155 -22.44 20.36 13.11
C LEU D 155 -21.29 20.30 12.10
N GLY D 156 -21.64 20.27 10.81
CA GLY D 156 -20.64 20.24 9.77
C GLY D 156 -19.87 18.95 9.66
N TYR D 157 -20.43 17.85 10.15
CA TYR D 157 -19.75 16.56 10.08
C TYR D 157 -19.82 15.99 8.68
N SER D 158 -18.76 15.30 8.28
CA SER D 158 -18.71 14.58 7.01
C SER D 158 -18.00 13.26 7.23
N ASP D 159 -18.31 12.28 6.38
CA ASP D 159 -17.75 10.95 6.53
C ASP D 159 -16.24 10.97 6.38
N GLY D 160 -15.56 10.16 7.18
CA GLY D 160 -14.11 10.05 7.12
C GLY D 160 -13.36 11.12 7.90
N ALA D 161 -14.07 12.01 8.60
CA ALA D 161 -13.45 13.11 9.32
C ALA D 161 -13.47 12.94 10.83
N ASP D 162 -13.70 11.71 11.32
CA ASP D 162 -13.83 11.51 12.77
C ASP D 162 -12.54 11.84 13.50
N ASP D 163 -11.40 11.50 12.91
CA ASP D 163 -10.12 11.66 13.61
C ASP D 163 -9.70 13.11 13.73
N THR D 164 -10.11 13.96 12.79
CA THR D 164 -9.69 15.36 12.78
C THR D 164 -10.80 16.33 13.19
N PHE D 165 -12.03 15.85 13.36
CA PHE D 165 -13.13 16.72 13.73
C PHE D 165 -12.81 17.44 15.04
N ALA D 166 -12.88 18.77 15.02
CA ALA D 166 -12.47 19.56 16.16
C ALA D 166 -12.95 20.99 15.98
N ALA D 167 -13.09 21.69 17.09
CA ALA D 167 -13.38 23.12 17.11
C ALA D 167 -12.10 23.90 17.38
N TYR D 168 -12.07 25.14 16.92
CA TYR D 168 -10.90 26.00 17.09
C TYR D 168 -11.22 27.41 17.56
N THR D 169 -12.49 27.80 17.57
CA THR D 169 -12.90 29.11 18.08
C THR D 169 -14.04 28.93 19.06
N ARG D 170 -14.25 29.95 19.91
CA ARG D 170 -15.30 29.89 20.91
C ARG D 170 -16.67 29.80 20.27
N GLU D 171 -16.91 30.59 19.22
CA GLU D 171 -18.20 30.55 18.55
C GLU D 171 -18.42 29.22 17.84
N GLN D 172 -17.36 28.59 17.34
CA GLN D 172 -17.48 27.25 16.78
C GLN D 172 -18.00 26.27 17.83
N LEU D 173 -17.42 26.32 19.03
CA LEU D 173 -17.83 25.41 20.10
C LEU D 173 -19.27 25.66 20.51
N TYR D 174 -19.65 26.93 20.67
CA TYR D 174 -21.02 27.26 21.04
C TYR D 174 -21.99 26.77 19.97
N GLN D 175 -21.66 26.99 18.69
CA GLN D 175 -22.54 26.56 17.62
C GLN D 175 -22.69 25.05 17.60
N ALA D 176 -21.58 24.32 17.80
CA ALA D 176 -21.66 22.86 17.82
C ALA D 176 -22.57 22.38 18.95
N ILE D 177 -22.38 22.92 20.15
CA ILE D 177 -23.17 22.48 21.30
C ILE D 177 -24.65 22.77 21.06
N PHE D 178 -24.96 23.99 20.63
CA PHE D 178 -26.35 24.38 20.44
C PHE D 178 -26.99 23.60 19.30
N HIS D 179 -26.23 23.32 18.25
CA HIS D 179 -26.74 22.49 17.16
C HIS D 179 -27.09 21.09 17.65
N ALA D 180 -26.22 20.50 18.47
CA ALA D 180 -26.50 19.17 19.00
C ALA D 180 -27.78 19.18 19.82
N VAL D 181 -27.94 20.17 20.70
CA VAL D 181 -29.13 20.19 21.55
C VAL D 181 -30.39 20.46 20.73
N ASP D 182 -30.30 21.38 19.76
CA ASP D 182 -31.46 21.68 18.92
C ASP D 182 -31.87 20.47 18.10
N GLN D 183 -30.90 19.73 17.58
CA GLN D 183 -31.22 18.51 16.84
C GLN D 183 -31.85 17.47 17.75
N TYR D 184 -31.37 17.36 19.00
CA TYR D 184 -32.03 16.48 19.94
C TYR D 184 -33.50 16.86 20.12
N LEU D 185 -33.78 18.16 20.23
CA LEU D 185 -35.16 18.59 20.43
C LEU D 185 -36.00 18.45 19.17
N ALA D 186 -35.38 18.52 17.98
CA ALA D 186 -36.10 18.43 16.72
C ALA D 186 -36.16 17.02 16.14
N LEU D 187 -35.54 16.05 16.79
CA LEU D 187 -35.40 14.70 16.21
C LEU D 187 -36.70 14.12 15.67
N PRO D 188 -37.84 14.19 16.36
CA PRO D 188 -39.04 13.49 15.85
C PRO D 188 -39.48 13.94 14.47
N ASP D 189 -39.21 15.20 14.11
CA ASP D 189 -39.70 15.75 12.84
C ASP D 189 -38.68 15.66 11.72
N VAL D 190 -37.43 15.32 11.99
CA VAL D 190 -36.38 15.39 10.99
C VAL D 190 -35.81 14.00 10.68
N SER D 191 -35.66 13.18 11.71
CA SER D 191 -34.93 11.93 11.57
C SER D 191 -35.68 10.94 10.70
N LEU D 192 -34.92 10.15 9.94
CA LEU D 192 -35.51 9.07 9.16
C LEU D 192 -35.80 7.85 10.01
N GLY D 193 -35.13 7.71 11.16
CA GLY D 193 -35.45 6.65 12.08
C GLY D 193 -36.56 7.03 13.05
N ARG D 194 -37.07 6.02 13.75
CA ARG D 194 -38.09 6.21 14.77
C ARG D 194 -37.44 6.00 16.14
N TYR D 195 -37.43 7.06 16.95
CA TYR D 195 -36.77 7.05 18.24
C TYR D 195 -37.72 7.56 19.31
N ALA D 196 -37.57 7.01 20.51
CA ALA D 196 -38.34 7.43 21.67
C ALA D 196 -37.38 7.99 22.72
N TYR D 197 -37.84 9.03 23.42
CA TYR D 197 -37.03 9.67 24.44
C TYR D 197 -37.03 8.84 25.72
N VAL D 198 -35.95 8.99 26.50
CA VAL D 198 -35.82 8.38 27.81
C VAL D 198 -35.58 9.50 28.83
N ARG D 199 -36.25 9.41 29.97
CA ARG D 199 -36.17 10.42 31.02
C ARG D 199 -35.76 9.78 32.33
N GLY D 200 -35.07 10.56 33.16
CA GLY D 200 -34.68 10.08 34.47
C GLY D 200 -33.70 8.93 34.41
N GLY D 201 -33.76 8.07 35.42
CA GLY D 201 -32.92 6.89 35.47
C GLY D 201 -31.58 7.10 36.14
N GLY D 202 -31.41 8.15 36.93
CA GLY D 202 -30.18 8.39 37.65
C GLY D 202 -29.25 9.32 36.91
N ASP D 203 -28.05 9.45 37.46
CA ASP D 203 -27.07 10.39 36.93
C ASP D 203 -26.68 10.01 35.50
N PRO D 204 -26.33 10.99 34.66
CA PRO D 204 -26.26 12.43 34.95
C PRO D 204 -27.62 13.12 34.83
N TRP D 205 -28.69 12.36 34.62
CA TRP D 205 -30.02 12.92 34.39
C TRP D 205 -30.79 13.02 35.69
N THR D 206 -31.39 14.18 35.92
CA THR D 206 -32.39 14.30 36.98
C THR D 206 -33.68 13.62 36.52
N ASN D 207 -34.68 13.61 37.39
CA ASN D 207 -35.94 12.98 37.05
C ASN D 207 -36.70 13.85 36.04
N GLY D 208 -37.19 13.20 34.98
CA GLY D 208 -37.91 13.92 33.95
C GLY D 208 -37.03 14.63 32.94
N SER D 209 -35.72 14.43 32.98
CA SER D 209 -34.78 15.08 32.08
C SER D 209 -34.26 14.06 31.08
N GLY D 210 -34.26 14.44 29.80
CA GLY D 210 -33.79 13.56 28.75
C GLY D 210 -32.36 13.81 28.33
N LEU D 211 -31.93 15.07 28.34
CA LEU D 211 -30.59 15.43 27.90
C LEU D 211 -29.85 16.14 29.02
N ALA D 212 -28.59 15.76 29.24
CA ALA D 212 -27.74 16.37 30.24
C ALA D 212 -26.56 17.04 29.53
N LEU D 213 -26.40 18.35 29.73
CA LEU D 213 -25.32 19.13 29.14
C LEU D 213 -24.43 19.61 30.27
N CYS D 214 -23.27 18.99 30.43
CA CYS D 214 -22.40 19.26 31.57
C CYS D 214 -21.06 19.83 31.11
N GLN D 215 -20.57 20.81 31.84
CA GLN D 215 -19.23 21.35 31.65
C GLN D 215 -18.41 21.10 32.91
N ARG D 216 -17.19 20.61 32.73
CA ARG D 216 -16.29 20.28 33.82
C ARG D 216 -15.07 21.17 33.74
N TYR D 217 -14.75 21.85 34.84
CA TYR D 217 -13.66 22.81 34.88
C TYR D 217 -13.01 22.78 36.26
N TYR D 218 -11.79 23.29 36.34
CA TYR D 218 -11.04 23.26 37.59
C TYR D 218 -11.73 24.11 38.67
N HIS D 219 -11.60 23.68 39.91
CA HIS D 219 -12.28 24.35 41.01
C HIS D 219 -11.83 25.81 41.13
N ARG D 220 -10.52 26.04 41.14
CA ARG D 220 -9.96 27.38 41.04
C ARG D 220 -8.90 27.37 39.96
N GLY D 221 -9.01 28.29 39.00
CA GLY D 221 -8.01 28.41 37.97
C GLY D 221 -7.66 29.85 37.66
N HIS D 222 -6.42 30.23 37.95
CA HIS D 222 -5.88 31.54 37.57
C HIS D 222 -4.67 31.28 36.69
N VAL D 223 -4.74 31.77 35.45
CA VAL D 223 -3.68 31.57 34.46
C VAL D 223 -3.32 32.93 33.88
N ASP D 224 -2.09 33.38 34.09
CA ASP D 224 -1.59 34.65 33.58
C ASP D 224 -0.28 34.36 32.87
N PRO D 225 -0.32 33.90 31.62
CA PRO D 225 0.93 33.67 30.88
C PRO D 225 1.73 34.93 30.65
N ALA D 226 1.11 36.10 30.71
CA ALA D 226 1.86 37.35 30.56
C ALA D 226 2.91 37.48 31.65
N ASN D 227 2.53 37.25 32.90
CA ASN D 227 3.44 37.26 34.03
C ASN D 227 4.06 35.90 34.30
N ASP D 228 3.71 34.89 33.52
CA ASP D 228 4.20 33.52 33.73
C ASP D 228 3.79 33.01 35.10
N THR D 229 2.53 33.23 35.46
CA THR D 229 2.02 32.87 36.79
C THR D 229 0.77 32.02 36.65
N PHE D 230 0.56 31.14 37.62
CA PHE D 230 -0.68 30.38 37.65
C PHE D 230 -0.94 29.86 39.06
N ASP D 231 -2.21 29.80 39.43
CA ASP D 231 -2.67 29.28 40.70
C ASP D 231 -3.87 28.40 40.43
N ILE D 232 -3.70 27.09 40.54
CA ILE D 232 -4.71 26.12 40.13
C ILE D 232 -4.95 25.13 41.25
N ASP D 233 -6.22 24.94 41.62
CA ASP D 233 -6.64 23.79 42.40
C ASP D 233 -7.16 22.74 41.44
N PRO D 234 -6.49 21.59 41.27
CA PRO D 234 -6.88 20.68 40.18
C PRO D 234 -8.17 19.92 40.44
N MET D 235 -8.91 20.28 41.49
CA MET D 235 -10.19 19.64 41.74
C MET D 235 -11.19 20.04 40.66
N VAL D 236 -11.92 19.06 40.14
CA VAL D 236 -12.81 19.26 39.01
C VAL D 236 -14.23 19.50 39.53
N VAL D 237 -14.86 20.56 39.04
CA VAL D 237 -16.25 20.90 39.35
C VAL D 237 -17.07 20.69 38.09
N THR D 238 -18.24 20.08 38.26
CA THR D 238 -19.15 19.75 37.17
C THR D 238 -20.42 20.57 37.31
N ASP D 239 -20.83 21.23 36.23
CA ASP D 239 -22.08 21.99 36.20
C ASP D 239 -22.92 21.45 35.05
N CYS D 240 -24.11 20.95 35.37
CA CYS D 240 -24.98 20.29 34.41
C CYS D 240 -26.28 21.07 34.23
N ILE D 241 -26.70 21.22 32.98
CA ILE D 241 -28.02 21.75 32.63
C ILE D 241 -28.86 20.59 32.12
N GLN D 242 -30.11 20.54 32.57
CA GLN D 242 -31.03 19.46 32.23
C GLN D 242 -32.05 19.96 31.23
N VAL D 243 -32.21 19.24 30.12
CA VAL D 243 -33.16 19.58 29.07
C VAL D 243 -34.18 18.45 28.99
N ASP D 244 -35.46 18.80 29.13
CA ASP D 244 -36.56 17.86 28.99
C ASP D 244 -36.97 17.76 27.52
N PRO D 245 -37.15 16.54 26.99
CA PRO D 245 -37.57 16.43 25.60
C PRO D 245 -38.95 17.04 25.41
N PRO D 246 -39.24 17.54 24.21
CA PRO D 246 -40.52 18.22 24.00
C PRO D 246 -41.69 17.26 24.04
N GLU D 247 -42.85 17.80 24.41
CA GLU D 247 -44.10 17.05 24.41
C GLU D 247 -44.77 17.23 23.05
N ARG D 248 -44.86 16.14 22.29
CA ARG D 248 -45.49 16.19 20.98
C ARG D 248 -46.91 15.61 21.04
N SER D 264 -35.59 26.88 27.43
CA SER D 264 -34.37 26.89 26.64
C SER D 264 -33.23 27.53 27.42
N SER D 265 -33.16 27.21 28.73
CA SER D 265 -32.09 27.74 29.56
C SER D 265 -30.72 27.27 29.10
N TYR D 266 -30.65 26.16 28.35
CA TYR D 266 -29.37 25.71 27.82
C TYR D 266 -28.76 26.74 26.88
N LYS D 267 -29.55 27.64 26.31
CA LYS D 267 -29.02 28.70 25.47
C LYS D 267 -28.32 29.78 26.27
N ASN D 268 -28.43 29.76 27.59
CA ASN D 268 -27.71 30.68 28.46
C ASN D 268 -26.40 30.09 28.97
N LEU D 269 -25.94 28.98 28.38
CA LEU D 269 -24.70 28.37 28.80
C LEU D 269 -23.54 29.35 28.65
N THR D 270 -22.70 29.42 29.68
CA THR D 270 -21.51 30.26 29.68
C THR D 270 -20.31 29.38 30.04
N LEU D 271 -19.42 29.19 29.08
CA LEU D 271 -18.28 28.30 29.26
C LEU D 271 -17.13 29.02 29.94
N LYS D 272 -16.45 28.34 30.86
CA LYS D 272 -15.28 28.87 31.55
C LYS D 272 -14.04 28.41 30.78
N PHE D 273 -13.75 29.14 29.70
CA PHE D 273 -12.79 28.65 28.70
C PHE D 273 -11.41 28.44 29.29
N HIS D 274 -10.94 29.37 30.12
CA HIS D 274 -9.56 29.31 30.59
C HIS D 274 -9.33 28.16 31.56
N LYS D 275 -10.38 27.66 32.22
CA LYS D 275 -10.26 26.55 33.16
C LYS D 275 -11.10 25.35 32.74
N LEU D 276 -11.60 25.34 31.50
CA LEU D 276 -12.47 24.27 31.05
C LEU D 276 -11.70 22.97 30.89
N VAL D 277 -12.22 21.88 31.46
CA VAL D 277 -11.67 20.55 31.26
C VAL D 277 -12.35 19.83 30.12
N ASN D 278 -13.68 19.79 30.12
CA ASN D 278 -14.39 19.28 28.94
C ASN D 278 -15.87 19.63 29.02
N VAL D 279 -16.58 19.32 27.94
CA VAL D 279 -18.02 19.44 27.87
C VAL D 279 -18.59 18.13 27.35
N THR D 280 -19.69 17.68 27.93
CA THR D 280 -20.33 16.44 27.53
C THR D 280 -21.83 16.64 27.38
N ILE D 281 -22.41 15.91 26.43
CA ILE D 281 -23.85 15.85 26.22
C ILE D 281 -24.24 14.38 26.29
N HIS D 282 -25.20 14.06 27.17
CA HIS D 282 -25.64 12.69 27.40
C HIS D 282 -27.13 12.59 27.14
N PHE D 283 -27.54 11.61 26.33
CA PHE D 283 -28.97 11.35 26.20
C PHE D 283 -29.18 9.95 25.67
N ARG D 284 -30.37 9.40 25.93
CA ARG D 284 -30.72 8.05 25.53
C ARG D 284 -31.89 8.07 24.55
N LEU D 285 -31.85 7.15 23.58
CA LEU D 285 -32.89 7.02 22.57
C LEU D 285 -33.29 5.56 22.45
N LYS D 286 -34.59 5.31 22.38
CA LYS D 286 -35.12 3.95 22.24
C LYS D 286 -35.61 3.72 20.82
N THR D 287 -35.29 2.54 20.28
CA THR D 287 -35.71 2.19 18.93
C THR D 287 -35.97 0.69 18.86
N ILE D 288 -36.64 0.27 17.80
CA ILE D 288 -36.94 -1.14 17.55
C ILE D 288 -36.20 -1.57 16.29
N ASN D 289 -35.55 -2.73 16.35
CA ASN D 289 -34.74 -3.24 15.24
C ASN D 289 -35.63 -4.06 14.32
N LEU D 290 -36.32 -3.36 13.41
CA LEU D 290 -37.20 -4.03 12.46
C LEU D 290 -36.43 -4.94 11.52
N GLN D 291 -35.20 -4.58 11.18
CA GLN D 291 -34.40 -5.37 10.24
C GLN D 291 -34.36 -6.85 10.61
N SER D 292 -34.58 -7.18 11.89
CA SER D 292 -34.54 -8.58 12.31
C SER D 292 -35.48 -9.45 11.49
N LEU D 293 -36.59 -8.88 11.00
CA LEU D 293 -37.54 -9.67 10.23
C LEU D 293 -36.88 -10.33 9.03
N ILE D 294 -35.81 -9.73 8.50
CA ILE D 294 -35.15 -10.32 7.34
C ILE D 294 -34.63 -11.72 7.68
N ASN D 295 -34.13 -11.90 8.89
CA ASN D 295 -33.62 -13.19 9.34
C ASN D 295 -34.70 -14.03 10.03
N ASN D 296 -35.96 -13.62 9.94
CA ASN D 296 -37.07 -14.34 10.56
C ASN D 296 -36.90 -14.41 12.08
N GLU D 297 -36.30 -13.37 12.65
CA GLU D 297 -36.17 -13.22 14.09
C GLU D 297 -37.20 -12.22 14.59
N ILE D 298 -37.52 -12.33 15.88
CA ILE D 298 -38.41 -11.34 16.50
C ILE D 298 -37.62 -10.07 16.77
N PRO D 299 -38.09 -8.90 16.33
CA PRO D 299 -37.34 -7.66 16.61
C PRO D 299 -37.16 -7.46 18.10
N ASP D 300 -35.98 -6.96 18.48
CA ASP D 300 -35.65 -6.63 19.85
C ASP D 300 -35.58 -5.11 19.99
N CYS D 301 -35.60 -4.64 21.23
CA CYS D 301 -35.67 -3.22 21.56
C CYS D 301 -34.27 -2.74 21.97
N TYR D 302 -33.78 -1.71 21.29
CA TYR D 302 -32.48 -1.13 21.57
C TYR D 302 -32.65 0.19 22.32
N THR D 303 -31.78 0.42 23.30
CA THR D 303 -31.60 1.73 23.91
C THR D 303 -30.17 2.16 23.65
N PHE D 304 -30.01 3.23 22.91
CA PHE D 304 -28.70 3.82 22.62
C PHE D 304 -28.46 4.94 23.61
N SER D 305 -27.36 4.84 24.35
CA SER D 305 -26.88 5.93 25.18
C SER D 305 -25.81 6.67 24.39
N VAL D 306 -26.08 7.93 24.08
CA VAL D 306 -25.24 8.75 23.22
C VAL D 306 -24.50 9.75 24.10
N LEU D 307 -23.18 9.77 23.95
CA LEU D 307 -22.29 10.69 24.64
C LEU D 307 -21.51 11.48 23.60
N ILE D 308 -21.68 12.79 23.61
CA ILE D 308 -20.92 13.69 22.74
C ILE D 308 -19.93 14.44 23.62
N THR D 309 -18.64 14.34 23.28
CA THR D 309 -17.57 14.91 24.07
C THR D 309 -16.85 15.99 23.27
N PHE D 310 -16.75 17.18 23.89
CA PHE D 310 -15.86 18.25 23.44
C PHE D 310 -14.72 18.31 24.44
N ASP D 311 -13.55 17.81 24.03
CA ASP D 311 -12.45 17.54 24.95
C ASP D 311 -11.42 18.67 24.93
N ASN D 312 -11.14 19.23 26.10
CA ASN D 312 -10.16 20.30 26.25
C ASN D 312 -9.11 19.95 27.30
N LYS D 313 -8.76 18.67 27.43
CA LYS D 313 -7.80 18.27 28.44
C LYS D 313 -6.36 18.57 28.05
N ALA D 314 -6.09 18.86 26.78
CA ALA D 314 -4.77 19.29 26.35
C ALA D 314 -4.55 20.78 26.50
N HIS D 315 -5.62 21.58 26.57
CA HIS D 315 -5.52 23.03 26.71
C HIS D 315 -4.60 23.62 25.65
N SER D 316 -4.75 23.13 24.41
CA SER D 316 -3.85 23.47 23.32
C SER D 316 -4.50 24.37 22.27
N GLY D 317 -5.69 24.89 22.54
CA GLY D 317 -6.41 25.68 21.57
C GLY D 317 -7.19 24.87 20.56
N ARG D 318 -7.10 23.54 20.60
CA ARG D 318 -7.83 22.66 19.70
C ARG D 318 -8.64 21.69 20.56
N ILE D 319 -9.96 21.70 20.36
CA ILE D 319 -10.88 20.89 21.16
C ILE D 319 -11.47 19.80 20.27
N PRO D 320 -11.01 18.57 20.34
CA PRO D 320 -11.63 17.49 19.57
C PRO D 320 -13.07 17.26 19.97
N ILE D 321 -13.88 16.88 18.99
CA ILE D 321 -15.30 16.57 19.17
C ILE D 321 -15.52 15.14 18.73
N SER D 322 -16.18 14.35 19.57
CA SER D 322 -16.46 12.96 19.25
C SER D 322 -17.86 12.58 19.73
N LEU D 323 -18.42 11.56 19.09
CA LEU D 323 -19.72 10.99 19.46
C LEU D 323 -19.55 9.48 19.64
N GLU D 324 -20.05 8.96 20.75
CA GLU D 324 -19.97 7.54 21.05
C GLU D 324 -21.34 7.04 21.51
N THR D 325 -21.62 5.78 21.21
CA THR D 325 -22.88 5.15 21.57
C THR D 325 -22.63 3.85 22.31
N GLN D 326 -23.49 3.55 23.28
CA GLN D 326 -23.54 2.25 23.93
C GLN D 326 -24.94 1.69 23.77
N ALA D 327 -25.05 0.46 23.28
CA ALA D 327 -26.32 -0.15 22.97
C ALA D 327 -26.70 -1.18 24.03
N HIS D 328 -27.89 -1.02 24.60
CA HIS D 328 -28.46 -2.00 25.53
C HIS D 328 -29.66 -2.64 24.85
N ILE D 329 -29.63 -3.97 24.71
CA ILE D 329 -30.63 -4.70 23.94
C ILE D 329 -31.50 -5.50 24.90
N GLN D 330 -32.81 -5.33 24.78
CA GLN D 330 -33.79 -6.08 25.55
C GLN D 330 -34.78 -6.74 24.59
N GLU D 331 -35.60 -7.63 25.13
CA GLU D 331 -36.74 -8.17 24.40
C GLU D 331 -37.92 -7.22 24.56
N CYS D 332 -38.56 -6.89 23.45
CA CYS D 332 -39.66 -5.94 23.48
C CYS D 332 -40.85 -6.55 24.24
N LYS D 333 -41.50 -5.72 25.05
CA LYS D 333 -42.46 -6.21 26.04
C LYS D 333 -43.79 -6.67 25.44
N HIS D 334 -44.04 -6.40 24.16
CA HIS D 334 -45.28 -6.85 23.51
C HIS D 334 -45.02 -7.00 22.02
N PRO D 335 -44.25 -8.01 21.62
CA PRO D 335 -43.97 -8.22 20.20
C PRO D 335 -45.05 -9.03 19.51
N SER D 336 -45.45 -8.56 18.32
CA SER D 336 -46.48 -9.23 17.54
C SER D 336 -46.13 -9.08 16.07
N VAL D 337 -45.59 -10.16 15.48
CA VAL D 337 -45.25 -10.16 14.06
C VAL D 337 -46.33 -10.91 13.28
N SER D 344 -37.36 -22.79 17.31
CA SER D 344 -36.78 -23.50 18.45
C SER D 344 -35.47 -24.18 18.06
N PHE D 345 -35.17 -24.20 16.77
CA PHE D 345 -33.95 -24.86 16.27
C PHE D 345 -32.74 -23.95 16.33
N ARG D 346 -32.57 -23.29 17.45
CA ARG D 346 -31.31 -22.62 17.80
C ARG D 346 -30.78 -23.07 19.15
N LEU D 347 -31.66 -23.32 20.12
CA LEU D 347 -31.24 -23.88 21.40
C LEU D 347 -31.01 -25.38 21.28
N LEU D 348 -31.83 -26.07 20.47
CA LEU D 348 -31.65 -27.51 20.30
C LEU D 348 -30.27 -27.83 19.72
N PHE D 349 -29.84 -27.07 18.71
CA PHE D 349 -28.51 -27.29 18.16
C PHE D 349 -27.43 -26.99 19.20
N ASP D 350 -27.65 -25.99 20.06
CA ASP D 350 -26.67 -25.67 21.09
C ASP D 350 -26.53 -26.82 22.08
N VAL D 351 -27.64 -27.39 22.54
CA VAL D 351 -27.55 -28.52 23.45
C VAL D 351 -26.95 -29.74 22.73
N VAL D 352 -27.22 -29.90 21.44
CA VAL D 352 -26.60 -30.97 20.68
C VAL D 352 -25.08 -30.80 20.68
N VAL D 353 -24.61 -29.57 20.46
CA VAL D 353 -23.18 -29.28 20.49
C VAL D 353 -22.61 -29.60 21.86
N ILE D 354 -23.32 -29.19 22.92
CA ILE D 354 -22.84 -29.44 24.27
C ILE D 354 -22.71 -30.93 24.52
N LEU D 355 -23.71 -31.71 24.10
CA LEU D 355 -23.66 -33.16 24.31
C LEU D 355 -22.52 -33.80 23.52
N THR D 356 -22.34 -33.37 22.27
CA THR D 356 -21.25 -33.91 21.46
C THR D 356 -19.90 -33.63 22.12
N CYS D 357 -19.70 -32.39 22.58
CA CYS D 357 -18.44 -32.03 23.21
C CYS D 357 -18.25 -32.76 24.52
N SER D 358 -19.34 -32.99 25.28
CA SER D 358 -19.21 -33.73 26.53
C SER D 358 -18.80 -35.18 26.27
N LEU D 359 -19.41 -35.82 25.27
CA LEU D 359 -19.02 -37.18 24.93
C LEU D 359 -17.56 -37.23 24.49
N SER D 360 -17.14 -36.28 23.65
CA SER D 360 -15.74 -36.22 23.23
C SER D 360 -14.82 -36.06 24.42
N PHE D 361 -15.18 -35.16 25.35
CA PHE D 361 -14.36 -34.94 26.54
C PHE D 361 -14.25 -36.21 27.37
N LEU D 362 -15.36 -36.91 27.57
CA LEU D 362 -15.32 -38.13 28.37
C LEU D 362 -14.43 -39.18 27.72
N LEU D 363 -14.56 -39.38 26.40
CA LEU D 363 -13.75 -40.38 25.73
C LEU D 363 -12.26 -40.00 25.78
N CYS D 364 -11.94 -38.73 25.53
CA CYS D 364 -10.55 -38.31 25.56
C CYS D 364 -9.96 -38.43 26.96
N ALA D 365 -10.74 -38.10 27.99
CA ALA D 365 -10.27 -38.25 29.36
C ALA D 365 -10.01 -39.72 29.68
N ARG D 366 -10.90 -40.61 29.23
CA ARG D 366 -10.66 -42.04 29.43
C ARG D 366 -9.36 -42.48 28.76
N SER D 367 -9.13 -42.02 27.53
CA SER D 367 -7.90 -42.38 26.83
C SER D 367 -6.67 -41.87 27.56
N LEU D 368 -6.73 -40.62 28.05
CA LEU D 368 -5.59 -40.07 28.76
C LEU D 368 -5.34 -40.81 30.07
N LEU D 369 -6.40 -41.19 30.77
CA LEU D 369 -6.25 -41.94 32.01
C LEU D 369 -5.61 -43.31 31.73
N ARG D 370 -6.04 -43.98 30.66
CA ARG D 370 -5.44 -45.25 30.31
C ARG D 370 -3.96 -45.07 29.96
N GLY D 371 -3.63 -44.00 29.25
CA GLY D 371 -2.23 -43.73 28.95
C GLY D 371 -1.41 -43.52 30.20
N PHE D 372 -1.95 -42.77 31.17
CA PHE D 372 -1.23 -42.54 32.43
C PHE D 372 -1.03 -43.85 33.18
N LEU D 373 -2.07 -44.70 33.22
CA LEU D 373 -1.93 -45.97 33.92
C LEU D 373 -0.88 -46.85 33.26
N LEU D 374 -0.87 -46.90 31.93
CA LEU D 374 0.15 -47.67 31.22
C LEU D 374 1.54 -47.11 31.48
N GLN D 375 1.67 -45.79 31.52
CA GLN D 375 2.95 -45.17 31.83
C GLN D 375 3.44 -45.60 33.21
N ASN D 376 2.55 -45.55 34.20
CA ASN D 376 2.94 -45.95 35.55
C ASN D 376 3.34 -47.41 35.59
N GLU D 377 2.59 -48.28 34.91
CA GLU D 377 2.91 -49.70 34.90
C GLU D 377 4.28 -49.94 34.25
N PHE D 378 4.53 -49.28 33.12
CA PHE D 378 5.81 -49.45 32.44
C PHE D 378 6.97 -48.96 33.31
N VAL D 379 6.80 -47.80 33.96
CA VAL D 379 7.87 -47.28 34.81
C VAL D 379 8.14 -48.24 35.96
N GLY D 380 7.08 -48.74 36.60
CA GLY D 380 7.27 -49.68 37.68
C GLY D 380 7.96 -50.95 37.24
N PHE D 381 7.57 -51.48 36.08
CA PHE D 381 8.20 -52.70 35.58
C PHE D 381 9.67 -52.47 35.25
N MET D 382 9.98 -51.36 34.58
CA MET D 382 11.36 -51.09 34.20
C MET D 382 12.24 -50.88 35.42
N TRP D 383 11.73 -50.17 36.43
CA TRP D 383 12.51 -49.96 37.64
C TRP D 383 12.86 -51.27 38.33
N ARG D 384 12.09 -52.32 38.09
CA ARG D 384 12.35 -53.63 38.67
C ARG D 384 13.23 -54.47 37.74
N SER D 391 13.35 -41.34 33.50
CA SER D 391 13.43 -40.01 32.91
C SER D 391 12.04 -39.46 32.64
N LEU D 392 11.92 -38.13 32.64
CA LEU D 392 10.65 -37.46 32.42
C LEU D 392 10.31 -37.28 30.95
N TRP D 393 11.29 -36.90 30.12
CA TRP D 393 11.04 -36.75 28.70
C TRP D 393 10.57 -38.06 28.07
N GLU D 394 10.96 -39.20 28.64
CA GLU D 394 10.47 -40.48 28.17
C GLU D 394 9.18 -40.89 28.87
N ARG D 395 8.89 -40.30 30.04
CA ARG D 395 7.64 -40.59 30.72
C ARG D 395 6.44 -39.94 30.03
N LEU D 396 6.61 -38.70 29.57
CA LEU D 396 5.53 -37.97 28.89
C LEU D 396 5.32 -38.45 27.46
N GLU D 397 6.16 -39.36 26.96
CA GLU D 397 5.92 -39.93 25.65
C GLU D 397 4.60 -40.70 25.59
N PHE D 398 4.07 -41.10 26.74
CA PHE D 398 2.77 -41.75 26.81
C PHE D 398 1.61 -40.78 26.69
N VAL D 399 1.88 -39.48 26.65
CA VAL D 399 0.83 -38.47 26.61
C VAL D 399 0.47 -38.19 25.16
N ASN D 400 -0.81 -38.29 24.83
CA ASN D 400 -1.31 -37.97 23.49
C ASN D 400 -1.68 -36.49 23.48
N GLY D 401 -0.81 -35.66 22.89
CA GLY D 401 -1.05 -34.22 22.87
C GLY D 401 -2.29 -33.85 22.09
N TRP D 402 -2.62 -34.61 21.04
CA TRP D 402 -3.84 -34.35 20.30
C TRP D 402 -5.06 -34.44 21.20
N TYR D 403 -5.05 -35.38 22.14
CA TYR D 403 -6.17 -35.51 23.06
C TYR D 403 -6.21 -34.36 24.08
N ILE D 404 -5.05 -33.84 24.46
CA ILE D 404 -5.03 -32.63 25.29
C ILE D 404 -5.67 -31.48 24.53
N LEU D 405 -5.31 -31.33 23.25
CA LEU D 405 -5.91 -30.30 22.42
C LEU D 405 -7.42 -30.48 22.32
N LEU D 406 -7.87 -31.72 22.12
CA LEU D 406 -9.30 -31.98 21.98
C LEU D 406 -10.04 -31.68 23.28
N VAL D 407 -9.44 -32.03 24.43
CA VAL D 407 -10.06 -31.73 25.72
C VAL D 407 -10.18 -30.22 25.92
N THR D 408 -9.11 -29.49 25.59
CA THR D 408 -9.15 -28.04 25.69
C THR D 408 -10.26 -27.46 24.80
N SER D 409 -10.34 -27.96 23.57
CA SER D 409 -11.37 -27.47 22.65
C SER D 409 -12.76 -27.78 23.17
N ASP D 410 -12.96 -28.97 23.75
CA ASP D 410 -14.27 -29.32 24.29
C ASP D 410 -14.65 -28.40 25.43
N VAL D 411 -13.72 -28.13 26.35
CA VAL D 411 -14.01 -27.23 27.47
C VAL D 411 -14.36 -25.84 26.95
N LEU D 412 -13.55 -25.33 26.02
CA LEU D 412 -13.79 -24.00 25.46
C LEU D 412 -15.15 -23.95 24.78
N THR D 413 -15.49 -24.97 24.00
CA THR D 413 -16.75 -24.98 23.27
C THR D 413 -17.92 -25.04 24.22
N ILE D 414 -17.84 -25.85 25.27
CA ILE D 414 -18.96 -25.94 26.22
C ILE D 414 -19.17 -24.60 26.92
N SER D 415 -18.08 -23.98 27.39
CA SER D 415 -18.20 -22.69 28.05
C SER D 415 -18.79 -21.65 27.09
N GLY D 416 -18.27 -21.60 25.86
CA GLY D 416 -18.77 -20.63 24.91
C GLY D 416 -20.21 -20.86 24.54
N THR D 417 -20.63 -22.12 24.47
CA THR D 417 -22.02 -22.44 24.15
C THR D 417 -22.95 -22.03 25.28
N ILE D 418 -22.53 -22.23 26.53
CA ILE D 418 -23.35 -21.76 27.65
C ILE D 418 -23.48 -20.25 27.60
N MET D 419 -22.36 -19.55 27.37
CA MET D 419 -22.41 -18.10 27.28
C MET D 419 -23.29 -17.65 26.12
N LYS D 420 -23.21 -18.35 24.98
CA LYS D 420 -24.02 -18.00 23.82
C LYS D 420 -25.51 -18.21 24.11
N ILE D 421 -25.85 -19.29 24.78
CA ILE D 421 -27.25 -19.52 25.16
C ILE D 421 -27.74 -18.38 26.05
N GLY D 422 -26.91 -17.97 27.01
CA GLY D 422 -27.29 -16.85 27.85
C GLY D 422 -27.46 -15.56 27.07
N ILE D 423 -26.56 -15.31 26.11
CA ILE D 423 -26.63 -14.08 25.32
C ILE D 423 -27.89 -14.05 24.47
N GLU D 424 -28.18 -15.15 23.78
CA GLU D 424 -29.35 -15.19 22.91
C GLU D 424 -30.66 -15.04 23.67
N ALA D 425 -30.64 -15.29 24.98
CA ALA D 425 -31.79 -15.05 25.83
C ALA D 425 -31.82 -13.64 26.40
N LYS D 426 -30.84 -12.81 26.05
CA LYS D 426 -30.72 -11.44 26.54
C LYS D 426 -30.39 -11.37 28.02
N ASN D 427 -29.86 -12.44 28.60
CA ASN D 427 -29.42 -12.45 29.98
C ASN D 427 -27.93 -12.17 30.14
N LEU D 428 -27.21 -11.94 29.04
CA LEU D 428 -25.82 -11.53 29.09
C LEU D 428 -25.53 -10.60 27.93
N ALA D 429 -24.42 -9.85 28.06
CA ALA D 429 -23.96 -8.96 27.00
C ALA D 429 -22.45 -9.08 26.82
N SER D 430 -21.87 -10.22 27.20
CA SER D 430 -20.43 -10.45 27.09
C SER D 430 -20.12 -11.13 25.75
N TYR D 431 -20.34 -10.38 24.68
CA TYR D 431 -20.13 -10.92 23.34
C TYR D 431 -18.65 -11.25 23.10
N ASP D 432 -17.74 -10.40 23.61
CA ASP D 432 -16.33 -10.57 23.30
C ASP D 432 -15.79 -11.90 23.84
N VAL D 433 -16.09 -12.21 25.10
CA VAL D 433 -15.54 -13.42 25.71
C VAL D 433 -16.10 -14.66 25.03
N CYS D 434 -17.42 -14.68 24.79
CA CYS D 434 -18.03 -15.81 24.11
C CYS D 434 -17.46 -16.00 22.71
N SER D 435 -17.31 -14.91 21.96
CA SER D 435 -16.75 -15.00 20.62
C SER D 435 -15.33 -15.52 20.66
N ILE D 436 -14.52 -15.03 21.60
CA ILE D 436 -13.14 -15.51 21.69
C ILE D 436 -13.11 -17.00 22.00
N LEU D 437 -13.92 -17.43 22.97
CA LEU D 437 -13.95 -18.84 23.32
C LEU D 437 -14.32 -19.71 22.13
N LEU D 438 -15.42 -19.37 21.45
CA LEU D 438 -15.89 -20.20 20.35
C LEU D 438 -14.91 -20.17 19.17
N GLY D 439 -14.36 -19.00 18.85
CA GLY D 439 -13.42 -18.92 17.75
C GLY D 439 -12.14 -19.70 18.02
N THR D 440 -11.60 -19.59 19.24
CA THR D 440 -10.42 -20.36 19.58
C THR D 440 -10.71 -21.86 19.54
N SER D 441 -11.88 -22.27 20.02
CA SER D 441 -12.24 -23.69 19.96
C SER D 441 -12.33 -24.17 18.52
N THR D 442 -12.94 -23.37 17.64
CA THR D 442 -13.03 -23.75 16.23
C THR D 442 -11.65 -23.84 15.60
N LEU D 443 -10.78 -22.88 15.92
CA LEU D 443 -9.41 -22.94 15.43
C LEU D 443 -8.72 -24.22 15.87
N LEU D 444 -8.87 -24.59 17.15
CA LEU D 444 -8.21 -25.78 17.64
C LEU D 444 -8.76 -27.05 16.99
N VAL D 445 -10.08 -27.14 16.83
CA VAL D 445 -10.65 -28.34 16.22
C VAL D 445 -10.21 -28.46 14.77
N TRP D 446 -10.08 -27.33 14.06
CA TRP D 446 -9.62 -27.40 12.68
C TRP D 446 -8.13 -27.71 12.60
N VAL D 447 -7.34 -27.24 13.59
CA VAL D 447 -5.94 -27.64 13.63
C VAL D 447 -5.81 -29.13 13.90
N GLY D 448 -6.72 -29.69 14.70
CA GLY D 448 -6.66 -31.10 15.03
C GLY D 448 -6.81 -32.02 13.84
N VAL D 449 -7.28 -31.51 12.70
CA VAL D 449 -7.42 -32.33 11.51
C VAL D 449 -6.06 -32.81 11.00
N ILE D 450 -4.98 -32.12 11.40
CA ILE D 450 -3.64 -32.55 11.00
C ILE D 450 -3.35 -33.96 11.48
N ARG D 451 -3.96 -34.36 12.60
CA ARG D 451 -3.73 -35.70 13.12
C ARG D 451 -4.13 -36.77 12.11
N TYR D 452 -5.24 -36.55 11.41
CA TYR D 452 -5.69 -37.54 10.43
C TYR D 452 -4.71 -37.65 9.28
N LEU D 453 -4.11 -36.53 8.86
CA LEU D 453 -3.10 -36.57 7.82
C LEU D 453 -1.82 -37.24 8.30
N THR D 454 -1.51 -37.14 9.60
CA THR D 454 -0.27 -37.75 10.09
C THR D 454 -0.25 -39.26 9.91
N PHE D 455 -1.40 -39.89 9.68
CA PHE D 455 -1.45 -41.33 9.50
C PHE D 455 -1.03 -41.77 8.11
N PHE D 456 -0.79 -40.83 7.19
CA PHE D 456 -0.36 -41.14 5.83
C PHE D 456 1.06 -40.66 5.63
N HIS D 457 1.90 -41.51 5.03
CA HIS D 457 3.34 -41.28 5.05
C HIS D 457 3.72 -39.98 4.36
N ASN D 458 3.11 -39.69 3.20
CA ASN D 458 3.52 -38.53 2.42
C ASN D 458 3.17 -37.22 3.13
N TYR D 459 2.04 -37.17 3.83
CA TYR D 459 1.70 -36.00 4.63
C TYR D 459 2.50 -35.96 5.92
N ASN D 460 2.76 -37.13 6.50
CA ASN D 460 3.54 -37.20 7.72
C ASN D 460 4.96 -36.70 7.52
N ILE D 461 5.50 -36.85 6.30
CA ILE D 461 6.83 -36.31 6.03
C ILE D 461 6.84 -34.80 6.28
N LEU D 462 5.88 -34.08 5.71
CA LEU D 462 5.82 -32.63 5.87
C LEU D 462 5.55 -32.25 7.32
N ILE D 463 4.62 -32.95 7.97
CA ILE D 463 4.27 -32.60 9.35
C ILE D 463 5.46 -32.85 10.28
N ALA D 464 6.18 -33.96 10.06
CA ALA D 464 7.36 -34.25 10.85
C ALA D 464 8.48 -33.26 10.58
N THR D 465 8.61 -32.79 9.33
CA THR D 465 9.56 -31.73 9.04
C THR D 465 9.28 -30.50 9.90
N LEU D 466 8.02 -30.05 9.91
CA LEU D 466 7.68 -28.90 10.74
C LEU D 466 7.93 -29.18 12.22
N ARG D 467 7.59 -30.38 12.68
CA ARG D 467 7.74 -30.70 14.10
C ARG D 467 9.22 -30.67 14.51
N VAL D 468 10.10 -31.24 13.69
N VAL D 468 10.09 -31.25 13.69
CA VAL D 468 11.51 -31.25 14.07
CA VAL D 468 11.52 -31.27 13.98
C VAL D 468 12.13 -29.87 13.89
C VAL D 468 12.10 -29.87 13.91
N ALA D 469 11.58 -29.04 12.99
CA ALA D 469 12.11 -27.68 12.85
C ALA D 469 11.69 -26.77 13.98
N LEU D 470 10.53 -27.02 14.60
CA LEU D 470 9.96 -26.07 15.54
C LEU D 470 10.91 -25.63 16.66
N PRO D 471 11.66 -26.51 17.34
CA PRO D 471 12.49 -26.04 18.47
C PRO D 471 13.53 -25.01 18.07
N SER D 472 14.27 -25.26 16.99
CA SER D 472 15.27 -24.29 16.53
C SER D 472 14.61 -23.00 16.08
N VAL D 473 13.42 -23.09 15.48
CA VAL D 473 12.70 -21.88 15.10
C VAL D 473 12.37 -21.05 16.33
N MET D 474 11.91 -21.71 17.40
CA MET D 474 11.60 -20.98 18.63
C MET D 474 12.85 -20.35 19.23
N ARG D 475 13.97 -21.08 19.24
CA ARG D 475 15.20 -20.52 19.79
C ARG D 475 15.68 -19.32 18.97
N PHE D 476 15.57 -19.41 17.65
CA PHE D 476 15.96 -18.27 16.82
C PHE D 476 14.99 -17.10 17.00
N CYS D 477 13.71 -17.38 17.26
CA CYS D 477 12.78 -16.31 17.60
C CYS D 477 13.22 -15.61 18.88
N CYS D 478 13.67 -16.39 19.87
CA CYS D 478 14.20 -15.79 21.09
C CYS D 478 15.41 -14.91 20.78
N CYS D 479 16.31 -15.38 19.92
CA CYS D 479 17.47 -14.57 19.55
C CYS D 479 17.03 -13.29 18.83
N VAL D 480 16.02 -13.39 17.98
CA VAL D 480 15.54 -12.24 17.22
C VAL D 480 14.88 -11.21 18.13
N ALA D 481 14.23 -11.68 19.19
CA ALA D 481 13.39 -10.79 20.00
C ALA D 481 14.18 -9.67 20.64
N VAL D 482 15.39 -9.95 21.13
CA VAL D 482 16.15 -8.93 21.83
C VAL D 482 16.60 -7.83 20.88
N ILE D 483 17.08 -8.21 19.70
CA ILE D 483 17.46 -7.23 18.69
C ILE D 483 16.23 -6.41 18.29
N TYR D 484 15.10 -7.08 18.11
CA TYR D 484 13.87 -6.40 17.75
C TYR D 484 13.47 -5.37 18.81
N LEU D 485 13.57 -5.76 20.09
CA LEU D 485 13.21 -4.85 21.17
C LEU D 485 14.14 -3.67 21.25
N GLY D 486 15.45 -3.90 21.09
CA GLY D 486 16.38 -2.77 21.06
C GLY D 486 16.04 -1.79 19.96
N TYR D 487 15.77 -2.31 18.75
CA TYR D 487 15.39 -1.44 17.65
C TYR D 487 14.09 -0.70 17.95
N CYS D 488 13.12 -1.39 18.57
CA CYS D 488 11.86 -0.75 18.92
C CYS D 488 12.08 0.42 19.85
N PHE D 489 12.85 0.21 20.92
CA PHE D 489 13.08 1.29 21.88
C PHE D 489 13.82 2.45 21.23
N CYS D 490 14.85 2.16 20.44
CA CYS D 490 15.62 3.23 19.81
C CYS D 490 14.74 4.04 18.87
N GLY D 491 13.97 3.36 18.02
CA GLY D 491 13.09 4.06 17.10
C GLY D 491 12.03 4.87 17.82
N TRP D 492 11.48 4.32 18.90
CA TRP D 492 10.46 5.04 19.66
C TRP D 492 11.04 6.33 20.24
N ILE D 493 12.24 6.26 20.82
CA ILE D 493 12.77 7.44 21.48
C ILE D 493 13.23 8.48 20.47
N VAL D 494 13.81 8.06 19.35
CA VAL D 494 14.38 9.02 18.41
C VAL D 494 13.35 9.53 17.41
N LEU D 495 12.58 8.64 16.79
CA LEU D 495 11.71 9.03 15.69
C LEU D 495 10.29 9.40 16.14
N GLY D 496 9.90 9.05 17.38
CA GLY D 496 8.58 9.35 17.86
C GLY D 496 8.20 10.81 17.82
N PRO D 497 9.09 11.73 18.20
CA PRO D 497 8.75 13.16 18.11
C PRO D 497 8.48 13.64 16.68
N TYR D 498 8.91 12.90 15.67
CA TYR D 498 8.82 13.35 14.29
C TYR D 498 7.95 12.48 13.39
N HIS D 499 7.82 11.19 13.70
CA HIS D 499 7.19 10.23 12.81
C HIS D 499 5.90 9.72 13.45
N VAL D 500 4.80 9.80 12.69
CA VAL D 500 3.49 9.41 13.24
C VAL D 500 3.46 7.92 13.58
N LYS D 501 4.13 7.11 12.77
CA LYS D 501 4.13 5.66 12.97
C LYS D 501 4.99 5.22 14.14
N PHE D 502 5.67 6.14 14.83
CA PHE D 502 6.60 5.79 15.90
C PHE D 502 6.20 6.41 17.24
N ARG D 503 4.93 6.78 17.40
CA ARG D 503 4.52 7.53 18.57
C ARG D 503 4.39 6.64 19.82
N SER D 504 3.99 5.39 19.65
CA SER D 504 3.87 4.46 20.77
C SER D 504 4.66 3.21 20.47
N LEU D 505 5.03 2.49 21.54
CA LEU D 505 5.91 1.33 21.39
C LEU D 505 5.23 0.22 20.60
N SER D 506 3.95 -0.02 20.84
CA SER D 506 3.23 -1.03 20.06
C SER D 506 3.14 -0.61 18.60
N MET D 507 2.91 0.68 18.34
CA MET D 507 2.90 1.18 16.97
C MET D 507 4.26 1.00 16.32
N VAL D 508 5.33 1.28 17.05
CA VAL D 508 6.68 1.08 16.53
C VAL D 508 6.90 -0.39 16.16
N SER D 509 6.48 -1.29 17.05
CA SER D 509 6.65 -2.72 16.78
C SER D 509 5.86 -3.13 15.54
N GLU D 510 4.64 -2.62 15.40
CA GLU D 510 3.84 -2.95 14.22
C GLU D 510 4.51 -2.44 12.95
N CYS D 511 5.03 -1.21 12.99
CA CYS D 511 5.69 -0.65 11.82
C CYS D 511 6.92 -1.48 11.45
N LEU D 512 7.75 -1.84 12.44
CA LEU D 512 8.93 -2.64 12.16
C LEU D 512 8.57 -4.01 11.61
N PHE D 513 7.53 -4.64 12.17
CA PHE D 513 7.11 -5.95 11.68
C PHE D 513 6.62 -5.85 10.25
N SER D 514 5.87 -4.80 9.92
CA SER D 514 5.42 -4.60 8.55
C SER D 514 6.61 -4.39 7.61
N LEU D 515 7.61 -3.61 8.05
CA LEU D 515 8.80 -3.41 7.23
C LEU D 515 9.52 -4.73 6.98
N ILE D 516 9.59 -5.60 7.99
CA ILE D 516 10.23 -6.89 7.80
C ILE D 516 9.57 -7.66 6.66
N ASN D 517 8.26 -7.51 6.49
CA ASN D 517 7.51 -8.23 5.48
C ASN D 517 7.34 -7.47 4.19
N GLY D 518 7.96 -6.29 4.06
CA GLY D 518 7.90 -5.55 2.81
C GLY D 518 6.64 -4.76 2.59
N ASP D 519 6.05 -4.20 3.66
CA ASP D 519 4.82 -3.44 3.57
C ASP D 519 5.03 -2.04 4.12
N ASP D 520 4.50 -1.04 3.41
CA ASP D 520 4.48 0.34 3.88
C ASP D 520 5.89 0.92 4.02
N MET D 521 6.83 0.42 3.23
CA MET D 521 8.22 0.87 3.34
C MET D 521 8.39 2.28 2.81
N PHE D 522 7.87 2.55 1.62
CA PHE D 522 8.13 3.83 0.97
C PHE D 522 7.50 4.98 1.73
N VAL D 523 6.28 4.79 2.24
CA VAL D 523 5.65 5.86 3.00
C VAL D 523 6.42 6.13 4.28
N THR D 524 6.97 5.07 4.89
CA THR D 524 7.81 5.25 6.07
C THR D 524 9.03 6.10 5.74
N PHE D 525 9.68 5.83 4.60
CA PHE D 525 10.81 6.66 4.19
C PHE D 525 10.37 8.08 3.86
N ALA D 526 9.22 8.25 3.22
CA ALA D 526 8.78 9.56 2.75
C ALA D 526 8.36 10.46 3.90
N ALA D 527 7.79 9.90 4.96
CA ALA D 527 7.45 10.70 6.12
C ALA D 527 8.69 11.37 6.70
N MET D 528 9.81 10.64 6.72
CA MET D 528 11.07 11.23 7.17
C MET D 528 11.63 12.20 6.13
N GLN D 529 11.50 11.85 4.85
CA GLN D 529 11.94 12.74 3.78
C GLN D 529 11.28 14.11 3.91
N ALA D 530 10.03 14.12 4.37
CA ALA D 530 9.30 15.37 4.53
C ALA D 530 9.85 16.25 5.65
N GLN D 531 10.94 15.86 6.30
CA GLN D 531 11.54 16.64 7.37
C GLN D 531 13.05 16.79 7.21
N GLN D 532 13.57 16.59 6.00
CA GLN D 532 14.98 16.83 5.75
C GLN D 532 15.25 18.33 5.70
N GLY D 533 16.47 18.70 6.05
CA GLY D 533 16.83 20.11 6.16
C GLY D 533 16.47 20.72 7.50
N ARG D 534 15.26 20.43 8.00
CA ARG D 534 14.88 20.87 9.33
C ARG D 534 15.87 20.33 10.37
N SER D 535 15.94 19.00 10.50
CA SER D 535 16.85 18.33 11.42
C SER D 535 17.66 17.33 10.60
N SER D 536 18.81 17.78 10.09
CA SER D 536 19.63 16.91 9.25
C SER D 536 20.14 15.71 10.03
N LEU D 537 20.52 15.90 11.30
CA LEU D 537 21.02 14.80 12.09
C LEU D 537 19.96 13.71 12.26
N VAL D 538 18.71 14.11 12.55
CA VAL D 538 17.65 13.14 12.76
C VAL D 538 17.35 12.42 11.45
N TRP D 539 17.35 13.13 10.32
CA TRP D 539 17.09 12.49 9.05
C TRP D 539 18.16 11.47 8.69
N LEU D 540 19.43 11.83 8.89
CA LEU D 540 20.51 10.89 8.61
C LEU D 540 20.42 9.68 9.53
N PHE D 541 20.12 9.91 10.81
CA PHE D 541 19.94 8.79 11.73
C PHE D 541 18.81 7.89 11.29
N SER D 542 17.70 8.46 10.83
CA SER D 542 16.57 7.65 10.37
C SER D 542 16.97 6.84 9.14
N GLN D 543 17.71 7.45 8.22
CA GLN D 543 18.22 6.71 7.06
C GLN D 543 19.01 5.49 7.50
N LEU D 544 20.01 5.71 8.37
CA LEU D 544 20.84 4.61 8.83
C LEU D 544 20.01 3.55 9.54
N TYR D 545 19.12 3.99 10.42
CA TYR D 545 18.30 3.08 11.22
C TYR D 545 17.45 2.19 10.33
N LEU D 546 16.68 2.79 9.43
CA LEU D 546 15.78 2.01 8.59
C LEU D 546 16.55 1.09 7.66
N TYR D 547 17.57 1.61 6.98
CA TYR D 547 18.31 0.78 6.03
C TYR D 547 18.97 -0.40 6.72
N SER D 548 19.64 -0.14 7.85
CA SER D 548 20.32 -1.22 8.55
C SER D 548 19.32 -2.26 9.05
N PHE D 549 18.21 -1.81 9.64
CA PHE D 549 17.23 -2.76 10.16
C PHE D 549 16.69 -3.66 9.05
N ILE D 550 16.22 -3.05 7.96
CA ILE D 550 15.59 -3.83 6.89
C ILE D 550 16.62 -4.76 6.24
N SER D 551 17.82 -4.26 5.97
CA SER D 551 18.83 -5.08 5.32
C SER D 551 19.21 -6.27 6.20
N LEU D 552 19.46 -6.02 7.48
CA LEU D 552 19.80 -7.12 8.39
C LEU D 552 18.69 -8.16 8.43
N PHE D 553 17.43 -7.71 8.49
CA PHE D 553 16.36 -8.67 8.69
C PHE D 553 16.03 -9.46 7.42
N ILE D 554 16.17 -8.86 6.24
N ILE D 554 16.16 -8.87 6.24
CA ILE D 554 15.82 -9.57 5.02
CA ILE D 554 15.81 -9.59 5.02
C ILE D 554 16.99 -10.39 4.49
C ILE D 554 16.99 -10.40 4.49
N TYR D 555 18.22 -9.89 4.61
CA TYR D 555 19.36 -10.64 4.09
C TYR D 555 19.73 -11.84 4.97
N MET D 556 19.52 -11.75 6.28
CA MET D 556 20.11 -12.71 7.21
C MET D 556 19.09 -13.49 8.02
N VAL D 557 18.09 -12.83 8.59
CA VAL D 557 17.19 -13.49 9.54
C VAL D 557 16.25 -14.45 8.80
N LEU D 558 15.49 -13.91 7.85
CA LEU D 558 14.58 -14.76 7.08
C LEU D 558 15.34 -15.87 6.37
N SER D 559 16.54 -15.56 5.90
CA SER D 559 17.38 -16.57 5.27
C SER D 559 17.71 -17.69 6.26
N LEU D 560 17.98 -17.34 7.52
CA LEU D 560 18.28 -18.37 8.51
C LEU D 560 17.05 -19.21 8.83
N PHE D 561 15.86 -18.59 8.86
CA PHE D 561 14.65 -19.39 9.03
C PHE D 561 14.49 -20.38 7.88
N ILE D 562 14.71 -19.92 6.65
CA ILE D 562 14.65 -20.80 5.49
C ILE D 562 15.66 -21.95 5.65
N ALA D 563 16.87 -21.62 6.08
CA ALA D 563 17.91 -22.63 6.22
C ALA D 563 17.55 -23.66 7.27
N LEU D 564 16.97 -23.22 8.39
CA LEU D 564 16.54 -24.15 9.43
C LEU D 564 15.49 -25.12 8.91
N ILE D 565 14.48 -24.58 8.20
CA ILE D 565 13.43 -25.44 7.67
C ILE D 565 14.01 -26.42 6.64
N THR D 566 14.92 -25.93 5.78
CA THR D 566 15.52 -26.80 4.77
C THR D 566 16.34 -27.91 5.42
N GLY D 567 17.10 -27.59 6.46
CA GLY D 567 17.86 -28.61 7.16
C GLY D 567 16.96 -29.64 7.81
N ALA D 568 15.87 -29.20 8.43
CA ALA D 568 14.92 -30.14 9.00
C ALA D 568 14.33 -31.06 7.93
N TYR D 569 13.97 -30.49 6.79
CA TYR D 569 13.40 -31.31 5.71
C TYR D 569 14.42 -32.32 5.20
N ASP D 570 15.68 -31.90 5.05
CA ASP D 570 16.72 -32.82 4.61
C ASP D 570 16.93 -33.94 5.61
N THR D 571 16.91 -33.61 6.91
CA THR D 571 17.04 -34.64 7.93
C THR D 571 15.91 -35.64 7.84
N ILE D 572 14.68 -35.16 7.63
CA ILE D 572 13.55 -36.07 7.52
C ILE D 572 13.68 -36.96 6.29
N LYS D 573 14.09 -36.38 5.16
CA LYS D 573 14.11 -37.13 3.91
C LYS D 573 15.27 -38.12 3.85
N HIS D 574 16.35 -37.86 4.58
CA HIS D 574 17.56 -38.69 4.54
C HIS D 574 17.95 -39.07 5.96
N PRO D 575 17.20 -40.00 6.58
CA PRO D 575 17.49 -40.44 7.95
C PRO D 575 18.61 -41.47 8.01
#